data_6CPI
#
_entry.id   6CPI
#
_entity_poly.entity_id   1
_entity_poly.type   'polypeptide(L)'
_entity_poly.pdbx_seq_one_letter_code
;MVPGRSFMAVKSYQAQAEGEISLSKGEKIKVLSIGEGGFWEGQVKGRVGWFPSDCLEEVAN
;
_entity_poly.pdbx_strand_id   A
#
# COMPACT_ATOMS: atom_id res chain seq x y z
N MET A 1 -11.57 -0.77 -7.41
CA MET A 1 -11.99 0.58 -7.77
C MET A 1 -12.05 1.48 -6.53
N VAL A 2 -10.89 1.94 -6.09
CA VAL A 2 -10.80 2.80 -4.92
C VAL A 2 -11.50 2.18 -3.73
N PRO A 3 -10.88 1.15 -3.13
CA PRO A 3 -11.43 0.44 -1.98
C PRO A 3 -11.42 1.30 -0.72
N GLY A 4 -12.20 0.89 0.29
CA GLY A 4 -12.25 1.63 1.54
C GLY A 4 -11.56 0.92 2.67
N ARG A 5 -11.86 -0.37 2.83
CA ARG A 5 -11.27 -1.17 3.89
C ARG A 5 -9.74 -1.04 3.87
N SER A 6 -9.17 -0.68 5.02
CA SER A 6 -7.73 -0.52 5.14
C SER A 6 -7.04 -1.88 5.18
N PHE A 7 -6.00 -2.03 4.37
CA PHE A 7 -5.24 -3.28 4.30
C PHE A 7 -3.97 -3.18 5.13
N MET A 8 -3.57 -4.29 5.73
CA MET A 8 -2.36 -4.34 6.54
C MET A 8 -1.18 -4.88 5.75
N ALA A 9 -0.03 -4.24 5.89
CA ALA A 9 1.17 -4.65 5.18
C ALA A 9 1.84 -5.84 5.88
N VAL A 10 2.09 -6.89 5.12
CA VAL A 10 2.72 -8.10 5.66
C VAL A 10 4.24 -8.00 5.55
N LYS A 11 4.72 -7.01 4.82
CA LYS A 11 6.15 -6.82 4.63
C LYS A 11 6.46 -5.39 4.23
N SER A 12 7.66 -4.93 4.56
CA SER A 12 8.08 -3.56 4.23
C SER A 12 8.51 -3.46 2.78
N TYR A 13 8.56 -2.23 2.27
CA TYR A 13 8.96 -2.00 0.88
C TYR A 13 9.81 -0.74 0.77
N GLN A 14 10.76 -0.76 -0.16
CA GLN A 14 11.64 0.38 -0.38
C GLN A 14 11.36 1.05 -1.72
N ALA A 15 10.81 2.26 -1.67
CA ALA A 15 10.50 3.00 -2.88
C ALA A 15 11.70 3.07 -3.82
N GLN A 16 11.45 2.82 -5.10
CA GLN A 16 12.52 2.86 -6.10
C GLN A 16 12.23 3.90 -7.18
N ALA A 17 10.95 4.10 -7.47
CA ALA A 17 10.54 5.08 -8.48
C ALA A 17 10.47 6.48 -7.88
N GLU A 18 9.90 7.41 -8.65
CA GLU A 18 9.77 8.80 -8.19
C GLU A 18 8.46 8.98 -7.43
N GLY A 19 7.45 8.24 -7.81
CA GLY A 19 6.15 8.34 -7.16
C GLY A 19 5.87 7.17 -6.23
N GLU A 20 6.88 6.31 -6.05
CA GLU A 20 6.73 5.14 -5.18
C GLU A 20 7.07 5.50 -3.73
N ILE A 21 6.46 4.79 -2.80
CA ILE A 21 6.68 5.03 -1.38
C ILE A 21 7.11 3.74 -0.68
N SER A 22 7.64 3.89 0.54
CA SER A 22 8.09 2.75 1.32
C SER A 22 6.94 2.16 2.12
N LEU A 23 7.21 1.06 2.82
CA LEU A 23 6.20 0.39 3.63
C LEU A 23 6.79 -0.08 4.95
N SER A 24 5.93 -0.56 5.84
CA SER A 24 6.36 -1.04 7.15
C SER A 24 5.55 -2.27 7.57
N LYS A 25 6.24 -3.37 7.83
CA LYS A 25 5.59 -4.61 8.24
C LYS A 25 4.69 -4.37 9.45
N GLY A 26 3.42 -4.70 9.31
CA GLY A 26 2.48 -4.52 10.40
C GLY A 26 1.79 -3.17 10.35
N GLU A 27 2.23 -2.31 9.43
CA GLU A 27 1.66 -0.99 9.29
C GLU A 27 0.36 -1.03 8.48
N LYS A 28 -0.66 -0.31 8.96
CA LYS A 28 -1.95 -0.27 8.28
C LYS A 28 -1.90 0.65 7.08
N ILE A 29 -1.85 0.07 5.88
CA ILE A 29 -1.81 0.84 4.64
C ILE A 29 -3.21 1.15 4.14
N LYS A 30 -3.50 2.43 3.97
CA LYS A 30 -4.81 2.86 3.49
C LYS A 30 -4.76 3.17 2.00
N VAL A 31 -5.24 2.23 1.18
CA VAL A 31 -5.25 2.41 -0.27
C VAL A 31 -6.12 3.60 -0.67
N LEU A 32 -5.61 4.41 -1.58
CA LEU A 32 -6.34 5.59 -2.05
C LEU A 32 -6.56 5.52 -3.56
N SER A 33 -5.61 4.94 -4.27
CA SER A 33 -5.69 4.81 -5.72
C SER A 33 -5.26 3.41 -6.17
N ILE A 34 -5.54 3.10 -7.43
CA ILE A 34 -5.19 1.80 -7.98
C ILE A 34 -4.89 1.91 -9.47
N GLY A 35 -4.25 0.88 -10.02
CA GLY A 35 -3.92 0.87 -11.43
C GLY A 35 -4.09 -0.50 -12.06
N GLU A 36 -2.97 -1.10 -12.46
CA GLU A 36 -3.01 -2.42 -13.08
C GLU A 36 -2.10 -3.40 -12.34
N GLY A 37 -2.27 -4.69 -12.62
CA GLY A 37 -1.47 -5.69 -11.97
C GLY A 37 -1.51 -5.59 -10.45
N GLY A 38 -0.43 -6.00 -9.80
CA GLY A 38 -0.38 -5.94 -8.35
C GLY A 38 0.21 -4.64 -7.84
N PHE A 39 -0.10 -3.55 -8.53
CA PHE A 39 0.41 -2.24 -8.14
C PHE A 39 -0.74 -1.25 -7.95
N TRP A 40 -0.64 -0.43 -6.91
CA TRP A 40 -1.67 0.56 -6.62
C TRP A 40 -1.13 1.64 -5.68
N GLU A 41 -1.92 2.71 -5.51
CA GLU A 41 -1.52 3.81 -4.64
C GLU A 41 -2.19 3.70 -3.28
N GLY A 42 -1.47 4.10 -2.24
CA GLY A 42 -2.01 4.03 -0.89
C GLY A 42 -1.29 4.95 0.08
N GLN A 43 -1.59 4.82 1.35
CA GLN A 43 -0.97 5.65 2.39
C GLN A 43 -0.48 4.80 3.55
N VAL A 44 0.72 5.09 4.02
CA VAL A 44 1.31 4.35 5.14
C VAL A 44 1.90 5.30 6.17
N LYS A 45 1.31 5.33 7.36
CA LYS A 45 1.77 6.19 8.43
C LYS A 45 2.25 7.53 7.88
N GLY A 46 1.57 8.03 6.86
CA GLY A 46 1.93 9.30 6.27
C GLY A 46 2.39 9.16 4.83
N ARG A 47 3.35 8.27 4.61
CA ARG A 47 3.89 8.04 3.27
C ARG A 47 2.78 7.63 2.31
N VAL A 48 2.39 8.56 1.44
CA VAL A 48 1.34 8.28 0.46
C VAL A 48 1.89 8.30 -0.96
N GLY A 49 1.77 7.17 -1.65
CA GLY A 49 2.26 7.08 -3.02
C GLY A 49 1.92 5.76 -3.67
N TRP A 50 2.77 5.32 -4.59
CA TRP A 50 2.56 4.06 -5.29
C TRP A 50 3.42 2.95 -4.70
N PHE A 51 2.93 1.71 -4.78
CA PHE A 51 3.65 0.57 -4.25
C PHE A 51 2.93 -0.74 -4.59
N PRO A 52 3.68 -1.84 -4.60
CA PRO A 52 3.14 -3.17 -4.91
C PRO A 52 2.23 -3.69 -3.80
N SER A 53 1.04 -4.14 -4.18
CA SER A 53 0.07 -4.67 -3.22
C SER A 53 0.53 -6.01 -2.66
N ASP A 54 1.58 -6.56 -3.26
CA ASP A 54 2.12 -7.84 -2.83
C ASP A 54 2.50 -7.80 -1.35
N CYS A 55 2.92 -6.62 -0.88
CA CYS A 55 3.32 -6.45 0.51
C CYS A 55 2.12 -6.09 1.38
N LEU A 56 0.93 -6.15 0.79
CA LEU A 56 -0.30 -5.82 1.49
C LEU A 56 -1.18 -7.05 1.65
N GLU A 57 -2.07 -7.02 2.64
CA GLU A 57 -2.97 -8.14 2.89
C GLU A 57 -4.21 -7.67 3.64
N GLU A 58 -5.34 -8.31 3.36
CA GLU A 58 -6.60 -7.96 4.01
C GLU A 58 -6.44 -7.92 5.53
N VAL A 59 -7.41 -7.31 6.21
CA VAL A 59 -7.37 -7.22 7.66
C VAL A 59 -8.43 -8.10 8.29
N ALA A 60 -8.63 -9.29 7.73
CA ALA A 60 -9.61 -10.23 8.25
C ALA A 60 -9.00 -11.13 9.31
N ASN A 61 -7.76 -11.54 9.10
CA ASN A 61 -7.06 -12.41 10.04
C ASN A 61 -5.62 -11.95 10.24
N MET A 1 -11.74 -1.47 -7.13
CA MET A 1 -12.39 -0.24 -7.58
C MET A 1 -12.41 0.80 -6.48
N VAL A 2 -11.23 1.17 -5.99
CA VAL A 2 -11.12 2.16 -4.92
C VAL A 2 -11.97 1.78 -3.72
N PRO A 3 -11.50 0.78 -2.95
CA PRO A 3 -12.21 0.31 -1.77
C PRO A 3 -12.19 1.32 -0.62
N GLY A 4 -12.95 1.03 0.43
CA GLY A 4 -13.01 1.94 1.57
C GLY A 4 -12.52 1.28 2.84
N ARG A 5 -11.84 0.15 2.71
CA ARG A 5 -11.33 -0.57 3.86
C ARG A 5 -9.83 -0.34 4.02
N SER A 6 -9.30 -0.73 5.17
CA SER A 6 -7.87 -0.57 5.46
C SER A 6 -7.15 -1.91 5.43
N PHE A 7 -6.08 -1.98 4.65
CA PHE A 7 -5.30 -3.20 4.53
C PHE A 7 -4.05 -3.15 5.42
N MET A 8 -3.48 -4.32 5.70
CA MET A 8 -2.29 -4.40 6.53
C MET A 8 -1.10 -4.91 5.73
N ALA A 9 0.05 -4.26 5.92
CA ALA A 9 1.27 -4.64 5.21
C ALA A 9 1.97 -5.82 5.90
N VAL A 10 2.12 -6.91 5.17
CA VAL A 10 2.75 -8.11 5.71
C VAL A 10 4.27 -8.03 5.56
N LYS A 11 4.73 -7.03 4.83
CA LYS A 11 6.17 -6.83 4.61
C LYS A 11 6.46 -5.39 4.22
N SER A 12 7.65 -4.91 4.60
CA SER A 12 8.05 -3.55 4.29
C SER A 12 8.53 -3.44 2.84
N TYR A 13 8.70 -2.21 2.37
CA TYR A 13 9.15 -1.97 1.00
C TYR A 13 9.92 -0.65 0.92
N GLN A 14 10.89 -0.61 0.01
CA GLN A 14 11.71 0.58 -0.18
C GLN A 14 11.45 1.20 -1.55
N ALA A 15 10.84 2.39 -1.55
CA ALA A 15 10.54 3.09 -2.80
C ALA A 15 11.77 3.15 -3.70
N GLN A 16 11.54 2.95 -5.00
CA GLN A 16 12.63 2.99 -5.97
C GLN A 16 12.35 4.02 -7.06
N ALA A 17 11.09 4.15 -7.43
CA ALA A 17 10.68 5.11 -8.46
C ALA A 17 10.48 6.50 -7.87
N GLU A 18 9.94 7.41 -8.69
CA GLU A 18 9.71 8.78 -8.25
C GLU A 18 8.35 8.90 -7.55
N GLY A 19 7.40 8.08 -7.99
CA GLY A 19 6.07 8.11 -7.41
C GLY A 19 5.80 6.91 -6.53
N GLU A 20 6.86 6.28 -6.05
CA GLU A 20 6.73 5.10 -5.19
C GLU A 20 7.08 5.45 -3.74
N ILE A 21 6.43 4.77 -2.81
CA ILE A 21 6.66 5.01 -1.38
C ILE A 21 7.09 3.72 -0.68
N SER A 22 7.68 3.86 0.50
CA SER A 22 8.13 2.72 1.29
C SER A 22 6.98 2.13 2.10
N LEU A 23 7.26 1.03 2.80
CA LEU A 23 6.25 0.38 3.63
C LEU A 23 6.86 -0.11 4.94
N SER A 24 6.01 -0.58 5.84
CA SER A 24 6.47 -1.07 7.14
C SER A 24 5.64 -2.27 7.58
N LYS A 25 6.32 -3.40 7.83
CA LYS A 25 5.65 -4.62 8.26
C LYS A 25 4.77 -4.36 9.47
N GLY A 26 3.50 -4.71 9.36
CA GLY A 26 2.57 -4.51 10.46
C GLY A 26 1.87 -3.16 10.40
N GLU A 27 2.30 -2.33 9.45
CA GLU A 27 1.72 -1.00 9.30
C GLU A 27 0.43 -1.06 8.48
N LYS A 28 -0.59 -0.33 8.93
CA LYS A 28 -1.87 -0.30 8.25
C LYS A 28 -1.82 0.62 7.04
N ILE A 29 -1.89 0.03 5.85
CA ILE A 29 -1.86 0.80 4.61
C ILE A 29 -3.26 1.02 4.06
N LYS A 30 -3.54 2.24 3.63
CA LYS A 30 -4.86 2.57 3.07
C LYS A 30 -4.74 2.95 1.60
N VAL A 31 -5.26 2.08 0.74
CA VAL A 31 -5.21 2.32 -0.70
C VAL A 31 -6.16 3.44 -1.11
N LEU A 32 -5.62 4.47 -1.74
CA LEU A 32 -6.42 5.61 -2.17
C LEU A 32 -6.62 5.59 -3.69
N SER A 33 -5.70 4.93 -4.39
CA SER A 33 -5.77 4.83 -5.84
C SER A 33 -5.30 3.46 -6.32
N ILE A 34 -5.44 3.21 -7.62
CA ILE A 34 -5.03 1.95 -8.20
C ILE A 34 -4.57 2.13 -9.65
N GLY A 35 -4.24 1.02 -10.30
CA GLY A 35 -3.79 1.08 -11.68
C GLY A 35 -3.95 -0.24 -12.40
N GLU A 36 -2.90 -1.05 -12.42
CA GLU A 36 -2.92 -2.34 -13.07
C GLU A 36 -2.10 -3.37 -12.31
N GLY A 37 -2.32 -4.64 -12.61
CA GLY A 37 -1.59 -5.71 -11.93
C GLY A 37 -1.67 -5.59 -10.42
N GLY A 38 -0.60 -6.00 -9.74
CA GLY A 38 -0.57 -5.94 -8.30
C GLY A 38 0.02 -4.64 -7.79
N PHE A 39 -0.30 -3.53 -8.45
CA PHE A 39 0.20 -2.22 -8.06
C PHE A 39 -0.94 -1.24 -7.84
N TRP A 40 -0.83 -0.43 -6.80
CA TRP A 40 -1.85 0.56 -6.48
C TRP A 40 -1.30 1.65 -5.58
N GLU A 41 -2.08 2.70 -5.37
CA GLU A 41 -1.66 3.82 -4.53
C GLU A 41 -2.30 3.72 -3.15
N GLY A 42 -1.54 4.06 -2.12
CA GLY A 42 -2.05 4.01 -0.76
C GLY A 42 -1.30 4.94 0.18
N GLN A 43 -1.58 4.82 1.47
CA GLN A 43 -0.94 5.65 2.47
C GLN A 43 -0.44 4.82 3.65
N VAL A 44 0.78 5.10 4.10
CA VAL A 44 1.37 4.37 5.22
C VAL A 44 1.99 5.33 6.23
N LYS A 45 1.42 5.36 7.44
CA LYS A 45 1.92 6.23 8.49
C LYS A 45 2.38 7.57 7.92
N GLY A 46 1.65 8.05 6.91
CA GLY A 46 1.99 9.32 6.30
C GLY A 46 2.44 9.17 4.86
N ARG A 47 3.41 8.29 4.64
CA ARG A 47 3.93 8.04 3.30
C ARG A 47 2.81 7.63 2.35
N VAL A 48 2.41 8.54 1.47
CA VAL A 48 1.35 8.28 0.51
C VAL A 48 1.90 8.29 -0.92
N GLY A 49 1.73 7.18 -1.62
CA GLY A 49 2.21 7.08 -2.99
C GLY A 49 1.85 5.76 -3.63
N TRP A 50 2.69 5.31 -4.57
CA TRP A 50 2.46 4.05 -5.26
C TRP A 50 3.32 2.94 -4.69
N PHE A 51 2.82 1.71 -4.77
CA PHE A 51 3.56 0.56 -4.26
C PHE A 51 2.83 -0.74 -4.58
N PRO A 52 3.57 -1.85 -4.62
CA PRO A 52 3.03 -3.17 -4.91
C PRO A 52 2.13 -3.69 -3.79
N SER A 53 0.94 -4.17 -4.14
CA SER A 53 0.00 -4.69 -3.15
C SER A 53 0.48 -6.04 -2.62
N ASP A 54 1.52 -6.58 -3.24
CA ASP A 54 2.07 -7.87 -2.83
C ASP A 54 2.49 -7.84 -1.37
N CYS A 55 2.85 -6.65 -0.88
CA CYS A 55 3.28 -6.49 0.50
C CYS A 55 2.08 -6.17 1.40
N LEU A 56 0.89 -6.13 0.82
CA LEU A 56 -0.31 -5.83 1.56
C LEU A 56 -1.19 -7.07 1.69
N GLU A 57 -2.11 -7.04 2.65
CA GLU A 57 -3.02 -8.17 2.88
C GLU A 57 -4.28 -7.72 3.61
N GLU A 58 -5.42 -8.16 3.12
CA GLU A 58 -6.71 -7.80 3.73
C GLU A 58 -6.73 -8.18 5.21
N VAL A 59 -6.76 -7.16 6.07
CA VAL A 59 -6.79 -7.39 7.51
C VAL A 59 -8.22 -7.60 8.00
N ALA A 60 -9.17 -6.97 7.33
CA ALA A 60 -10.58 -7.09 7.70
C ALA A 60 -11.01 -8.55 7.71
N ASN A 61 -11.80 -8.92 8.72
CA ASN A 61 -12.29 -10.29 8.85
C ASN A 61 -13.81 -10.33 8.73
N MET A 1 -14.01 1.72 -8.55
CA MET A 1 -13.68 2.63 -7.46
C MET A 1 -12.99 1.89 -6.33
N VAL A 2 -12.26 2.64 -5.50
CA VAL A 2 -11.55 2.05 -4.37
C VAL A 2 -12.48 1.20 -3.50
N PRO A 3 -11.90 0.24 -2.78
CA PRO A 3 -12.66 -0.66 -1.90
C PRO A 3 -13.23 0.06 -0.69
N GLY A 4 -12.38 0.84 -0.01
CA GLY A 4 -12.82 1.57 1.16
C GLY A 4 -12.51 0.83 2.46
N ARG A 5 -11.55 -0.08 2.40
CA ARG A 5 -11.16 -0.86 3.57
C ARG A 5 -9.66 -0.77 3.82
N SER A 6 -9.29 -0.56 5.07
CA SER A 6 -7.88 -0.44 5.44
C SER A 6 -7.19 -1.81 5.38
N PHE A 7 -6.04 -1.86 4.70
CA PHE A 7 -5.29 -3.10 4.57
C PHE A 7 -4.08 -3.10 5.49
N MET A 8 -3.46 -4.27 5.65
CA MET A 8 -2.29 -4.40 6.50
C MET A 8 -1.08 -4.90 5.70
N ALA A 9 0.06 -4.25 5.90
CA ALA A 9 1.28 -4.64 5.19
C ALA A 9 1.94 -5.84 5.86
N VAL A 10 2.17 -6.89 5.08
CA VAL A 10 2.80 -8.11 5.59
C VAL A 10 4.31 -8.02 5.47
N LYS A 11 4.79 -7.02 4.75
CA LYS A 11 6.23 -6.84 4.55
C LYS A 11 6.54 -5.40 4.17
N SER A 12 7.71 -4.92 4.57
CA SER A 12 8.14 -3.56 4.26
C SER A 12 8.56 -3.43 2.80
N TYR A 13 8.58 -2.21 2.29
CA TYR A 13 8.96 -1.94 0.92
C TYR A 13 9.81 -0.69 0.82
N GLN A 14 10.76 -0.69 -0.12
CA GLN A 14 11.64 0.45 -0.32
C GLN A 14 11.37 1.12 -1.68
N ALA A 15 10.84 2.32 -1.63
CA ALA A 15 10.54 3.07 -2.85
C ALA A 15 11.75 3.11 -3.79
N GLN A 16 11.50 2.91 -5.08
CA GLN A 16 12.57 2.91 -6.07
C GLN A 16 12.29 3.94 -7.15
N ALA A 17 11.01 4.09 -7.52
CA ALA A 17 10.61 5.04 -8.55
C ALA A 17 10.45 6.44 -7.96
N GLU A 18 9.94 7.36 -8.78
CA GLU A 18 9.72 8.73 -8.34
C GLU A 18 8.40 8.88 -7.60
N GLY A 19 7.42 8.06 -8.00
CA GLY A 19 6.12 8.12 -7.36
C GLY A 19 5.86 6.91 -6.47
N GLU A 20 6.93 6.29 -5.98
CA GLU A 20 6.82 5.13 -5.12
C GLU A 20 7.15 5.48 -3.67
N ILE A 21 6.48 4.82 -2.74
CA ILE A 21 6.71 5.07 -1.32
C ILE A 21 7.15 3.80 -0.61
N SER A 22 7.66 3.96 0.61
CA SER A 22 8.11 2.82 1.40
C SER A 22 6.96 2.21 2.19
N LEU A 23 7.24 1.11 2.88
CA LEU A 23 6.23 0.42 3.68
C LEU A 23 6.81 -0.07 5.00
N SER A 24 5.95 -0.54 5.89
CA SER A 24 6.37 -1.05 7.19
C SER A 24 5.56 -2.27 7.60
N LYS A 25 6.25 -3.37 7.84
CA LYS A 25 5.60 -4.61 8.24
C LYS A 25 4.69 -4.38 9.45
N GLY A 26 3.42 -4.73 9.31
CA GLY A 26 2.47 -4.56 10.40
C GLY A 26 1.76 -3.21 10.34
N GLU A 27 2.24 -2.33 9.47
CA GLU A 27 1.65 -1.00 9.32
C GLU A 27 0.38 -1.07 8.48
N LYS A 28 -0.66 -0.38 8.94
CA LYS A 28 -1.94 -0.37 8.23
C LYS A 28 -1.87 0.59 7.03
N ILE A 29 -1.95 0.01 5.83
CA ILE A 29 -1.90 0.80 4.60
C ILE A 29 -3.30 1.03 4.04
N LYS A 30 -3.57 2.26 3.63
CA LYS A 30 -4.88 2.61 3.07
C LYS A 30 -4.75 2.98 1.59
N VAL A 31 -5.26 2.12 0.72
CA VAL A 31 -5.20 2.36 -0.72
C VAL A 31 -6.13 3.50 -1.11
N LEU A 32 -5.56 4.52 -1.74
CA LEU A 32 -6.34 5.68 -2.18
C LEU A 32 -6.54 5.65 -3.69
N SER A 33 -5.67 4.94 -4.39
CA SER A 33 -5.75 4.83 -5.85
C SER A 33 -5.33 3.45 -6.32
N ILE A 34 -5.62 3.14 -7.58
CA ILE A 34 -5.26 1.85 -8.16
C ILE A 34 -4.86 1.99 -9.62
N GLY A 35 -4.32 0.92 -10.18
CA GLY A 35 -3.90 0.94 -11.58
C GLY A 35 -4.05 -0.41 -12.25
N GLU A 36 -2.92 -1.08 -12.47
CA GLU A 36 -2.93 -2.39 -13.11
C GLU A 36 -2.07 -3.38 -12.33
N GLY A 37 -2.25 -4.66 -12.62
CA GLY A 37 -1.48 -5.70 -11.94
C GLY A 37 -1.57 -5.58 -10.43
N GLY A 38 -0.51 -5.99 -9.74
CA GLY A 38 -0.50 -5.93 -8.28
C GLY A 38 0.09 -4.63 -7.77
N PHE A 39 -0.25 -3.52 -8.44
CA PHE A 39 0.26 -2.21 -8.04
C PHE A 39 -0.88 -1.23 -7.82
N TRP A 40 -0.76 -0.42 -6.79
CA TRP A 40 -1.79 0.57 -6.47
C TRP A 40 -1.23 1.66 -5.55
N GLU A 41 -2.02 2.72 -5.35
CA GLU A 41 -1.60 3.83 -4.50
C GLU A 41 -2.26 3.73 -3.13
N GLY A 42 -1.49 4.06 -2.09
CA GLY A 42 -2.01 4.00 -0.74
C GLY A 42 -1.28 4.93 0.20
N GLN A 43 -1.58 4.83 1.49
CA GLN A 43 -0.94 5.67 2.50
C GLN A 43 -0.46 4.83 3.68
N VAL A 44 0.76 5.11 4.13
CA VAL A 44 1.34 4.39 5.25
C VAL A 44 1.96 5.34 6.26
N LYS A 45 1.39 5.38 7.47
CA LYS A 45 1.89 6.24 8.52
C LYS A 45 2.34 7.59 7.95
N GLY A 46 1.62 8.07 6.95
CA GLY A 46 1.96 9.34 6.33
C GLY A 46 2.42 9.19 4.90
N ARG A 47 3.39 8.30 4.68
CA ARG A 47 3.92 8.06 3.35
C ARG A 47 2.80 7.64 2.39
N VAL A 48 2.41 8.56 1.51
CA VAL A 48 1.37 8.29 0.53
C VAL A 48 1.91 8.31 -0.88
N GLY A 49 1.77 7.19 -1.59
CA GLY A 49 2.26 7.10 -2.94
C GLY A 49 1.90 5.78 -3.60
N TRP A 50 2.74 5.34 -4.53
CA TRP A 50 2.51 4.08 -5.24
C TRP A 50 3.38 2.96 -4.66
N PHE A 51 2.88 1.73 -4.75
CA PHE A 51 3.62 0.58 -4.23
C PHE A 51 2.89 -0.72 -4.57
N PRO A 52 3.63 -1.83 -4.61
CA PRO A 52 3.08 -3.15 -4.90
C PRO A 52 2.19 -3.68 -3.78
N SER A 53 1.00 -4.13 -4.14
CA SER A 53 0.06 -4.66 -3.15
C SER A 53 0.52 -6.01 -2.62
N ASP A 54 1.56 -6.56 -3.25
CA ASP A 54 2.10 -7.85 -2.86
C ASP A 54 2.55 -7.83 -1.39
N CYS A 55 2.87 -6.64 -0.90
CA CYS A 55 3.32 -6.48 0.48
C CYS A 55 2.14 -6.13 1.39
N LEU A 56 0.93 -6.21 0.83
CA LEU A 56 -0.27 -5.91 1.60
C LEU A 56 -1.15 -7.14 1.73
N GLU A 57 -2.11 -7.09 2.66
CA GLU A 57 -3.02 -8.21 2.88
C GLU A 57 -4.31 -7.73 3.56
N GLU A 58 -5.43 -8.30 3.14
CA GLU A 58 -6.73 -7.93 3.71
C GLU A 58 -6.73 -8.11 5.22
N VAL A 59 -7.49 -7.28 5.91
CA VAL A 59 -7.58 -7.34 7.36
C VAL A 59 -8.92 -6.79 7.86
N ALA A 60 -9.16 -6.93 9.15
CA ALA A 60 -10.41 -6.44 9.75
C ALA A 60 -10.18 -5.12 10.48
N ASN A 61 -11.20 -4.27 10.49
CA ASN A 61 -11.12 -2.98 11.16
C ASN A 61 -11.57 -3.08 12.61
N MET A 1 -11.65 2.75 -9.83
CA MET A 1 -12.45 2.75 -8.61
C MET A 1 -11.65 3.31 -7.43
N VAL A 2 -12.34 3.54 -6.31
CA VAL A 2 -11.70 4.08 -5.12
C VAL A 2 -12.48 3.71 -3.87
N PRO A 3 -12.32 2.45 -3.41
CA PRO A 3 -12.99 1.95 -2.22
C PRO A 3 -12.47 2.58 -0.94
N GLY A 4 -13.00 2.14 0.20
CA GLY A 4 -12.56 2.67 1.48
C GLY A 4 -12.20 1.59 2.47
N ARG A 5 -11.39 0.64 2.02
CA ARG A 5 -10.97 -0.47 2.88
C ARG A 5 -9.57 -0.21 3.44
N SER A 6 -9.27 -0.85 4.57
CA SER A 6 -7.97 -0.69 5.21
C SER A 6 -7.20 -2.01 5.21
N PHE A 7 -6.14 -2.08 4.43
CA PHE A 7 -5.32 -3.29 4.34
C PHE A 7 -4.07 -3.15 5.19
N MET A 8 -3.52 -4.29 5.60
CA MET A 8 -2.31 -4.30 6.43
C MET A 8 -1.11 -4.83 5.63
N ALA A 9 0.05 -4.21 5.84
CA ALA A 9 1.26 -4.62 5.15
C ALA A 9 1.94 -5.78 5.88
N VAL A 10 2.08 -6.90 5.18
CA VAL A 10 2.72 -8.07 5.76
C VAL A 10 4.24 -8.00 5.63
N LYS A 11 4.72 -7.02 4.88
CA LYS A 11 6.15 -6.83 4.68
C LYS A 11 6.46 -5.39 4.27
N SER A 12 7.63 -4.91 4.66
CA SER A 12 8.05 -3.55 4.34
C SER A 12 8.51 -3.45 2.90
N TYR A 13 8.62 -2.22 2.40
CA TYR A 13 9.06 -1.99 1.02
C TYR A 13 9.85 -0.69 0.92
N GLN A 14 10.82 -0.67 0.02
CA GLN A 14 11.64 0.52 -0.19
C GLN A 14 11.37 1.13 -1.56
N ALA A 15 10.79 2.33 -1.55
CA ALA A 15 10.49 3.03 -2.79
C ALA A 15 11.70 3.09 -3.71
N GLN A 16 11.48 2.79 -4.99
CA GLN A 16 12.56 2.80 -5.97
C GLN A 16 12.28 3.81 -7.08
N ALA A 17 11.00 4.05 -7.34
CA ALA A 17 10.60 5.00 -8.38
C ALA A 17 10.51 6.41 -7.81
N GLU A 18 9.94 7.32 -8.60
CA GLU A 18 9.78 8.71 -8.18
C GLU A 18 8.45 8.93 -7.48
N GLY A 19 7.44 8.16 -7.88
CA GLY A 19 6.13 8.28 -7.28
C GLY A 19 5.82 7.14 -6.33
N GLU A 20 6.79 6.25 -6.14
CA GLU A 20 6.61 5.10 -5.26
C GLU A 20 6.97 5.47 -3.82
N ILE A 21 6.40 4.74 -2.87
CA ILE A 21 6.66 4.99 -1.46
C ILE A 21 7.09 3.71 -0.74
N SER A 22 7.64 3.87 0.45
CA SER A 22 8.09 2.71 1.23
C SER A 22 6.95 2.15 2.07
N LEU A 23 7.23 1.06 2.79
CA LEU A 23 6.24 0.41 3.62
C LEU A 23 6.85 -0.07 4.93
N SER A 24 6.00 -0.53 5.84
CA SER A 24 6.46 -1.03 7.14
C SER A 24 5.64 -2.25 7.57
N LYS A 25 6.34 -3.36 7.79
CA LYS A 25 5.69 -4.59 8.22
C LYS A 25 4.82 -4.35 9.44
N GLY A 26 3.54 -4.68 9.34
CA GLY A 26 2.62 -4.51 10.44
C GLY A 26 1.93 -3.15 10.41
N GLU A 27 2.30 -2.33 9.43
CA GLU A 27 1.72 -1.00 9.30
C GLU A 27 0.42 -1.05 8.49
N LYS A 28 -0.59 -0.32 8.95
CA LYS A 28 -1.88 -0.28 8.27
C LYS A 28 -1.83 0.65 7.06
N ILE A 29 -1.91 0.05 5.87
CA ILE A 29 -1.87 0.83 4.63
C ILE A 29 -3.27 1.05 4.10
N LYS A 30 -3.54 2.29 3.66
CA LYS A 30 -4.85 2.64 3.11
C LYS A 30 -4.74 3.00 1.64
N VAL A 31 -5.25 2.13 0.78
CA VAL A 31 -5.21 2.36 -0.67
C VAL A 31 -6.18 3.46 -1.06
N LEU A 32 -5.64 4.50 -1.69
CA LEU A 32 -6.45 5.64 -2.14
C LEU A 32 -6.67 5.59 -3.64
N SER A 33 -5.74 4.96 -4.36
CA SER A 33 -5.83 4.84 -5.81
C SER A 33 -5.43 3.46 -6.28
N ILE A 34 -5.80 3.12 -7.51
CA ILE A 34 -5.47 1.81 -8.07
C ILE A 34 -5.02 1.94 -9.52
N GLY A 35 -4.32 0.92 -10.01
CA GLY A 35 -3.86 0.93 -11.38
C GLY A 35 -4.03 -0.40 -12.07
N GLU A 36 -2.98 -1.22 -12.06
CA GLU A 36 -3.04 -2.53 -12.68
C GLU A 36 -1.71 -3.27 -12.52
N GLY A 37 -1.78 -4.58 -12.32
CA GLY A 37 -0.59 -5.38 -12.14
C GLY A 37 -0.14 -5.46 -10.70
N GLY A 38 -1.07 -5.82 -9.81
CA GLY A 38 -0.75 -5.92 -8.40
C GLY A 38 -0.14 -4.64 -7.85
N PHE A 39 -0.43 -3.52 -8.50
CA PHE A 39 0.10 -2.23 -8.08
C PHE A 39 -1.03 -1.23 -7.85
N TRP A 40 -0.88 -0.41 -6.82
CA TRP A 40 -1.89 0.59 -6.49
C TRP A 40 -1.32 1.66 -5.57
N GLU A 41 -2.08 2.73 -5.37
CA GLU A 41 -1.64 3.84 -4.53
C GLU A 41 -2.28 3.75 -3.15
N GLY A 42 -1.52 4.08 -2.11
CA GLY A 42 -2.04 4.04 -0.76
C GLY A 42 -1.29 4.96 0.18
N GLN A 43 -1.57 4.84 1.47
CA GLN A 43 -0.91 5.67 2.48
C GLN A 43 -0.41 4.82 3.65
N VAL A 44 0.81 5.10 4.10
CA VAL A 44 1.39 4.37 5.20
C VAL A 44 2.05 5.31 6.21
N LYS A 45 1.49 5.35 7.42
CA LYS A 45 2.01 6.22 8.47
C LYS A 45 2.47 7.55 7.90
N GLY A 46 1.75 8.04 6.90
CA GLY A 46 2.10 9.31 6.29
C GLY A 46 2.54 9.15 4.85
N ARG A 47 3.49 8.25 4.61
CA ARG A 47 3.99 8.01 3.26
C ARG A 47 2.86 7.60 2.32
N VAL A 48 2.47 8.53 1.45
CA VAL A 48 1.40 8.27 0.50
C VAL A 48 1.92 8.28 -0.94
N GLY A 49 1.77 7.15 -1.63
CA GLY A 49 2.24 7.06 -3.00
C GLY A 49 1.86 5.73 -3.64
N TRP A 50 2.68 5.29 -4.60
CA TRP A 50 2.43 4.04 -5.30
C TRP A 50 3.30 2.92 -4.72
N PHE A 51 2.80 1.69 -4.80
CA PHE A 51 3.53 0.54 -4.29
C PHE A 51 2.79 -0.76 -4.62
N PRO A 52 3.53 -1.87 -4.67
CA PRO A 52 2.98 -3.20 -4.96
C PRO A 52 2.09 -3.71 -3.84
N SER A 53 0.90 -4.19 -4.20
CA SER A 53 -0.05 -4.71 -3.22
C SER A 53 0.44 -6.04 -2.66
N ASP A 54 1.49 -6.58 -3.26
CA ASP A 54 2.06 -7.85 -2.82
C ASP A 54 2.44 -7.79 -1.34
N CYS A 55 2.92 -6.63 -0.91
CA CYS A 55 3.33 -6.43 0.48
C CYS A 55 2.12 -6.14 1.37
N LEU A 56 0.94 -6.03 0.75
CA LEU A 56 -0.28 -5.76 1.48
C LEU A 56 -1.14 -7.02 1.60
N GLU A 57 -2.07 -7.01 2.55
CA GLU A 57 -2.95 -8.14 2.77
C GLU A 57 -4.16 -7.75 3.59
N GLU A 58 -5.33 -8.26 3.21
CA GLU A 58 -6.57 -7.95 3.93
C GLU A 58 -6.53 -8.50 5.35
N VAL A 59 -7.09 -7.73 6.28
CA VAL A 59 -7.12 -8.13 7.68
C VAL A 59 -8.47 -8.73 8.06
N ALA A 60 -8.49 -9.50 9.13
CA ALA A 60 -9.73 -10.14 9.59
C ALA A 60 -10.38 -9.32 10.70
N ASN A 61 -11.67 -9.06 10.56
CA ASN A 61 -12.41 -8.29 11.55
C ASN A 61 -13.47 -9.14 12.23
N MET A 1 -11.09 5.72 -8.62
CA MET A 1 -11.85 5.64 -7.39
C MET A 1 -11.48 4.39 -6.59
N VAL A 2 -11.57 4.47 -5.27
CA VAL A 2 -11.25 3.36 -4.41
C VAL A 2 -12.42 2.97 -3.52
N PRO A 3 -12.43 1.72 -3.04
CA PRO A 3 -13.50 1.21 -2.17
C PRO A 3 -13.47 1.85 -0.78
N GLY A 4 -12.29 1.88 -0.18
CA GLY A 4 -12.15 2.46 1.15
C GLY A 4 -11.73 1.44 2.19
N ARG A 5 -11.65 0.18 1.78
CA ARG A 5 -11.25 -0.90 2.69
C ARG A 5 -9.77 -0.79 3.04
N SER A 6 -9.48 -0.72 4.33
CA SER A 6 -8.10 -0.62 4.80
C SER A 6 -7.41 -1.98 4.73
N PHE A 7 -6.10 -1.96 4.50
CA PHE A 7 -5.31 -3.19 4.42
C PHE A 7 -4.06 -3.08 5.27
N MET A 8 -3.49 -4.24 5.61
CA MET A 8 -2.28 -4.28 6.42
C MET A 8 -1.10 -4.80 5.62
N ALA A 9 0.08 -4.24 5.88
CA ALA A 9 1.29 -4.64 5.17
C ALA A 9 1.96 -5.81 5.87
N VAL A 10 2.14 -6.92 5.13
CA VAL A 10 2.76 -8.11 5.68
C VAL A 10 4.28 -8.06 5.53
N LYS A 11 4.75 -7.07 4.79
CA LYS A 11 6.19 -6.89 4.57
C LYS A 11 6.52 -5.44 4.20
N SER A 12 7.69 -4.99 4.61
CA SER A 12 8.11 -3.62 4.32
C SER A 12 8.58 -3.49 2.87
N TYR A 13 8.70 -2.26 2.40
CA TYR A 13 9.14 -2.01 1.03
C TYR A 13 9.91 -0.70 0.94
N GLN A 14 10.88 -0.65 0.04
CA GLN A 14 11.69 0.55 -0.14
C GLN A 14 11.44 1.17 -1.51
N ALA A 15 10.87 2.37 -1.52
CA ALA A 15 10.58 3.06 -2.77
C ALA A 15 11.80 3.11 -3.67
N GLN A 16 11.59 2.90 -4.97
CA GLN A 16 12.67 2.92 -5.93
C GLN A 16 12.41 3.94 -7.03
N ALA A 17 11.14 4.09 -7.40
CA ALA A 17 10.76 5.05 -8.43
C ALA A 17 10.58 6.45 -7.86
N GLU A 18 10.05 7.36 -8.67
CA GLU A 18 9.83 8.74 -8.24
C GLU A 18 8.49 8.87 -7.55
N GLY A 19 7.51 8.07 -7.97
CA GLY A 19 6.19 8.13 -7.38
C GLY A 19 5.89 6.93 -6.49
N GLU A 20 6.95 6.28 -6.02
CA GLU A 20 6.81 5.11 -5.16
C GLU A 20 7.13 5.44 -3.71
N ILE A 21 6.46 4.77 -2.79
CA ILE A 21 6.69 4.99 -1.36
C ILE A 21 7.10 3.71 -0.66
N SER A 22 7.68 3.85 0.53
CA SER A 22 8.12 2.70 1.31
C SER A 22 6.97 2.12 2.13
N LEU A 23 7.24 1.01 2.81
CA LEU A 23 6.23 0.37 3.64
C LEU A 23 6.83 -0.11 4.95
N SER A 24 5.97 -0.57 5.86
CA SER A 24 6.42 -1.05 7.16
C SER A 24 5.61 -2.28 7.59
N LYS A 25 6.30 -3.39 7.83
CA LYS A 25 5.66 -4.63 8.24
C LYS A 25 4.77 -4.39 9.46
N GLY A 26 3.49 -4.72 9.33
CA GLY A 26 2.56 -4.53 10.43
C GLY A 26 1.88 -3.18 10.39
N GLU A 27 2.28 -2.34 9.45
CA GLU A 27 1.70 -1.01 9.31
C GLU A 27 0.42 -1.06 8.50
N LYS A 28 -0.59 -0.30 8.95
CA LYS A 28 -1.87 -0.26 8.25
C LYS A 28 -1.80 0.67 7.04
N ILE A 29 -1.87 0.08 5.85
CA ILE A 29 -1.82 0.85 4.61
C ILE A 29 -3.22 1.11 4.08
N LYS A 30 -3.57 2.38 3.94
CA LYS A 30 -4.87 2.77 3.43
C LYS A 30 -4.80 3.11 1.95
N VAL A 31 -5.32 2.22 1.11
CA VAL A 31 -5.32 2.42 -0.33
C VAL A 31 -6.25 3.56 -0.73
N LEU A 32 -5.74 4.48 -1.54
CA LEU A 32 -6.52 5.62 -1.98
C LEU A 32 -6.69 5.61 -3.51
N SER A 33 -5.76 4.94 -4.18
CA SER A 33 -5.80 4.85 -5.64
C SER A 33 -5.37 3.47 -6.11
N ILE A 34 -5.71 3.14 -7.35
CA ILE A 34 -5.36 1.84 -7.92
C ILE A 34 -4.98 1.97 -9.39
N GLY A 35 -4.40 0.91 -9.95
CA GLY A 35 -4.01 0.93 -11.34
C GLY A 35 -4.17 -0.43 -12.01
N GLU A 36 -3.06 -1.06 -12.37
CA GLU A 36 -3.09 -2.35 -13.02
C GLU A 36 -2.19 -3.35 -12.30
N GLY A 37 -2.34 -4.62 -12.63
CA GLY A 37 -1.53 -5.65 -12.00
C GLY A 37 -1.56 -5.57 -10.48
N GLY A 38 -0.46 -5.96 -9.85
CA GLY A 38 -0.38 -5.92 -8.40
C GLY A 38 0.20 -4.61 -7.88
N PHE A 39 -0.11 -3.52 -8.57
CA PHE A 39 0.39 -2.21 -8.17
C PHE A 39 -0.76 -1.22 -7.99
N TRP A 40 -0.68 -0.43 -6.93
CA TRP A 40 -1.72 0.56 -6.63
C TRP A 40 -1.18 1.65 -5.71
N GLU A 41 -1.97 2.70 -5.53
CA GLU A 41 -1.58 3.81 -4.66
C GLU A 41 -2.25 3.70 -3.29
N GLY A 42 -1.49 4.06 -2.25
CA GLY A 42 -2.02 3.98 -0.90
C GLY A 42 -1.31 4.93 0.05
N GLN A 43 -1.61 4.79 1.34
CA GLN A 43 -0.99 5.64 2.35
C GLN A 43 -0.51 4.81 3.54
N VAL A 44 0.70 5.11 4.00
CA VAL A 44 1.28 4.39 5.14
C VAL A 44 1.85 5.35 6.17
N LYS A 45 1.25 5.38 7.35
CA LYS A 45 1.70 6.26 8.42
C LYS A 45 2.17 7.61 7.86
N GLY A 46 1.47 8.08 6.82
CA GLY A 46 1.83 9.35 6.22
C GLY A 46 2.31 9.20 4.79
N ARG A 47 3.28 8.32 4.59
CA ARG A 47 3.84 8.08 3.26
C ARG A 47 2.75 7.65 2.29
N VAL A 48 2.36 8.57 1.40
CA VAL A 48 1.32 8.28 0.42
C VAL A 48 1.90 8.29 -1.00
N GLY A 49 1.75 7.17 -1.70
CA GLY A 49 2.26 7.08 -3.05
C GLY A 49 1.90 5.76 -3.71
N TRP A 50 2.77 5.29 -4.61
CA TRP A 50 2.54 4.04 -5.32
C TRP A 50 3.40 2.92 -4.72
N PHE A 51 2.91 1.69 -4.82
CA PHE A 51 3.63 0.54 -4.29
C PHE A 51 2.90 -0.76 -4.62
N PRO A 52 3.65 -1.87 -4.65
CA PRO A 52 3.10 -3.19 -4.96
C PRO A 52 2.21 -3.71 -3.84
N SER A 53 1.01 -4.17 -4.22
CA SER A 53 0.06 -4.69 -3.24
C SER A 53 0.52 -6.04 -2.70
N ASP A 54 1.57 -6.59 -3.30
CA ASP A 54 2.11 -7.87 -2.88
C ASP A 54 2.53 -7.83 -1.41
N CYS A 55 2.86 -6.63 -0.93
CA CYS A 55 3.28 -6.45 0.46
C CYS A 55 2.09 -6.15 1.35
N LEU A 56 0.90 -6.09 0.75
CA LEU A 56 -0.32 -5.81 1.49
C LEU A 56 -1.18 -7.07 1.62
N GLU A 57 -2.13 -7.03 2.55
CA GLU A 57 -3.02 -8.16 2.78
C GLU A 57 -4.26 -7.74 3.55
N GLU A 58 -5.40 -8.33 3.19
CA GLU A 58 -6.66 -8.01 3.84
C GLU A 58 -6.53 -8.09 5.37
N VAL A 59 -6.45 -6.93 6.01
CA VAL A 59 -6.32 -6.88 7.46
C VAL A 59 -7.53 -7.50 8.15
N ALA A 60 -7.28 -8.14 9.28
CA ALA A 60 -8.36 -8.77 10.04
C ALA A 60 -7.82 -9.40 11.33
N ASN A 61 -8.54 -9.17 12.43
CA ASN A 61 -8.13 -9.72 13.73
C ASN A 61 -8.87 -11.02 14.02
N MET A 1 -11.60 -0.04 -7.95
CA MET A 1 -11.68 1.39 -8.20
C MET A 1 -11.89 2.16 -6.90
N VAL A 2 -10.84 2.24 -6.08
CA VAL A 2 -10.90 2.94 -4.81
C VAL A 2 -12.10 2.47 -3.98
N PRO A 3 -12.00 1.27 -3.41
CA PRO A 3 -13.05 0.69 -2.59
C PRO A 3 -13.22 1.40 -1.26
N GLY A 4 -12.11 1.63 -0.57
CA GLY A 4 -12.16 2.32 0.70
C GLY A 4 -11.84 1.40 1.87
N ARG A 5 -11.26 0.24 1.56
CA ARG A 5 -10.91 -0.74 2.59
C ARG A 5 -9.50 -0.50 3.12
N SER A 6 -9.27 -0.89 4.36
CA SER A 6 -7.96 -0.71 4.99
C SER A 6 -7.20 -2.04 5.04
N PHE A 7 -6.12 -2.12 4.28
CA PHE A 7 -5.30 -3.34 4.25
C PHE A 7 -4.07 -3.19 5.13
N MET A 8 -3.50 -4.31 5.55
CA MET A 8 -2.32 -4.31 6.40
C MET A 8 -1.10 -4.80 5.63
N ALA A 9 0.04 -4.15 5.85
CA ALA A 9 1.28 -4.53 5.18
C ALA A 9 1.95 -5.70 5.89
N VAL A 10 2.12 -6.81 5.16
CA VAL A 10 2.75 -8.00 5.72
C VAL A 10 4.26 -7.93 5.59
N LYS A 11 4.75 -6.95 4.85
CA LYS A 11 6.18 -6.76 4.65
C LYS A 11 6.50 -5.32 4.25
N SER A 12 7.70 -4.87 4.61
CA SER A 12 8.11 -3.51 4.29
C SER A 12 8.56 -3.41 2.84
N TYR A 13 8.44 -2.22 2.26
CA TYR A 13 8.84 -1.98 0.88
C TYR A 13 9.72 -0.75 0.76
N GLN A 14 10.67 -0.80 -0.16
CA GLN A 14 11.59 0.32 -0.37
C GLN A 14 11.30 1.00 -1.70
N ALA A 15 10.79 2.23 -1.63
CA ALA A 15 10.48 2.99 -2.83
C ALA A 15 11.67 3.04 -3.79
N GLN A 16 11.42 2.71 -5.05
CA GLN A 16 12.46 2.70 -6.06
C GLN A 16 12.19 3.76 -7.13
N ALA A 17 10.92 3.91 -7.49
CA ALA A 17 10.52 4.89 -8.50
C ALA A 17 10.47 6.29 -7.92
N GLU A 18 9.86 7.22 -8.66
CA GLU A 18 9.74 8.59 -8.21
C GLU A 18 8.47 8.80 -7.39
N GLY A 19 7.38 8.17 -7.84
CA GLY A 19 6.12 8.29 -7.14
C GLY A 19 5.88 7.14 -6.17
N GLU A 20 6.87 6.27 -6.02
CA GLU A 20 6.77 5.14 -5.13
C GLU A 20 7.10 5.54 -3.70
N ILE A 21 6.52 4.83 -2.73
CA ILE A 21 6.76 5.11 -1.33
C ILE A 21 7.20 3.85 -0.58
N SER A 22 7.65 4.03 0.66
CA SER A 22 8.10 2.91 1.47
C SER A 22 6.97 2.36 2.34
N LEU A 23 7.18 1.18 2.89
CA LEU A 23 6.17 0.54 3.73
C LEU A 23 6.79 0.04 5.03
N SER A 24 5.94 -0.41 5.95
CA SER A 24 6.40 -0.92 7.24
C SER A 24 5.61 -2.16 7.66
N LYS A 25 6.31 -3.27 7.84
CA LYS A 25 5.67 -4.52 8.24
C LYS A 25 4.79 -4.30 9.47
N GLY A 26 3.52 -4.64 9.34
CA GLY A 26 2.59 -4.48 10.45
C GLY A 26 1.89 -3.14 10.44
N GLU A 27 2.23 -2.31 9.47
CA GLU A 27 1.63 -0.98 9.34
C GLU A 27 0.35 -1.04 8.51
N LYS A 28 -0.68 -0.33 8.97
CA LYS A 28 -1.95 -0.30 8.27
C LYS A 28 -1.88 0.62 7.05
N ILE A 29 -1.94 0.02 5.86
CA ILE A 29 -1.88 0.80 4.62
C ILE A 29 -3.28 1.05 4.07
N LYS A 30 -3.52 2.28 3.62
CA LYS A 30 -4.82 2.64 3.06
C LYS A 30 -4.70 2.99 1.58
N VAL A 31 -5.19 2.10 0.73
CA VAL A 31 -5.13 2.31 -0.71
C VAL A 31 -6.09 3.41 -1.14
N LEU A 32 -5.55 4.44 -1.77
CA LEU A 32 -6.37 5.57 -2.24
C LEU A 32 -6.57 5.51 -3.75
N SER A 33 -5.62 4.89 -4.45
CA SER A 33 -5.68 4.76 -5.89
C SER A 33 -5.29 3.36 -6.34
N ILE A 34 -5.47 3.08 -7.62
CA ILE A 34 -5.14 1.77 -8.17
C ILE A 34 -4.58 1.90 -9.58
N GLY A 35 -4.17 0.77 -10.16
CA GLY A 35 -3.62 0.78 -11.51
C GLY A 35 -4.17 -0.35 -12.36
N GLU A 36 -3.43 -1.46 -12.42
CA GLU A 36 -3.85 -2.61 -13.21
C GLU A 36 -3.41 -3.91 -12.55
N GLY A 37 -2.12 -4.22 -12.65
CA GLY A 37 -1.60 -5.43 -12.06
C GLY A 37 -1.63 -5.40 -10.54
N GLY A 38 -0.54 -5.83 -9.92
CA GLY A 38 -0.47 -5.85 -8.47
C GLY A 38 0.12 -4.57 -7.90
N PHE A 39 -0.18 -3.45 -8.56
CA PHE A 39 0.33 -2.15 -8.12
C PHE A 39 -0.81 -1.17 -7.89
N TRP A 40 -0.71 -0.39 -6.82
CA TRP A 40 -1.73 0.60 -6.48
C TRP A 40 -1.17 1.67 -5.55
N GLU A 41 -1.95 2.73 -5.35
CA GLU A 41 -1.52 3.82 -4.48
C GLU A 41 -2.20 3.74 -3.12
N GLY A 42 -1.46 4.08 -2.07
CA GLY A 42 -2.00 4.03 -0.73
C GLY A 42 -1.28 4.97 0.22
N GLN A 43 -1.56 4.82 1.52
CA GLN A 43 -0.94 5.67 2.53
C GLN A 43 -0.44 4.83 3.70
N VAL A 44 0.78 5.11 4.15
CA VAL A 44 1.37 4.38 5.27
C VAL A 44 2.01 5.34 6.28
N LYS A 45 1.51 5.33 7.50
CA LYS A 45 2.03 6.19 8.56
C LYS A 45 2.40 7.56 7.99
N GLY A 46 1.61 8.04 7.03
CA GLY A 46 1.88 9.33 6.43
C GLY A 46 2.36 9.23 5.00
N ARG A 47 3.35 8.39 4.77
CA ARG A 47 3.91 8.19 3.44
C ARG A 47 2.83 7.72 2.46
N VAL A 48 2.42 8.61 1.57
CA VAL A 48 1.40 8.29 0.58
C VAL A 48 1.97 8.29 -0.82
N GLY A 49 1.79 7.17 -1.53
CA GLY A 49 2.30 7.07 -2.89
C GLY A 49 1.95 5.74 -3.54
N TRP A 50 2.77 5.32 -4.50
CA TRP A 50 2.54 4.06 -5.19
C TRP A 50 3.41 2.95 -4.61
N PHE A 51 2.93 1.71 -4.73
CA PHE A 51 3.66 0.56 -4.21
C PHE A 51 2.95 -0.74 -4.56
N PRO A 52 3.71 -1.85 -4.60
CA PRO A 52 3.17 -3.17 -4.92
C PRO A 52 2.27 -3.71 -3.82
N SER A 53 1.10 -4.22 -4.21
CA SER A 53 0.15 -4.76 -3.26
C SER A 53 0.64 -6.10 -2.71
N ASP A 54 1.71 -6.62 -3.29
CA ASP A 54 2.28 -7.89 -2.86
C ASP A 54 2.67 -7.84 -1.39
N CYS A 55 2.97 -6.64 -0.90
CA CYS A 55 3.34 -6.45 0.49
C CYS A 55 2.13 -6.13 1.36
N LEU A 56 0.96 -6.10 0.73
CA LEU A 56 -0.28 -5.80 1.45
C LEU A 56 -1.17 -7.05 1.54
N GLU A 57 -2.01 -7.08 2.56
CA GLU A 57 -2.91 -8.21 2.76
C GLU A 57 -4.13 -7.80 3.58
N GLU A 58 -5.29 -8.34 3.20
CA GLU A 58 -6.53 -8.02 3.89
C GLU A 58 -6.51 -8.54 5.33
N VAL A 59 -6.73 -7.65 6.29
CA VAL A 59 -6.73 -8.03 7.70
C VAL A 59 -7.74 -9.13 7.97
N ALA A 60 -8.83 -9.12 7.22
CA ALA A 60 -9.88 -10.13 7.37
C ALA A 60 -10.46 -10.10 8.78
N ASN A 61 -10.86 -8.91 9.22
CA ASN A 61 -11.44 -8.74 10.55
C ASN A 61 -12.77 -9.48 10.66
N MET A 1 -12.47 1.46 -8.71
CA MET A 1 -11.91 2.77 -9.04
C MET A 1 -11.23 3.39 -7.83
N VAL A 2 -11.96 3.46 -6.72
CA VAL A 2 -11.41 4.03 -5.48
C VAL A 2 -12.24 3.61 -4.28
N PRO A 3 -12.01 2.38 -3.81
CA PRO A 3 -12.72 1.83 -2.65
C PRO A 3 -12.32 2.51 -1.34
N GLY A 4 -12.80 1.97 -0.23
CA GLY A 4 -12.47 2.53 1.07
C GLY A 4 -12.26 1.48 2.13
N ARG A 5 -11.11 0.80 2.05
CA ARG A 5 -10.78 -0.25 3.01
C ARG A 5 -9.32 -0.15 3.44
N SER A 6 -9.07 -0.34 4.74
CA SER A 6 -7.72 -0.27 5.28
C SER A 6 -7.09 -1.65 5.34
N PHE A 7 -6.00 -1.83 4.59
CA PHE A 7 -5.30 -3.11 4.55
C PHE A 7 -4.08 -3.08 5.46
N MET A 8 -3.49 -4.25 5.69
CA MET A 8 -2.30 -4.36 6.54
C MET A 8 -1.11 -4.86 5.73
N ALA A 9 0.03 -4.19 5.92
CA ALA A 9 1.25 -4.58 5.22
C ALA A 9 1.94 -5.76 5.89
N VAL A 10 2.06 -6.85 5.15
CA VAL A 10 2.70 -8.06 5.68
C VAL A 10 4.21 -7.99 5.54
N LYS A 11 4.68 -7.01 4.78
CA LYS A 11 6.12 -6.83 4.56
C LYS A 11 6.43 -5.40 4.15
N SER A 12 7.63 -4.93 4.50
CA SER A 12 8.05 -3.58 4.16
C SER A 12 8.47 -3.48 2.70
N TYR A 13 8.51 -2.26 2.18
CA TYR A 13 8.90 -2.03 0.80
C TYR A 13 9.77 -0.78 0.67
N GLN A 14 10.71 -0.82 -0.27
CA GLN A 14 11.60 0.31 -0.49
C GLN A 14 11.32 0.98 -1.83
N ALA A 15 10.76 2.19 -1.77
CA ALA A 15 10.43 2.94 -2.98
C ALA A 15 11.64 3.01 -3.92
N GLN A 16 11.38 2.79 -5.21
CA GLN A 16 12.44 2.83 -6.21
C GLN A 16 12.15 3.87 -7.28
N ALA A 17 10.85 4.05 -7.59
CA ALA A 17 10.45 5.01 -8.59
C ALA A 17 10.32 6.41 -7.99
N GLU A 18 9.69 7.32 -8.73
CA GLU A 18 9.51 8.69 -8.27
C GLU A 18 8.21 8.83 -7.48
N GLY A 19 7.16 8.17 -7.96
CA GLY A 19 5.88 8.24 -7.30
C GLY A 19 5.64 7.05 -6.37
N GLU A 20 6.69 6.29 -6.12
CA GLU A 20 6.59 5.12 -5.25
C GLU A 20 6.99 5.47 -3.82
N ILE A 21 6.39 4.78 -2.86
CA ILE A 21 6.67 5.02 -1.46
C ILE A 21 7.12 3.74 -0.76
N SER A 22 7.59 3.87 0.48
CA SER A 22 8.05 2.73 1.26
C SER A 22 6.92 2.13 2.08
N LEU A 23 7.21 1.03 2.76
CA LEU A 23 6.20 0.36 3.58
C LEU A 23 6.81 -0.11 4.90
N SER A 24 5.97 -0.59 5.81
CA SER A 24 6.43 -1.06 7.10
C SER A 24 5.61 -2.27 7.56
N LYS A 25 6.29 -3.38 7.80
CA LYS A 25 5.62 -4.60 8.25
C LYS A 25 4.75 -4.34 9.48
N GLY A 26 3.47 -4.68 9.37
CA GLY A 26 2.55 -4.47 10.48
C GLY A 26 1.87 -3.13 10.42
N GLU A 27 2.29 -2.28 9.47
CA GLU A 27 1.71 -0.96 9.31
C GLU A 27 0.42 -1.02 8.51
N LYS A 28 -0.59 -0.30 8.98
CA LYS A 28 -1.88 -0.26 8.31
C LYS A 28 -1.84 0.65 7.09
N ILE A 29 -1.89 0.05 5.91
CA ILE A 29 -1.86 0.82 4.67
C ILE A 29 -3.28 1.05 4.13
N LYS A 30 -3.55 2.28 3.70
CA LYS A 30 -4.86 2.62 3.16
C LYS A 30 -4.76 2.98 1.68
N VAL A 31 -5.26 2.10 0.82
CA VAL A 31 -5.22 2.32 -0.62
C VAL A 31 -6.18 3.45 -1.01
N LEU A 32 -5.63 4.50 -1.63
CA LEU A 32 -6.42 5.63 -2.06
C LEU A 32 -6.69 5.57 -3.57
N SER A 33 -5.81 4.91 -4.29
CA SER A 33 -5.96 4.76 -5.74
C SER A 33 -5.47 3.40 -6.21
N ILE A 34 -5.65 3.13 -7.50
CA ILE A 34 -5.22 1.86 -8.07
C ILE A 34 -4.55 2.05 -9.42
N GLY A 35 -3.81 1.05 -9.86
CA GLY A 35 -3.13 1.13 -11.14
C GLY A 35 -3.30 -0.12 -11.98
N GLU A 36 -2.32 -1.02 -11.91
CA GLU A 36 -2.38 -2.27 -12.67
C GLU A 36 -1.16 -3.13 -12.39
N GLY A 37 -1.36 -4.44 -12.35
CA GLY A 37 -0.26 -5.36 -12.09
C GLY A 37 0.13 -5.39 -10.63
N GLY A 38 -0.82 -5.79 -9.78
CA GLY A 38 -0.54 -5.86 -8.35
C GLY A 38 0.03 -4.56 -7.81
N PHE A 39 -0.30 -3.45 -8.47
CA PHE A 39 0.18 -2.14 -8.04
C PHE A 39 -0.97 -1.17 -7.83
N TRP A 40 -0.88 -0.36 -6.78
CA TRP A 40 -1.92 0.61 -6.47
C TRP A 40 -1.39 1.71 -5.57
N GLU A 41 -2.17 2.76 -5.38
CA GLU A 41 -1.78 3.88 -4.55
C GLU A 41 -2.37 3.74 -3.14
N GLY A 42 -1.57 4.07 -2.13
CA GLY A 42 -2.02 3.97 -0.76
C GLY A 42 -1.25 4.89 0.17
N GLN A 43 -1.56 4.83 1.45
CA GLN A 43 -0.90 5.66 2.45
C GLN A 43 -0.41 4.82 3.62
N VAL A 44 0.80 5.11 4.09
CA VAL A 44 1.39 4.38 5.21
C VAL A 44 2.03 5.33 6.21
N LYS A 45 1.47 5.37 7.41
CA LYS A 45 1.98 6.24 8.46
C LYS A 45 2.43 7.57 7.89
N GLY A 46 1.70 8.06 6.90
CA GLY A 46 2.05 9.33 6.28
C GLY A 46 2.50 9.18 4.85
N ARG A 47 3.44 8.28 4.61
CA ARG A 47 3.96 8.04 3.27
C ARG A 47 2.84 7.63 2.33
N VAL A 48 2.44 8.55 1.45
CA VAL A 48 1.38 8.29 0.49
C VAL A 48 1.91 8.28 -0.93
N GLY A 49 1.80 7.14 -1.60
CA GLY A 49 2.27 7.02 -2.96
C GLY A 49 1.88 5.70 -3.61
N TRP A 50 2.69 5.25 -4.56
CA TRP A 50 2.42 3.99 -5.26
C TRP A 50 3.29 2.87 -4.70
N PHE A 51 2.77 1.64 -4.77
CA PHE A 51 3.50 0.49 -4.27
C PHE A 51 2.75 -0.81 -4.58
N PRO A 52 3.49 -1.92 -4.63
CA PRO A 52 2.91 -3.24 -4.92
C PRO A 52 2.04 -3.76 -3.79
N SER A 53 0.83 -4.20 -4.12
CA SER A 53 -0.10 -4.72 -3.14
C SER A 53 0.37 -6.07 -2.60
N ASP A 54 1.40 -6.62 -3.22
CA ASP A 54 1.94 -7.90 -2.81
C ASP A 54 2.39 -7.87 -1.35
N CYS A 55 2.75 -6.68 -0.89
CA CYS A 55 3.21 -6.50 0.49
C CYS A 55 2.03 -6.16 1.41
N LEU A 56 0.83 -6.19 0.85
CA LEU A 56 -0.38 -5.89 1.61
C LEU A 56 -1.26 -7.12 1.75
N GLU A 57 -2.17 -7.09 2.73
CA GLU A 57 -3.07 -8.20 2.97
C GLU A 57 -4.33 -7.73 3.69
N GLU A 58 -5.48 -8.27 3.28
CA GLU A 58 -6.75 -7.90 3.89
C GLU A 58 -6.84 -8.41 5.32
N VAL A 59 -7.31 -7.55 6.22
CA VAL A 59 -7.45 -7.91 7.63
C VAL A 59 -8.89 -8.22 7.99
N ALA A 60 -9.08 -9.00 9.05
CA ALA A 60 -10.42 -9.38 9.50
C ALA A 60 -10.84 -8.54 10.71
N ASN A 61 -11.15 -7.28 10.48
CA ASN A 61 -11.57 -6.39 11.55
C ASN A 61 -13.02 -6.64 11.93
N MET A 1 -12.12 3.47 -9.45
CA MET A 1 -12.33 2.38 -8.51
C MET A 1 -11.33 2.45 -7.36
N VAL A 2 -11.81 2.14 -6.16
CA VAL A 2 -10.96 2.17 -4.98
C VAL A 2 -11.73 1.72 -3.74
N PRO A 3 -11.11 0.82 -2.95
CA PRO A 3 -11.71 0.29 -1.73
C PRO A 3 -11.81 1.33 -0.63
N GLY A 4 -12.54 1.00 0.43
CA GLY A 4 -12.71 1.92 1.54
C GLY A 4 -12.08 1.41 2.82
N ARG A 5 -11.93 0.10 2.91
CA ARG A 5 -11.34 -0.53 4.09
C ARG A 5 -9.83 -0.29 4.14
N SER A 6 -9.19 -0.79 5.20
CA SER A 6 -7.75 -0.62 5.36
C SER A 6 -7.05 -1.98 5.37
N PHE A 7 -6.03 -2.11 4.54
CA PHE A 7 -5.26 -3.35 4.46
C PHE A 7 -3.97 -3.26 5.26
N MET A 8 -3.56 -4.38 5.85
CA MET A 8 -2.34 -4.42 6.65
C MET A 8 -1.18 -4.96 5.83
N ALA A 9 -0.03 -4.29 5.91
CA ALA A 9 1.16 -4.70 5.18
C ALA A 9 1.85 -5.87 5.87
N VAL A 10 2.04 -6.96 5.13
CA VAL A 10 2.70 -8.15 5.67
C VAL A 10 4.22 -8.05 5.53
N LYS A 11 4.67 -7.02 4.83
CA LYS A 11 6.10 -6.82 4.62
C LYS A 11 6.39 -5.38 4.20
N SER A 12 7.59 -4.90 4.53
CA SER A 12 7.99 -3.54 4.21
C SER A 12 8.44 -3.45 2.75
N TYR A 13 8.52 -2.22 2.24
CA TYR A 13 8.94 -1.99 0.86
C TYR A 13 9.80 -0.74 0.76
N GLN A 14 10.76 -0.76 -0.16
CA GLN A 14 11.65 0.37 -0.36
C GLN A 14 11.38 1.05 -1.70
N ALA A 15 10.82 2.26 -1.64
CA ALA A 15 10.51 3.01 -2.85
C ALA A 15 11.72 3.09 -3.78
N GLN A 16 11.49 2.82 -5.06
CA GLN A 16 12.57 2.86 -6.05
C GLN A 16 12.27 3.90 -7.12
N ALA A 17 11.00 4.12 -7.41
CA ALA A 17 10.58 5.08 -8.41
C ALA A 17 10.49 6.49 -7.82
N GLU A 18 9.93 7.41 -8.59
CA GLU A 18 9.79 8.80 -8.14
C GLU A 18 8.47 8.99 -7.40
N GLY A 19 7.45 8.24 -7.81
CA GLY A 19 6.15 8.35 -7.17
C GLY A 19 5.86 7.20 -6.23
N GLU A 20 6.85 6.32 -6.06
CA GLU A 20 6.70 5.16 -5.18
C GLU A 20 7.05 5.52 -3.74
N ILE A 21 6.46 4.80 -2.80
CA ILE A 21 6.70 5.04 -1.38
C ILE A 21 7.15 3.77 -0.68
N SER A 22 7.60 3.91 0.56
CA SER A 22 8.07 2.77 1.35
C SER A 22 6.93 2.17 2.16
N LEU A 23 7.20 1.05 2.82
CA LEU A 23 6.21 0.37 3.64
C LEU A 23 6.82 -0.14 4.93
N SER A 24 5.97 -0.62 5.84
CA SER A 24 6.43 -1.13 7.12
C SER A 24 5.61 -2.35 7.54
N LYS A 25 6.30 -3.46 7.77
CA LYS A 25 5.64 -4.70 8.18
C LYS A 25 4.75 -4.46 9.40
N GLY A 26 3.47 -4.81 9.28
CA GLY A 26 2.56 -4.63 10.38
C GLY A 26 1.87 -3.27 10.35
N GLU A 27 2.30 -2.42 9.44
CA GLU A 27 1.72 -1.08 9.31
C GLU A 27 0.43 -1.12 8.50
N LYS A 28 -0.60 -0.43 9.00
CA LYS A 28 -1.88 -0.39 8.33
C LYS A 28 -1.85 0.57 7.14
N ILE A 29 -1.83 0.00 5.94
CA ILE A 29 -1.78 0.81 4.72
C ILE A 29 -3.19 1.09 4.20
N LYS A 30 -3.51 2.37 4.02
CA LYS A 30 -4.82 2.78 3.53
C LYS A 30 -4.76 3.11 2.04
N VAL A 31 -5.21 2.19 1.20
CA VAL A 31 -5.22 2.40 -0.24
C VAL A 31 -6.05 3.61 -0.62
N LEU A 32 -5.54 4.38 -1.57
CA LEU A 32 -6.24 5.58 -2.04
C LEU A 32 -6.50 5.53 -3.53
N SER A 33 -5.56 4.93 -4.27
CA SER A 33 -5.68 4.81 -5.71
C SER A 33 -5.24 3.43 -6.19
N ILE A 34 -5.52 3.12 -7.45
CA ILE A 34 -5.14 1.83 -8.02
C ILE A 34 -4.87 1.96 -9.51
N GLY A 35 -4.25 0.92 -10.09
CA GLY A 35 -3.93 0.93 -11.50
C GLY A 35 -4.11 -0.42 -12.15
N GLU A 36 -3.00 -1.10 -12.42
CA GLU A 36 -3.03 -2.42 -13.03
C GLU A 36 -2.13 -3.40 -12.30
N GLY A 37 -2.27 -4.68 -12.61
CA GLY A 37 -1.46 -5.69 -11.96
C GLY A 37 -1.50 -5.60 -10.46
N GLY A 38 -0.41 -5.99 -9.80
CA GLY A 38 -0.35 -5.94 -8.36
C GLY A 38 0.23 -4.64 -7.84
N PHE A 39 -0.06 -3.54 -8.53
CA PHE A 39 0.45 -2.24 -8.16
C PHE A 39 -0.70 -1.24 -7.99
N TRP A 40 -0.62 -0.43 -6.92
CA TRP A 40 -1.65 0.57 -6.66
C TRP A 40 -1.12 1.64 -5.72
N GLU A 41 -1.90 2.71 -5.56
CA GLU A 41 -1.51 3.81 -4.69
C GLU A 41 -2.17 3.69 -3.32
N GLY A 42 -1.45 4.11 -2.29
CA GLY A 42 -1.98 4.04 -0.93
C GLY A 42 -1.27 4.98 0.03
N GLN A 43 -1.62 4.88 1.31
CA GLN A 43 -1.01 5.73 2.32
C GLN A 43 -0.53 4.91 3.51
N VAL A 44 0.67 5.21 3.99
CA VAL A 44 1.24 4.49 5.13
C VAL A 44 1.84 5.46 6.14
N LYS A 45 1.25 5.51 7.33
CA LYS A 45 1.72 6.39 8.39
C LYS A 45 2.19 7.73 7.82
N GLY A 46 1.49 8.20 6.79
CA GLY A 46 1.84 9.47 6.18
C GLY A 46 2.32 9.29 4.75
N ARG A 47 3.29 8.41 4.56
CA ARG A 47 3.84 8.15 3.23
C ARG A 47 2.74 7.73 2.25
N VAL A 48 2.36 8.63 1.36
CA VAL A 48 1.33 8.35 0.38
C VAL A 48 1.90 8.35 -1.04
N GLY A 49 1.79 7.20 -1.71
CA GLY A 49 2.31 7.10 -3.07
C GLY A 49 1.94 5.77 -3.72
N TRP A 50 2.81 5.30 -4.61
CA TRP A 50 2.58 4.03 -5.30
C TRP A 50 3.44 2.92 -4.69
N PHE A 51 2.94 1.69 -4.79
CA PHE A 51 3.66 0.54 -4.25
C PHE A 51 2.93 -0.76 -4.58
N PRO A 52 3.68 -1.87 -4.60
CA PRO A 52 3.13 -3.20 -4.90
C PRO A 52 2.22 -3.71 -3.79
N SER A 53 1.03 -4.15 -4.18
CA SER A 53 0.05 -4.67 -3.22
C SER A 53 0.50 -6.02 -2.68
N ASP A 54 1.53 -6.58 -3.27
CA ASP A 54 2.06 -7.87 -2.84
C ASP A 54 2.46 -7.84 -1.38
N CYS A 55 2.82 -6.66 -0.90
CA CYS A 55 3.23 -6.48 0.50
C CYS A 55 2.04 -6.13 1.37
N LEU A 56 0.86 -6.11 0.77
CA LEU A 56 -0.37 -5.79 1.50
C LEU A 56 -1.24 -7.01 1.68
N GLU A 57 -2.08 -7.01 2.71
CA GLU A 57 -2.97 -8.13 2.99
C GLU A 57 -4.18 -7.67 3.81
N GLU A 58 -5.36 -8.05 3.36
CA GLU A 58 -6.59 -7.68 4.06
C GLU A 58 -6.51 -8.03 5.53
N VAL A 59 -7.46 -7.53 6.31
CA VAL A 59 -7.50 -7.78 7.74
C VAL A 59 -8.88 -8.23 8.19
N ALA A 60 -8.96 -8.78 9.39
CA ALA A 60 -10.23 -9.25 9.94
C ALA A 60 -10.56 -8.55 11.25
N ASN A 61 -9.60 -8.52 12.16
CA ASN A 61 -9.78 -7.87 13.45
C ASN A 61 -8.57 -7.01 13.81
N MET A 1 -14.83 3.29 -7.79
CA MET A 1 -13.91 2.23 -8.23
C MET A 1 -13.16 1.64 -7.04
N VAL A 2 -12.42 2.49 -6.33
CA VAL A 2 -11.65 2.06 -5.18
C VAL A 2 -12.52 1.27 -4.20
N PRO A 3 -11.87 0.42 -3.39
CA PRO A 3 -12.56 -0.41 -2.39
C PRO A 3 -13.13 0.42 -1.25
N GLY A 4 -12.30 1.32 -0.71
CA GLY A 4 -12.73 2.15 0.40
C GLY A 4 -12.51 1.49 1.74
N ARG A 5 -11.68 0.46 1.76
CA ARG A 5 -11.40 -0.27 3.00
C ARG A 5 -9.94 -0.07 3.41
N SER A 6 -9.57 -0.67 4.54
CA SER A 6 -8.21 -0.56 5.04
C SER A 6 -7.45 -1.88 4.88
N PHE A 7 -6.17 -1.79 4.56
CA PHE A 7 -5.33 -2.98 4.37
C PHE A 7 -4.14 -2.95 5.31
N MET A 8 -3.48 -4.11 5.45
CA MET A 8 -2.33 -4.23 6.32
C MET A 8 -1.10 -4.71 5.53
N ALA A 9 0.04 -4.10 5.80
CA ALA A 9 1.28 -4.46 5.12
C ALA A 9 1.92 -5.68 5.77
N VAL A 10 2.05 -6.75 5.00
CA VAL A 10 2.65 -7.98 5.50
C VAL A 10 4.17 -7.94 5.40
N LYS A 11 4.68 -6.90 4.76
CA LYS A 11 6.12 -6.73 4.60
C LYS A 11 6.46 -5.30 4.19
N SER A 12 7.62 -4.82 4.62
CA SER A 12 8.06 -3.47 4.30
C SER A 12 8.49 -3.37 2.83
N TYR A 13 8.69 -2.14 2.36
CA TYR A 13 9.09 -1.91 0.99
C TYR A 13 9.93 -0.65 0.88
N GLN A 14 10.89 -0.65 -0.05
CA GLN A 14 11.77 0.49 -0.26
C GLN A 14 11.48 1.16 -1.61
N ALA A 15 10.89 2.35 -1.55
CA ALA A 15 10.57 3.08 -2.77
C ALA A 15 11.77 3.18 -3.69
N GLN A 16 11.56 2.86 -4.97
CA GLN A 16 12.64 2.90 -5.95
C GLN A 16 12.32 3.91 -7.06
N ALA A 17 11.03 4.08 -7.33
CA ALA A 17 10.59 5.01 -8.37
C ALA A 17 10.47 6.43 -7.83
N GLU A 18 9.87 7.31 -8.62
CA GLU A 18 9.70 8.70 -8.21
C GLU A 18 8.38 8.89 -7.47
N GLY A 19 7.38 8.09 -7.84
CA GLY A 19 6.08 8.19 -7.20
C GLY A 19 5.82 7.05 -6.24
N GLU A 20 6.82 6.19 -6.06
CA GLU A 20 6.69 5.05 -5.16
C GLU A 20 7.03 5.44 -3.73
N ILE A 21 6.45 4.74 -2.77
CA ILE A 21 6.69 5.01 -1.36
C ILE A 21 7.14 3.76 -0.62
N SER A 22 7.69 3.95 0.58
CA SER A 22 8.17 2.83 1.38
C SER A 22 7.02 2.20 2.17
N LEU A 23 7.31 1.13 2.88
CA LEU A 23 6.31 0.43 3.68
C LEU A 23 6.91 -0.10 4.97
N SER A 24 6.05 -0.61 5.85
CA SER A 24 6.49 -1.13 7.13
C SER A 24 5.65 -2.34 7.54
N LYS A 25 6.31 -3.46 7.78
CA LYS A 25 5.62 -4.69 8.18
C LYS A 25 4.75 -4.44 9.41
N GLY A 26 3.46 -4.79 9.28
CA GLY A 26 2.55 -4.59 10.40
C GLY A 26 1.90 -3.23 10.38
N GLU A 27 2.30 -2.39 9.43
CA GLU A 27 1.75 -1.04 9.31
C GLU A 27 0.47 -1.05 8.49
N LYS A 28 -0.57 -0.42 9.02
CA LYS A 28 -1.86 -0.35 8.34
C LYS A 28 -1.78 0.59 7.13
N ILE A 29 -1.89 0.01 5.93
CA ILE A 29 -1.83 0.79 4.71
C ILE A 29 -3.23 1.02 4.14
N LYS A 30 -3.59 2.29 3.96
CA LYS A 30 -4.89 2.64 3.41
C LYS A 30 -4.79 3.02 1.94
N VAL A 31 -5.23 2.12 1.07
CA VAL A 31 -5.18 2.36 -0.37
C VAL A 31 -6.19 3.43 -0.78
N LEU A 32 -5.73 4.40 -1.56
CA LEU A 32 -6.59 5.48 -2.03
C LEU A 32 -6.71 5.47 -3.55
N SER A 33 -5.79 4.79 -4.20
CA SER A 33 -5.78 4.69 -5.66
C SER A 33 -5.30 3.32 -6.12
N ILE A 34 -5.46 3.05 -7.41
CA ILE A 34 -5.03 1.77 -7.98
C ILE A 34 -4.61 1.93 -9.43
N GLY A 35 -4.19 0.84 -10.05
CA GLY A 35 -3.77 0.88 -11.44
C GLY A 35 -3.92 -0.47 -12.13
N GLU A 36 -2.79 -1.04 -12.55
CA GLU A 36 -2.80 -2.33 -13.23
C GLU A 36 -2.00 -3.36 -12.45
N GLY A 37 -2.19 -4.63 -12.79
CA GLY A 37 -1.47 -5.70 -12.11
C GLY A 37 -1.61 -5.62 -10.60
N GLY A 38 -0.58 -6.06 -9.89
CA GLY A 38 -0.61 -6.03 -8.44
C GLY A 38 -0.02 -4.76 -7.87
N PHE A 39 -0.33 -3.63 -8.51
CA PHE A 39 0.17 -2.34 -8.06
C PHE A 39 -0.98 -1.36 -7.82
N TRP A 40 -0.82 -0.51 -6.81
CA TRP A 40 -1.84 0.47 -6.47
C TRP A 40 -1.27 1.56 -5.57
N GLU A 41 -2.04 2.63 -5.36
CA GLU A 41 -1.61 3.73 -4.52
C GLU A 41 -2.27 3.66 -3.15
N GLY A 42 -1.54 4.09 -2.13
CA GLY A 42 -2.06 4.06 -0.77
C GLY A 42 -1.31 4.99 0.16
N GLN A 43 -1.61 4.91 1.44
CA GLN A 43 -0.96 5.75 2.44
C GLN A 43 -0.48 4.91 3.62
N VAL A 44 0.75 5.17 4.07
CA VAL A 44 1.33 4.45 5.19
C VAL A 44 1.96 5.40 6.20
N LYS A 45 1.38 5.45 7.40
CA LYS A 45 1.88 6.31 8.45
C LYS A 45 2.35 7.65 7.88
N GLY A 46 1.65 8.14 6.86
CA GLY A 46 2.01 9.40 6.25
C GLY A 46 2.46 9.23 4.81
N ARG A 47 3.41 8.34 4.59
CA ARG A 47 3.93 8.08 3.26
C ARG A 47 2.83 7.66 2.30
N VAL A 48 2.42 8.58 1.42
CA VAL A 48 1.36 8.29 0.46
C VAL A 48 1.90 8.28 -0.97
N GLY A 49 1.78 7.15 -1.64
CA GLY A 49 2.26 7.02 -3.00
C GLY A 49 1.89 5.70 -3.64
N TRP A 50 2.73 5.24 -4.56
CA TRP A 50 2.48 3.97 -5.25
C TRP A 50 3.34 2.86 -4.66
N PHE A 51 2.86 1.63 -4.77
CA PHE A 51 3.59 0.47 -4.24
C PHE A 51 2.87 -0.83 -4.60
N PRO A 52 3.63 -1.93 -4.62
CA PRO A 52 3.10 -3.26 -4.95
C PRO A 52 2.17 -3.79 -3.86
N SER A 53 0.98 -4.22 -4.25
CA SER A 53 0.01 -4.76 -3.31
C SER A 53 0.49 -6.08 -2.71
N ASP A 54 1.53 -6.64 -3.31
CA ASP A 54 2.10 -7.90 -2.84
C ASP A 54 2.51 -7.80 -1.37
N CYS A 55 2.90 -6.61 -0.96
CA CYS A 55 3.32 -6.38 0.42
C CYS A 55 2.14 -6.01 1.30
N LEU A 56 0.94 -6.08 0.73
CA LEU A 56 -0.28 -5.75 1.46
C LEU A 56 -1.22 -6.96 1.54
N GLU A 57 -2.16 -6.91 2.46
CA GLU A 57 -3.12 -7.99 2.63
C GLU A 57 -4.40 -7.50 3.30
N GLU A 58 -5.53 -8.01 2.84
CA GLU A 58 -6.82 -7.61 3.38
C GLU A 58 -6.84 -7.74 4.91
N VAL A 59 -7.35 -6.73 5.58
CA VAL A 59 -7.42 -6.73 7.04
C VAL A 59 -8.52 -7.65 7.54
N ALA A 60 -9.53 -7.86 6.69
CA ALA A 60 -10.66 -8.72 7.05
C ALA A 60 -10.18 -10.13 7.39
N ASN A 61 -10.27 -10.48 8.67
CA ASN A 61 -9.85 -11.80 9.13
C ASN A 61 -11.02 -12.76 9.19
N MET A 1 -12.23 1.48 -9.12
CA MET A 1 -13.13 0.99 -8.09
C MET A 1 -12.42 0.85 -6.75
N VAL A 2 -12.42 1.93 -5.98
CA VAL A 2 -11.76 1.93 -4.67
C VAL A 2 -12.52 1.06 -3.68
N PRO A 3 -11.79 0.21 -2.95
CA PRO A 3 -12.38 -0.69 -1.95
C PRO A 3 -12.91 0.05 -0.74
N GLY A 4 -12.11 1.01 -0.24
CA GLY A 4 -12.52 1.78 0.92
C GLY A 4 -11.99 1.19 2.21
N ARG A 5 -11.82 -0.12 2.24
CA ARG A 5 -11.32 -0.81 3.44
C ARG A 5 -9.82 -0.58 3.60
N SER A 6 -9.34 -0.76 4.83
CA SER A 6 -7.93 -0.57 5.13
C SER A 6 -7.20 -1.91 5.16
N PHE A 7 -6.09 -2.00 4.42
CA PHE A 7 -5.30 -3.22 4.37
C PHE A 7 -4.09 -3.12 5.29
N MET A 8 -3.45 -4.26 5.54
CA MET A 8 -2.28 -4.30 6.40
C MET A 8 -1.06 -4.80 5.63
N ALA A 9 0.08 -4.15 5.86
CA ALA A 9 1.32 -4.52 5.18
C ALA A 9 1.99 -5.70 5.89
N VAL A 10 2.13 -6.81 5.16
CA VAL A 10 2.75 -8.01 5.72
C VAL A 10 4.26 -7.94 5.60
N LYS A 11 4.75 -6.95 4.85
CA LYS A 11 6.19 -6.77 4.66
C LYS A 11 6.51 -5.34 4.24
N SER A 12 7.69 -4.87 4.63
CA SER A 12 8.11 -3.51 4.30
C SER A 12 8.52 -3.42 2.83
N TYR A 13 8.62 -2.19 2.34
CA TYR A 13 8.99 -1.95 0.94
C TYR A 13 9.84 -0.68 0.81
N GLN A 14 10.77 -0.70 -0.13
CA GLN A 14 11.64 0.45 -0.35
C GLN A 14 11.35 1.10 -1.70
N ALA A 15 10.80 2.31 -1.66
CA ALA A 15 10.47 3.05 -2.88
C ALA A 15 11.66 3.10 -3.83
N GLN A 16 11.42 2.79 -5.09
CA GLN A 16 12.47 2.80 -6.10
C GLN A 16 12.16 3.80 -7.20
N ALA A 17 10.88 4.02 -7.44
CA ALA A 17 10.46 4.98 -8.47
C ALA A 17 10.39 6.39 -7.92
N GLU A 18 9.82 7.30 -8.70
CA GLU A 18 9.70 8.69 -8.30
C GLU A 18 8.40 8.92 -7.53
N GLY A 19 7.37 8.17 -7.87
CA GLY A 19 6.08 8.30 -7.21
C GLY A 19 5.80 7.15 -6.27
N GLU A 20 6.78 6.27 -6.08
CA GLU A 20 6.63 5.12 -5.20
C GLU A 20 7.00 5.49 -3.76
N ILE A 21 6.41 4.77 -2.81
CA ILE A 21 6.67 5.02 -1.40
C ILE A 21 7.11 3.75 -0.69
N SER A 22 7.62 3.91 0.53
CA SER A 22 8.09 2.76 1.32
C SER A 22 6.94 2.16 2.12
N LEU A 23 7.24 1.09 2.85
CA LEU A 23 6.24 0.42 3.67
C LEU A 23 6.83 -0.04 4.99
N SER A 24 5.97 -0.52 5.89
CA SER A 24 6.41 -0.99 7.20
C SER A 24 5.61 -2.22 7.63
N LYS A 25 6.31 -3.32 7.88
CA LYS A 25 5.67 -4.56 8.29
C LYS A 25 4.78 -4.32 9.52
N GLY A 26 3.50 -4.66 9.40
CA GLY A 26 2.57 -4.48 10.49
C GLY A 26 1.87 -3.13 10.45
N GLU A 27 2.26 -2.30 9.49
CA GLU A 27 1.67 -0.98 9.34
C GLU A 27 0.39 -1.04 8.51
N LYS A 28 -0.64 -0.34 8.97
CA LYS A 28 -1.92 -0.31 8.27
C LYS A 28 -1.87 0.61 7.06
N ILE A 29 -1.94 0.02 5.87
CA ILE A 29 -1.89 0.78 4.63
C ILE A 29 -3.29 1.02 4.08
N LYS A 30 -3.56 2.24 3.65
CA LYS A 30 -4.86 2.60 3.09
C LYS A 30 -4.74 2.97 1.61
N VAL A 31 -5.25 2.10 0.75
CA VAL A 31 -5.21 2.32 -0.69
C VAL A 31 -6.15 3.46 -1.09
N LEU A 32 -5.58 4.48 -1.73
CA LEU A 32 -6.37 5.63 -2.18
C LEU A 32 -6.56 5.62 -3.69
N SER A 33 -5.65 4.94 -4.39
CA SER A 33 -5.71 4.85 -5.84
C SER A 33 -5.25 3.48 -6.32
N ILE A 34 -5.41 3.23 -7.62
CA ILE A 34 -5.01 1.95 -8.20
C ILE A 34 -4.53 2.12 -9.64
N GLY A 35 -4.13 1.02 -10.26
CA GLY A 35 -3.65 1.08 -11.63
C GLY A 35 -3.83 -0.24 -12.36
N GLU A 36 -2.75 -1.01 -12.44
CA GLU A 36 -2.80 -2.30 -13.12
C GLU A 36 -2.01 -3.35 -12.34
N GLY A 37 -2.27 -4.62 -12.65
CA GLY A 37 -1.57 -5.70 -11.96
C GLY A 37 -1.68 -5.59 -10.46
N GLY A 38 -0.62 -6.02 -9.77
CA GLY A 38 -0.61 -5.96 -8.31
C GLY A 38 -0.02 -4.67 -7.80
N PHE A 39 -0.33 -3.55 -8.45
CA PHE A 39 0.18 -2.26 -8.05
C PHE A 39 -0.96 -1.27 -7.81
N TRP A 40 -0.82 -0.44 -6.79
CA TRP A 40 -1.83 0.54 -6.46
C TRP A 40 -1.26 1.62 -5.54
N GLU A 41 -2.04 2.69 -5.34
CA GLU A 41 -1.61 3.80 -4.49
C GLU A 41 -2.27 3.71 -3.12
N GLY A 42 -1.52 4.06 -2.08
CA GLY A 42 -2.04 4.02 -0.73
C GLY A 42 -1.29 4.93 0.21
N GLN A 43 -1.58 4.81 1.51
CA GLN A 43 -0.93 5.64 2.52
C GLN A 43 -0.44 4.80 3.69
N VAL A 44 0.79 5.06 4.13
CA VAL A 44 1.37 4.34 5.25
C VAL A 44 2.00 5.28 6.26
N LYS A 45 1.43 5.32 7.47
CA LYS A 45 1.94 6.18 8.53
C LYS A 45 2.39 7.52 7.96
N GLY A 46 1.67 8.01 6.96
CA GLY A 46 2.03 9.28 6.35
C GLY A 46 2.47 9.13 4.91
N ARG A 47 3.43 8.24 4.68
CA ARG A 47 3.94 8.00 3.33
C ARG A 47 2.82 7.59 2.38
N VAL A 48 2.42 8.52 1.51
CA VAL A 48 1.36 8.25 0.55
C VAL A 48 1.90 8.26 -0.88
N GLY A 49 1.75 7.14 -1.57
CA GLY A 49 2.22 7.06 -2.94
C GLY A 49 1.87 5.73 -3.58
N TRP A 50 2.69 5.30 -4.54
CA TRP A 50 2.46 4.05 -5.24
C TRP A 50 3.33 2.93 -4.66
N PHE A 51 2.84 1.70 -4.76
CA PHE A 51 3.58 0.55 -4.25
C PHE A 51 2.85 -0.75 -4.57
N PRO A 52 3.60 -1.86 -4.61
CA PRO A 52 3.06 -3.19 -4.91
C PRO A 52 2.16 -3.71 -3.79
N SER A 53 0.98 -4.18 -4.15
CA SER A 53 0.03 -4.71 -3.18
C SER A 53 0.52 -6.06 -2.63
N ASP A 54 1.57 -6.59 -3.23
CA ASP A 54 2.13 -7.87 -2.81
C ASP A 54 2.52 -7.82 -1.34
N CYS A 55 2.94 -6.66 -0.88
CA CYS A 55 3.36 -6.48 0.51
C CYS A 55 2.16 -6.16 1.39
N LEU A 56 0.97 -6.16 0.80
CA LEU A 56 -0.25 -5.87 1.53
C LEU A 56 -1.13 -7.10 1.65
N GLU A 57 -2.05 -7.08 2.61
CA GLU A 57 -2.95 -8.21 2.82
C GLU A 57 -4.24 -7.75 3.51
N GLU A 58 -5.36 -8.34 3.12
CA GLU A 58 -6.65 -8.00 3.70
C GLU A 58 -6.60 -8.06 5.23
N VAL A 59 -7.41 -7.24 5.88
CA VAL A 59 -7.47 -7.21 7.33
C VAL A 59 -8.73 -7.87 7.86
N ALA A 60 -8.62 -9.15 8.22
CA ALA A 60 -9.75 -9.90 8.74
C ALA A 60 -9.88 -9.73 10.24
N ASN A 61 -11.10 -9.51 10.72
CA ASN A 61 -11.36 -9.33 12.14
C ASN A 61 -11.05 -10.61 12.91
N MET A 1 -12.98 0.49 -8.27
CA MET A 1 -12.76 1.91 -8.07
C MET A 1 -11.95 2.17 -6.79
N VAL A 2 -12.47 1.69 -5.67
CA VAL A 2 -11.79 1.87 -4.39
C VAL A 2 -12.36 0.92 -3.34
N PRO A 3 -11.46 0.24 -2.60
CA PRO A 3 -11.84 -0.71 -1.55
C PRO A 3 -12.46 -0.02 -0.35
N GLY A 4 -11.79 1.03 0.13
CA GLY A 4 -12.30 1.76 1.29
C GLY A 4 -11.74 1.24 2.59
N ARG A 5 -11.74 -0.08 2.75
CA ARG A 5 -11.24 -0.70 3.96
C ARG A 5 -9.72 -0.52 4.08
N SER A 6 -9.20 -0.71 5.29
CA SER A 6 -7.78 -0.56 5.54
C SER A 6 -7.08 -1.91 5.49
N PHE A 7 -6.05 -2.01 4.65
CA PHE A 7 -5.29 -3.25 4.51
C PHE A 7 -4.00 -3.18 5.32
N MET A 8 -3.60 -4.33 5.86
CA MET A 8 -2.38 -4.40 6.65
C MET A 8 -1.21 -4.93 5.82
N ALA A 9 -0.06 -4.29 5.94
CA ALA A 9 1.12 -4.69 5.19
C ALA A 9 1.83 -5.87 5.87
N VAL A 10 2.00 -6.96 5.13
CA VAL A 10 2.65 -8.16 5.66
C VAL A 10 4.16 -8.06 5.52
N LYS A 11 4.62 -7.04 4.81
CA LYS A 11 6.05 -6.84 4.59
C LYS A 11 6.33 -5.39 4.19
N SER A 12 7.55 -4.93 4.50
CA SER A 12 7.95 -3.56 4.17
C SER A 12 8.39 -3.46 2.71
N TYR A 13 8.47 -2.23 2.21
CA TYR A 13 8.87 -2.00 0.82
C TYR A 13 9.75 -0.76 0.71
N GLN A 14 10.69 -0.79 -0.22
CA GLN A 14 11.59 0.35 -0.43
C GLN A 14 11.31 1.02 -1.76
N ALA A 15 10.80 2.25 -1.70
CA ALA A 15 10.49 3.01 -2.90
C ALA A 15 11.68 3.04 -3.85
N GLN A 16 11.41 2.85 -5.14
CA GLN A 16 12.47 2.86 -6.14
C GLN A 16 12.18 3.90 -7.21
N ALA A 17 10.91 4.06 -7.56
CA ALA A 17 10.51 5.03 -8.58
C ALA A 17 10.35 6.43 -7.97
N GLU A 18 9.86 7.37 -8.77
CA GLU A 18 9.66 8.74 -8.31
C GLU A 18 8.33 8.89 -7.58
N GLY A 19 7.35 8.09 -8.00
CA GLY A 19 6.04 8.15 -7.38
C GLY A 19 5.77 6.96 -6.48
N GLU A 20 6.84 6.31 -6.02
CA GLU A 20 6.71 5.15 -5.15
C GLU A 20 7.09 5.50 -3.71
N ILE A 21 6.46 4.83 -2.76
CA ILE A 21 6.72 5.07 -1.35
C ILE A 21 7.19 3.79 -0.65
N SER A 22 7.58 3.92 0.62
CA SER A 22 8.04 2.78 1.39
C SER A 22 6.90 2.19 2.21
N LEU A 23 7.17 1.04 2.83
CA LEU A 23 6.18 0.36 3.65
C LEU A 23 6.79 -0.14 4.95
N SER A 24 5.93 -0.63 5.85
CA SER A 24 6.39 -1.13 7.14
C SER A 24 5.58 -2.35 7.57
N LYS A 25 6.26 -3.48 7.78
CA LYS A 25 5.60 -4.71 8.19
C LYS A 25 4.73 -4.47 9.42
N GLY A 26 3.44 -4.80 9.29
CA GLY A 26 2.53 -4.62 10.41
C GLY A 26 1.84 -3.27 10.38
N GLU A 27 2.28 -2.41 9.47
CA GLU A 27 1.70 -1.07 9.34
C GLU A 27 0.42 -1.10 8.53
N LYS A 28 -0.60 -0.38 9.01
CA LYS A 28 -1.89 -0.33 8.33
C LYS A 28 -1.83 0.61 7.14
N ILE A 29 -1.80 0.05 5.93
CA ILE A 29 -1.74 0.85 4.71
C ILE A 29 -3.15 1.13 4.19
N LYS A 30 -3.46 2.42 4.04
CA LYS A 30 -4.77 2.83 3.54
C LYS A 30 -4.71 3.16 2.06
N VAL A 31 -5.16 2.22 1.23
CA VAL A 31 -5.16 2.41 -0.21
C VAL A 31 -5.99 3.63 -0.61
N LEU A 32 -5.49 4.39 -1.58
CA LEU A 32 -6.19 5.58 -2.05
C LEU A 32 -6.56 5.45 -3.52
N SER A 33 -5.63 4.93 -4.31
CA SER A 33 -5.86 4.75 -5.74
C SER A 33 -5.44 3.35 -6.19
N ILE A 34 -5.78 3.01 -7.43
CA ILE A 34 -5.44 1.70 -7.97
C ILE A 34 -5.10 1.80 -9.45
N GLY A 35 -4.27 0.86 -9.93
CA GLY A 35 -3.87 0.86 -11.32
C GLY A 35 -4.03 -0.50 -11.97
N GLU A 36 -2.94 -1.24 -12.03
CA GLU A 36 -2.95 -2.58 -12.63
C GLU A 36 -1.58 -3.23 -12.56
N GLY A 37 -1.56 -4.53 -12.29
CA GLY A 37 -0.30 -5.25 -12.19
C GLY A 37 0.21 -5.35 -10.77
N GLY A 38 -0.68 -5.71 -9.85
CA GLY A 38 -0.29 -5.83 -8.45
C GLY A 38 0.26 -4.53 -7.90
N PHE A 39 -0.03 -3.42 -8.56
CA PHE A 39 0.44 -2.11 -8.14
C PHE A 39 -0.73 -1.14 -7.97
N TRP A 40 -0.68 -0.35 -6.90
CA TRP A 40 -1.74 0.62 -6.63
C TRP A 40 -1.24 1.73 -5.72
N GLU A 41 -2.04 2.77 -5.55
CA GLU A 41 -1.67 3.90 -4.69
C GLU A 41 -2.27 3.73 -3.30
N GLY A 42 -1.49 4.10 -2.29
CA GLY A 42 -1.96 3.99 -0.91
C GLY A 42 -1.21 4.92 0.03
N GLN A 43 -1.55 4.84 1.32
CA GLN A 43 -0.91 5.68 2.32
C GLN A 43 -0.42 4.84 3.50
N VAL A 44 0.77 5.17 3.99
CA VAL A 44 1.36 4.45 5.12
C VAL A 44 1.95 5.41 6.14
N LYS A 45 1.37 5.44 7.33
CA LYS A 45 1.85 6.31 8.40
C LYS A 45 2.28 7.66 7.85
N GLY A 46 1.56 8.14 6.84
CA GLY A 46 1.89 9.42 6.23
C GLY A 46 2.37 9.28 4.80
N ARG A 47 3.34 8.40 4.59
CA ARG A 47 3.88 8.17 3.26
C ARG A 47 2.79 7.74 2.28
N VAL A 48 2.39 8.67 1.41
CA VAL A 48 1.36 8.38 0.42
C VAL A 48 1.93 8.37 -0.99
N GLY A 49 1.84 7.21 -1.65
CA GLY A 49 2.35 7.09 -3.00
C GLY A 49 1.96 5.78 -3.65
N TRP A 50 2.81 5.28 -4.55
CA TRP A 50 2.54 4.03 -5.24
C TRP A 50 3.40 2.90 -4.67
N PHE A 51 2.89 1.68 -4.76
CA PHE A 51 3.61 0.51 -4.25
C PHE A 51 2.87 -0.78 -4.59
N PRO A 52 3.60 -1.89 -4.61
CA PRO A 52 3.04 -3.21 -4.92
C PRO A 52 2.13 -3.72 -3.80
N SER A 53 0.93 -4.18 -4.19
CA SER A 53 -0.03 -4.69 -3.22
C SER A 53 0.42 -6.04 -2.66
N ASP A 54 1.47 -6.60 -3.26
CA ASP A 54 2.00 -7.89 -2.84
C ASP A 54 2.40 -7.85 -1.36
N CYS A 55 2.77 -6.65 -0.89
CA CYS A 55 3.18 -6.49 0.50
C CYS A 55 1.99 -6.13 1.38
N LEU A 56 0.80 -6.10 0.78
CA LEU A 56 -0.42 -5.77 1.50
C LEU A 56 -1.31 -7.01 1.64
N GLU A 57 -2.13 -7.03 2.69
CA GLU A 57 -3.04 -8.14 2.93
C GLU A 57 -4.23 -7.70 3.79
N GLU A 58 -5.39 -8.29 3.52
CA GLU A 58 -6.59 -7.97 4.27
C GLU A 58 -6.52 -8.49 5.69
N VAL A 59 -7.16 -7.79 6.62
CA VAL A 59 -7.17 -8.18 8.02
C VAL A 59 -8.58 -8.16 8.59
N ALA A 60 -9.36 -7.16 8.21
CA ALA A 60 -10.74 -7.03 8.68
C ALA A 60 -11.72 -7.62 7.68
N ASN A 61 -12.26 -8.79 8.00
CA ASN A 61 -13.22 -9.46 7.13
C ASN A 61 -14.54 -8.71 7.09
N MET A 1 -14.70 3.09 -7.17
CA MET A 1 -13.32 2.97 -7.61
C MET A 1 -12.44 2.42 -6.49
N VAL A 2 -12.21 3.25 -5.47
CA VAL A 2 -11.39 2.85 -4.35
C VAL A 2 -12.24 2.29 -3.20
N PRO A 3 -11.82 1.15 -2.65
CA PRO A 3 -12.52 0.49 -1.56
C PRO A 3 -12.42 1.27 -0.25
N GLY A 4 -13.24 0.89 0.72
CA GLY A 4 -13.24 1.57 2.01
C GLY A 4 -12.71 0.68 3.12
N ARG A 5 -11.89 -0.30 2.76
CA ARG A 5 -11.31 -1.21 3.73
C ARG A 5 -9.79 -1.06 3.81
N SER A 6 -9.29 -0.77 5.01
CA SER A 6 -7.86 -0.60 5.21
C SER A 6 -7.14 -1.94 5.25
N PHE A 7 -6.06 -2.05 4.48
CA PHE A 7 -5.29 -3.28 4.41
C PHE A 7 -4.05 -3.19 5.29
N MET A 8 -3.48 -4.35 5.64
CA MET A 8 -2.29 -4.39 6.48
C MET A 8 -1.09 -4.91 5.69
N ALA A 9 0.06 -4.27 5.88
CA ALA A 9 1.28 -4.67 5.19
C ALA A 9 1.95 -5.84 5.90
N VAL A 10 2.17 -6.92 5.15
CA VAL A 10 2.81 -8.11 5.71
C VAL A 10 4.33 -8.04 5.57
N LYS A 11 4.80 -7.05 4.81
CA LYS A 11 6.23 -6.87 4.60
C LYS A 11 6.54 -5.43 4.22
N SER A 12 7.72 -4.96 4.62
CA SER A 12 8.14 -3.59 4.33
C SER A 12 8.60 -3.46 2.88
N TYR A 13 8.73 -2.23 2.41
CA TYR A 13 9.16 -1.97 1.05
C TYR A 13 9.94 -0.66 0.95
N GLN A 14 10.90 -0.60 0.04
CA GLN A 14 11.72 0.60 -0.14
C GLN A 14 11.46 1.22 -1.51
N ALA A 15 10.87 2.41 -1.51
CA ALA A 15 10.58 3.10 -2.76
C ALA A 15 11.79 3.15 -3.67
N GLN A 16 11.57 2.90 -4.96
CA GLN A 16 12.65 2.91 -5.93
C GLN A 16 12.38 3.92 -7.04
N ALA A 17 11.11 4.08 -7.39
CA ALA A 17 10.72 5.02 -8.44
C ALA A 17 10.55 6.43 -7.87
N GLU A 18 10.00 7.32 -8.69
CA GLU A 18 9.79 8.70 -8.28
C GLU A 18 8.44 8.86 -7.58
N GLY A 19 7.48 8.05 -7.99
CA GLY A 19 6.16 8.12 -7.39
C GLY A 19 5.85 6.93 -6.50
N GLU A 20 6.91 6.27 -6.02
CA GLU A 20 6.76 5.10 -5.15
C GLU A 20 7.10 5.46 -3.71
N ILE A 21 6.45 4.78 -2.77
CA ILE A 21 6.69 5.02 -1.36
C ILE A 21 7.08 3.73 -0.65
N SER A 22 7.71 3.88 0.52
CA SER A 22 8.14 2.72 1.30
C SER A 22 6.99 2.15 2.12
N LEU A 23 7.26 1.06 2.83
CA LEU A 23 6.24 0.42 3.65
C LEU A 23 6.84 -0.07 4.97
N SER A 24 5.97 -0.52 5.87
CA SER A 24 6.41 -1.01 7.18
C SER A 24 5.60 -2.23 7.60
N LYS A 25 6.30 -3.34 7.84
CA LYS A 25 5.65 -4.58 8.25
C LYS A 25 4.75 -4.35 9.45
N GLY A 26 3.48 -4.69 9.32
CA GLY A 26 2.54 -4.51 10.41
C GLY A 26 1.83 -3.17 10.35
N GLU A 27 2.26 -2.32 9.43
CA GLU A 27 1.66 -1.00 9.28
C GLU A 27 0.38 -1.07 8.46
N LYS A 28 -0.65 -0.35 8.92
CA LYS A 28 -1.92 -0.32 8.23
C LYS A 28 -1.88 0.61 7.03
N ILE A 29 -1.92 0.03 5.84
CA ILE A 29 -1.88 0.82 4.60
C ILE A 29 -3.29 1.04 4.05
N LYS A 30 -3.56 2.26 3.63
CA LYS A 30 -4.87 2.60 3.08
C LYS A 30 -4.76 2.98 1.60
N VAL A 31 -5.25 2.11 0.73
CA VAL A 31 -5.21 2.35 -0.70
C VAL A 31 -6.16 3.47 -1.10
N LEU A 32 -5.60 4.50 -1.73
CA LEU A 32 -6.40 5.64 -2.17
C LEU A 32 -6.62 5.61 -3.68
N SER A 33 -5.72 4.94 -4.39
CA SER A 33 -5.82 4.84 -5.84
C SER A 33 -5.39 3.44 -6.32
N ILE A 34 -5.75 3.12 -7.54
CA ILE A 34 -5.41 1.82 -8.12
C ILE A 34 -5.04 1.95 -9.60
N GLY A 35 -4.40 0.92 -10.13
CA GLY A 35 -4.00 0.93 -11.53
C GLY A 35 -4.15 -0.43 -12.18
N GLU A 36 -3.02 -1.05 -12.51
CA GLU A 36 -3.02 -2.36 -13.14
C GLU A 36 -2.16 -3.35 -12.36
N GLY A 37 -2.32 -4.63 -12.67
CA GLY A 37 -1.55 -5.66 -11.99
C GLY A 37 -1.64 -5.55 -10.48
N GLY A 38 -0.59 -5.97 -9.78
CA GLY A 38 -0.58 -5.90 -8.34
C GLY A 38 0.02 -4.62 -7.81
N PHE A 39 -0.30 -3.51 -8.48
CA PHE A 39 0.21 -2.20 -8.08
C PHE A 39 -0.92 -1.21 -7.86
N TRP A 40 -0.80 -0.39 -6.82
CA TRP A 40 -1.82 0.59 -6.50
C TRP A 40 -1.26 1.68 -5.58
N GLU A 41 -2.04 2.74 -5.38
CA GLU A 41 -1.62 3.85 -4.53
C GLU A 41 -2.27 3.75 -3.16
N GLY A 42 -1.51 4.07 -2.13
CA GLY A 42 -2.02 4.02 -0.77
C GLY A 42 -1.28 4.94 0.18
N GLN A 43 -1.58 4.83 1.46
CA GLN A 43 -0.95 5.67 2.47
C GLN A 43 -0.46 4.84 3.65
N VAL A 44 0.76 5.10 4.11
CA VAL A 44 1.35 4.38 5.23
C VAL A 44 1.97 5.33 6.24
N LYS A 45 1.40 5.37 7.44
CA LYS A 45 1.90 6.23 8.50
C LYS A 45 2.36 7.57 7.93
N GLY A 46 1.64 8.06 6.93
CA GLY A 46 1.99 9.34 6.32
C GLY A 46 2.45 9.18 4.88
N ARG A 47 3.40 8.28 4.66
CA ARG A 47 3.93 8.05 3.32
C ARG A 47 2.82 7.64 2.36
N VAL A 48 2.43 8.55 1.48
CA VAL A 48 1.38 8.28 0.51
C VAL A 48 1.93 8.31 -0.92
N GLY A 49 1.78 7.18 -1.61
CA GLY A 49 2.26 7.09 -2.98
C GLY A 49 1.90 5.76 -3.63
N TRP A 50 2.74 5.32 -4.56
CA TRP A 50 2.50 4.07 -5.26
C TRP A 50 3.36 2.95 -4.69
N PHE A 51 2.86 1.72 -4.78
CA PHE A 51 3.58 0.56 -4.26
C PHE A 51 2.84 -0.74 -4.59
N PRO A 52 3.59 -1.84 -4.63
CA PRO A 52 3.02 -3.16 -4.93
C PRO A 52 2.14 -3.68 -3.81
N SER A 53 0.94 -4.14 -4.17
CA SER A 53 -0.01 -4.67 -3.18
C SER A 53 0.47 -6.00 -2.63
N ASP A 54 1.51 -6.55 -3.25
CA ASP A 54 2.06 -7.84 -2.82
C ASP A 54 2.47 -7.79 -1.35
N CYS A 55 2.91 -6.62 -0.91
CA CYS A 55 3.34 -6.43 0.48
C CYS A 55 2.14 -6.13 1.38
N LEU A 56 0.96 -6.07 0.78
CA LEU A 56 -0.26 -5.78 1.53
C LEU A 56 -1.13 -7.03 1.67
N GLU A 57 -2.06 -7.00 2.61
CA GLU A 57 -2.95 -8.13 2.84
C GLU A 57 -4.17 -7.71 3.65
N GLU A 58 -5.35 -8.02 3.14
CA GLU A 58 -6.60 -7.67 3.82
C GLU A 58 -6.57 -8.14 5.27
N VAL A 59 -7.44 -7.55 6.10
CA VAL A 59 -7.51 -7.90 7.51
C VAL A 59 -8.96 -8.10 7.94
N ALA A 60 -9.15 -8.51 9.19
CA ALA A 60 -10.48 -8.73 9.74
C ALA A 60 -10.71 -7.89 10.98
N ASN A 61 -11.13 -6.64 10.79
CA ASN A 61 -11.38 -5.74 11.90
C ASN A 61 -12.72 -5.01 11.72
N MET A 1 -10.40 4.81 -9.07
CA MET A 1 -11.48 4.51 -8.13
C MET A 1 -10.93 3.96 -6.82
N VAL A 2 -11.79 3.89 -5.81
CA VAL A 2 -11.39 3.38 -4.50
C VAL A 2 -12.59 3.03 -3.65
N PRO A 3 -12.55 1.85 -3.02
CA PRO A 3 -13.64 1.37 -2.16
C PRO A 3 -13.76 2.17 -0.87
N GLY A 4 -12.63 2.35 -0.20
CA GLY A 4 -12.62 3.09 1.06
C GLY A 4 -12.28 2.21 2.25
N ARG A 5 -11.53 1.14 2.00
CA ARG A 5 -11.15 0.23 3.07
C ARG A 5 -9.65 0.32 3.35
N SER A 6 -9.22 -0.30 4.45
CA SER A 6 -7.82 -0.28 4.84
C SER A 6 -7.24 -1.69 4.84
N PHE A 7 -5.95 -1.79 4.53
CA PHE A 7 -5.27 -3.08 4.50
C PHE A 7 -4.03 -3.07 5.37
N MET A 8 -3.51 -4.25 5.69
CA MET A 8 -2.32 -4.38 6.52
C MET A 8 -1.13 -4.89 5.71
N ALA A 9 0.02 -4.27 5.89
CA ALA A 9 1.22 -4.65 5.17
C ALA A 9 1.91 -5.84 5.85
N VAL A 10 2.09 -6.93 5.09
CA VAL A 10 2.72 -8.12 5.62
C VAL A 10 4.24 -8.05 5.49
N LYS A 11 4.71 -7.06 4.74
CA LYS A 11 6.15 -6.87 4.52
C LYS A 11 6.46 -5.43 4.15
N SER A 12 7.64 -4.97 4.54
CA SER A 12 8.06 -3.60 4.24
C SER A 12 8.55 -3.48 2.80
N TYR A 13 8.67 -2.24 2.33
CA TYR A 13 9.12 -1.99 0.96
C TYR A 13 9.91 -0.69 0.88
N GLN A 14 10.90 -0.65 -0.01
CA GLN A 14 11.73 0.53 -0.19
C GLN A 14 11.47 1.18 -1.54
N ALA A 15 10.88 2.37 -1.53
CA ALA A 15 10.59 3.08 -2.77
C ALA A 15 11.82 3.17 -3.66
N GLN A 16 11.62 2.93 -4.95
CA GLN A 16 12.73 2.98 -5.91
C GLN A 16 12.49 4.07 -6.96
N ALA A 17 11.23 4.35 -7.23
CA ALA A 17 10.87 5.38 -8.21
C ALA A 17 10.63 6.72 -7.52
N GLU A 18 10.04 7.65 -8.26
CA GLU A 18 9.75 8.98 -7.73
C GLU A 18 8.38 9.03 -7.07
N GLY A 19 7.41 8.36 -7.70
CA GLY A 19 6.06 8.33 -7.16
C GLY A 19 5.83 7.14 -6.24
N GLU A 20 6.85 6.30 -6.10
CA GLU A 20 6.76 5.13 -5.25
C GLU A 20 7.09 5.47 -3.80
N ILE A 21 6.48 4.75 -2.87
CA ILE A 21 6.72 4.98 -1.45
C ILE A 21 7.14 3.70 -0.74
N SER A 22 7.67 3.84 0.47
CA SER A 22 8.12 2.69 1.25
C SER A 22 6.97 2.12 2.07
N LEU A 23 7.23 1.00 2.76
CA LEU A 23 6.22 0.35 3.57
C LEU A 23 6.81 -0.12 4.90
N SER A 24 5.95 -0.59 5.80
CA SER A 24 6.39 -1.07 7.10
C SER A 24 5.57 -2.28 7.54
N LYS A 25 6.25 -3.40 7.77
CA LYS A 25 5.60 -4.63 8.20
C LYS A 25 4.70 -4.37 9.42
N GLY A 26 3.43 -4.72 9.29
CA GLY A 26 2.49 -4.52 10.39
C GLY A 26 1.81 -3.17 10.33
N GLU A 27 2.27 -2.31 9.43
CA GLU A 27 1.69 -0.98 9.28
C GLU A 27 0.41 -1.04 8.45
N LYS A 28 -0.60 -0.30 8.91
CA LYS A 28 -1.89 -0.26 8.21
C LYS A 28 -1.83 0.68 7.02
N ILE A 29 -1.83 0.11 5.81
CA ILE A 29 -1.78 0.90 4.59
C ILE A 29 -3.18 1.21 4.09
N LYS A 30 -3.48 2.50 3.92
CA LYS A 30 -4.78 2.93 3.43
C LYS A 30 -4.73 3.22 1.94
N VAL A 31 -5.23 2.28 1.13
CA VAL A 31 -5.25 2.44 -0.32
C VAL A 31 -6.20 3.56 -0.73
N LEU A 32 -5.71 4.43 -1.60
CA LEU A 32 -6.51 5.56 -2.08
C LEU A 32 -6.71 5.48 -3.59
N SER A 33 -5.73 4.90 -4.28
CA SER A 33 -5.80 4.75 -5.74
C SER A 33 -5.35 3.36 -6.16
N ILE A 34 -5.71 2.98 -7.38
CA ILE A 34 -5.34 1.68 -7.92
C ILE A 34 -5.14 1.74 -9.42
N GLY A 35 -4.26 0.87 -9.93
CA GLY A 35 -3.99 0.85 -11.36
C GLY A 35 -4.19 -0.53 -11.96
N GLU A 36 -3.11 -1.14 -12.41
CA GLU A 36 -3.17 -2.47 -13.02
C GLU A 36 -2.27 -3.45 -12.29
N GLY A 37 -2.42 -4.73 -12.59
CA GLY A 37 -1.61 -5.75 -11.95
C GLY A 37 -1.64 -5.65 -10.45
N GLY A 38 -0.54 -6.04 -9.80
CA GLY A 38 -0.48 -5.99 -8.35
C GLY A 38 0.13 -4.70 -7.84
N PHE A 39 -0.18 -3.60 -8.53
CA PHE A 39 0.33 -2.29 -8.15
C PHE A 39 -0.81 -1.29 -7.95
N TRP A 40 -0.69 -0.48 -6.92
CA TRP A 40 -1.72 0.53 -6.62
C TRP A 40 -1.17 1.61 -5.70
N GLU A 41 -1.94 2.68 -5.53
CA GLU A 41 -1.52 3.78 -4.68
C GLU A 41 -2.20 3.70 -3.31
N GLY A 42 -1.45 4.05 -2.26
CA GLY A 42 -1.98 4.00 -0.92
C GLY A 42 -1.25 4.94 0.03
N GLN A 43 -1.56 4.83 1.32
CA GLN A 43 -0.93 5.67 2.33
C GLN A 43 -0.44 4.84 3.51
N VAL A 44 0.79 5.11 3.95
CA VAL A 44 1.37 4.38 5.07
C VAL A 44 1.96 5.34 6.09
N LYS A 45 1.37 5.37 7.28
CA LYS A 45 1.83 6.24 8.35
C LYS A 45 2.29 7.59 7.80
N GLY A 46 1.60 8.07 6.76
CA GLY A 46 1.96 9.33 6.16
C GLY A 46 2.42 9.19 4.73
N ARG A 47 3.40 8.31 4.51
CA ARG A 47 3.93 8.07 3.18
C ARG A 47 2.83 7.65 2.21
N VAL A 48 2.43 8.56 1.34
CA VAL A 48 1.38 8.28 0.36
C VAL A 48 1.94 8.28 -1.06
N GLY A 49 1.81 7.15 -1.74
CA GLY A 49 2.31 7.04 -3.10
C GLY A 49 1.95 5.72 -3.75
N TRP A 50 2.80 5.25 -4.66
CA TRP A 50 2.56 3.99 -5.35
C TRP A 50 3.42 2.88 -4.76
N PHE A 51 2.93 1.65 -4.84
CA PHE A 51 3.65 0.51 -4.31
C PHE A 51 2.90 -0.80 -4.64
N PRO A 52 3.66 -1.91 -4.66
CA PRO A 52 3.10 -3.24 -4.95
C PRO A 52 2.20 -3.75 -3.83
N SER A 53 1.00 -4.18 -4.19
CA SER A 53 0.03 -4.69 -3.23
C SER A 53 0.48 -6.05 -2.68
N ASP A 54 1.51 -6.61 -3.30
CA ASP A 54 2.04 -7.90 -2.88
C ASP A 54 2.47 -7.87 -1.41
N CYS A 55 2.79 -6.67 -0.93
CA CYS A 55 3.22 -6.50 0.45
C CYS A 55 2.04 -6.16 1.36
N LEU A 56 0.84 -6.17 0.79
CA LEU A 56 -0.37 -5.87 1.53
C LEU A 56 -1.25 -7.10 1.68
N GLU A 57 -2.15 -7.06 2.64
CA GLU A 57 -3.06 -8.19 2.89
C GLU A 57 -4.34 -7.73 3.59
N GLU A 58 -5.45 -8.37 3.28
CA GLU A 58 -6.73 -8.02 3.87
C GLU A 58 -6.63 -7.97 5.39
N VAL A 59 -7.33 -7.02 6.00
CA VAL A 59 -7.31 -6.85 7.44
C VAL A 59 -8.31 -7.80 8.11
N ALA A 60 -8.28 -7.83 9.44
CA ALA A 60 -9.18 -8.69 10.20
C ALA A 60 -9.97 -7.89 11.23
N ASN A 61 -10.91 -8.56 11.89
CA ASN A 61 -11.73 -7.90 12.90
C ASN A 61 -11.63 -8.63 14.24
N MET A 1 -13.01 -1.00 -9.82
CA MET A 1 -13.47 0.10 -8.97
C MET A 1 -12.65 0.17 -7.70
N VAL A 2 -12.51 1.38 -7.16
CA VAL A 2 -11.74 1.59 -5.93
C VAL A 2 -12.27 0.72 -4.80
N PRO A 3 -11.36 0.06 -4.09
CA PRO A 3 -11.71 -0.82 -2.96
C PRO A 3 -12.22 -0.03 -1.76
N GLY A 4 -11.48 0.99 -1.37
CA GLY A 4 -11.87 1.81 -0.24
C GLY A 4 -11.91 1.02 1.06
N ARG A 5 -10.80 0.35 1.37
CA ARG A 5 -10.72 -0.45 2.60
C ARG A 5 -9.37 -0.25 3.28
N SER A 6 -9.19 -0.92 4.41
CA SER A 6 -7.95 -0.82 5.17
C SER A 6 -7.17 -2.12 5.13
N PHE A 7 -6.09 -2.14 4.36
CA PHE A 7 -5.25 -3.33 4.22
C PHE A 7 -3.98 -3.21 5.06
N MET A 8 -3.56 -4.32 5.65
CA MET A 8 -2.36 -4.33 6.48
C MET A 8 -1.17 -4.84 5.69
N ALA A 9 -0.02 -4.19 5.87
CA ALA A 9 1.19 -4.59 5.17
C ALA A 9 1.88 -5.76 5.87
N VAL A 10 2.04 -6.86 5.14
CA VAL A 10 2.68 -8.05 5.70
C VAL A 10 4.20 -7.97 5.58
N LYS A 11 4.68 -6.93 4.91
CA LYS A 11 6.12 -6.73 4.74
C LYS A 11 6.42 -5.28 4.32
N SER A 12 7.61 -4.82 4.65
CA SER A 12 8.02 -3.46 4.31
C SER A 12 8.46 -3.37 2.85
N TYR A 13 8.64 -2.15 2.37
CA TYR A 13 9.07 -1.92 0.99
C TYR A 13 9.90 -0.66 0.87
N GLN A 14 10.87 -0.68 -0.05
CA GLN A 14 11.74 0.47 -0.27
C GLN A 14 11.46 1.13 -1.61
N ALA A 15 10.88 2.32 -1.57
CA ALA A 15 10.55 3.06 -2.79
C ALA A 15 11.75 3.15 -3.72
N GLN A 16 11.54 2.84 -4.98
CA GLN A 16 12.61 2.87 -5.97
C GLN A 16 12.30 3.89 -7.07
N ALA A 17 11.02 4.08 -7.35
CA ALA A 17 10.59 5.02 -8.38
C ALA A 17 10.50 6.44 -7.81
N GLU A 18 9.93 7.35 -8.59
CA GLU A 18 9.78 8.74 -8.18
C GLU A 18 8.46 8.94 -7.43
N GLY A 19 7.45 8.17 -7.82
CA GLY A 19 6.15 8.29 -7.18
C GLY A 19 5.87 7.15 -6.22
N GLU A 20 6.85 6.26 -6.06
CA GLU A 20 6.69 5.11 -5.17
C GLU A 20 7.05 5.49 -3.73
N ILE A 21 6.46 4.78 -2.78
CA ILE A 21 6.71 5.04 -1.37
C ILE A 21 7.17 3.77 -0.65
N SER A 22 7.67 3.94 0.57
CA SER A 22 8.13 2.80 1.37
C SER A 22 6.98 2.19 2.15
N LEU A 23 7.27 1.11 2.87
CA LEU A 23 6.26 0.42 3.67
C LEU A 23 6.86 -0.08 4.99
N SER A 24 6.00 -0.58 5.87
CA SER A 24 6.44 -1.08 7.16
C SER A 24 5.61 -2.29 7.58
N LYS A 25 6.29 -3.40 7.84
CA LYS A 25 5.63 -4.63 8.25
C LYS A 25 4.73 -4.39 9.46
N GLY A 26 3.46 -4.74 9.34
CA GLY A 26 2.52 -4.56 10.43
C GLY A 26 1.85 -3.19 10.39
N GLU A 27 2.25 -2.37 9.43
CA GLU A 27 1.68 -1.03 9.30
C GLU A 27 0.39 -1.07 8.48
N LYS A 28 -0.63 -0.37 8.97
CA LYS A 28 -1.92 -0.32 8.29
C LYS A 28 -1.87 0.61 7.09
N ILE A 29 -1.89 0.03 5.89
CA ILE A 29 -1.85 0.81 4.65
C ILE A 29 -3.25 1.05 4.11
N LYS A 30 -3.51 2.28 3.66
CA LYS A 30 -4.80 2.63 3.11
C LYS A 30 -4.69 2.97 1.63
N VAL A 31 -5.19 2.08 0.77
CA VAL A 31 -5.14 2.30 -0.67
C VAL A 31 -6.11 3.39 -1.09
N LEU A 32 -5.59 4.40 -1.78
CA LEU A 32 -6.43 5.51 -2.25
C LEU A 32 -6.63 5.43 -3.76
N SER A 33 -5.65 4.89 -4.46
CA SER A 33 -5.72 4.76 -5.91
C SER A 33 -5.32 3.35 -6.35
N ILE A 34 -5.52 3.06 -7.63
CA ILE A 34 -5.19 1.75 -8.18
C ILE A 34 -4.62 1.88 -9.59
N GLY A 35 -4.23 0.75 -10.17
CA GLY A 35 -3.67 0.75 -11.51
C GLY A 35 -4.22 -0.38 -12.36
N GLU A 36 -3.49 -1.49 -12.41
CA GLU A 36 -3.90 -2.64 -13.20
C GLU A 36 -3.47 -3.94 -12.53
N GLY A 37 -2.18 -4.25 -12.63
CA GLY A 37 -1.65 -5.47 -12.03
C GLY A 37 -1.68 -5.43 -10.52
N GLY A 38 -0.59 -5.86 -9.89
CA GLY A 38 -0.52 -5.86 -8.44
C GLY A 38 0.07 -4.59 -7.89
N PHE A 39 -0.23 -3.47 -8.54
CA PHE A 39 0.29 -2.17 -8.11
C PHE A 39 -0.86 -1.19 -7.88
N TRP A 40 -0.74 -0.40 -6.82
CA TRP A 40 -1.76 0.59 -6.48
C TRP A 40 -1.19 1.67 -5.57
N GLU A 41 -1.97 2.73 -5.37
CA GLU A 41 -1.55 3.84 -4.52
C GLU A 41 -2.22 3.76 -3.15
N GLY A 42 -1.48 4.11 -2.11
CA GLY A 42 -2.01 4.07 -0.76
C GLY A 42 -1.27 5.00 0.19
N GLN A 43 -1.55 4.86 1.48
CA GLN A 43 -0.91 5.69 2.49
C GLN A 43 -0.42 4.84 3.67
N VAL A 44 0.79 5.13 4.13
CA VAL A 44 1.37 4.40 5.25
C VAL A 44 2.00 5.35 6.26
N LYS A 45 1.43 5.39 7.46
CA LYS A 45 1.92 6.26 8.52
C LYS A 45 2.39 7.60 7.96
N GLY A 46 1.68 8.08 6.94
CA GLY A 46 2.04 9.34 6.33
C GLY A 46 2.49 9.19 4.89
N ARG A 47 3.44 8.30 4.66
CA ARG A 47 3.97 8.06 3.33
C ARG A 47 2.85 7.65 2.37
N VAL A 48 2.46 8.57 1.51
CA VAL A 48 1.40 8.30 0.53
C VAL A 48 1.93 8.31 -0.89
N GLY A 49 1.79 7.18 -1.58
CA GLY A 49 2.27 7.07 -2.94
C GLY A 49 1.92 5.75 -3.59
N TRP A 50 2.74 5.31 -4.53
CA TRP A 50 2.51 4.05 -5.23
C TRP A 50 3.38 2.94 -4.63
N PHE A 51 2.90 1.71 -4.75
CA PHE A 51 3.64 0.56 -4.23
C PHE A 51 2.92 -0.75 -4.57
N PRO A 52 3.68 -1.85 -4.59
CA PRO A 52 3.14 -3.18 -4.91
C PRO A 52 2.23 -3.71 -3.80
N SER A 53 1.07 -4.23 -4.20
CA SER A 53 0.11 -4.77 -3.24
C SER A 53 0.60 -6.09 -2.67
N ASP A 54 1.68 -6.61 -3.24
CA ASP A 54 2.25 -7.88 -2.80
C ASP A 54 2.61 -7.82 -1.32
N CYS A 55 3.01 -6.63 -0.85
CA CYS A 55 3.37 -6.44 0.54
C CYS A 55 2.15 -6.09 1.39
N LEU A 56 1.00 -6.04 0.75
CA LEU A 56 -0.25 -5.72 1.44
C LEU A 56 -1.15 -6.94 1.54
N GLU A 57 -2.01 -6.96 2.55
CA GLU A 57 -2.93 -8.07 2.76
C GLU A 57 -4.16 -7.63 3.54
N GLU A 58 -5.33 -8.12 3.14
CA GLU A 58 -6.57 -7.77 3.81
C GLU A 58 -6.54 -8.17 5.27
N VAL A 59 -7.15 -7.36 6.12
CA VAL A 59 -7.19 -7.62 7.56
C VAL A 59 -8.13 -8.79 7.86
N ALA A 60 -7.59 -9.83 8.50
CA ALA A 60 -8.38 -11.00 8.86
C ALA A 60 -8.89 -10.90 10.29
N ASN A 61 -10.21 -10.86 10.45
CA ASN A 61 -10.81 -10.77 11.77
C ASN A 61 -10.88 -12.13 12.45
N MET A 1 -15.11 2.54 -8.48
CA MET A 1 -13.78 2.36 -9.04
C MET A 1 -12.75 2.11 -7.93
N VAL A 2 -12.69 3.03 -6.98
CA VAL A 2 -11.76 2.92 -5.87
C VAL A 2 -12.44 2.38 -4.62
N PRO A 3 -11.81 1.40 -3.97
CA PRO A 3 -12.36 0.79 -2.75
C PRO A 3 -12.31 1.74 -1.55
N GLY A 4 -12.88 1.30 -0.44
CA GLY A 4 -12.90 2.12 0.75
C GLY A 4 -12.56 1.34 2.01
N ARG A 5 -11.73 0.31 1.86
CA ARG A 5 -11.33 -0.53 2.97
C ARG A 5 -9.82 -0.45 3.20
N SER A 6 -9.41 -0.61 4.45
CA SER A 6 -7.99 -0.55 4.80
C SER A 6 -7.34 -1.93 4.66
N PHE A 7 -6.02 -1.96 4.76
CA PHE A 7 -5.27 -3.20 4.65
C PHE A 7 -4.03 -3.17 5.52
N MET A 8 -3.50 -4.35 5.84
CA MET A 8 -2.31 -4.47 6.66
C MET A 8 -1.12 -4.96 5.85
N ALA A 9 0.02 -4.28 5.98
CA ALA A 9 1.23 -4.66 5.26
C ALA A 9 1.94 -5.82 5.95
N VAL A 10 2.06 -6.94 5.25
CA VAL A 10 2.73 -8.11 5.80
C VAL A 10 4.24 -8.00 5.63
N LYS A 11 4.69 -7.00 4.88
CA LYS A 11 6.11 -6.79 4.65
C LYS A 11 6.39 -5.35 4.22
N SER A 12 7.59 -4.88 4.49
CA SER A 12 7.99 -3.52 4.14
C SER A 12 8.45 -3.45 2.68
N TYR A 13 8.61 -2.23 2.18
CA TYR A 13 9.04 -2.02 0.80
C TYR A 13 9.90 -0.76 0.68
N GLN A 14 10.87 -0.81 -0.23
CA GLN A 14 11.76 0.33 -0.45
C GLN A 14 11.42 1.06 -1.74
N ALA A 15 10.81 2.23 -1.60
CA ALA A 15 10.43 3.03 -2.76
C ALA A 15 11.61 3.21 -3.71
N GLN A 16 11.39 2.91 -4.99
CA GLN A 16 12.42 3.05 -6.00
C GLN A 16 12.07 4.11 -7.03
N ALA A 17 10.77 4.41 -7.14
CA ALA A 17 10.29 5.41 -8.08
C ALA A 17 9.90 6.70 -7.36
N GLU A 18 10.11 7.83 -8.02
CA GLU A 18 9.79 9.13 -7.44
C GLU A 18 8.35 9.14 -6.94
N GLY A 19 7.47 8.41 -7.62
CA GLY A 19 6.08 8.35 -7.23
C GLY A 19 5.79 7.23 -6.26
N GLU A 20 6.71 6.28 -6.17
CA GLU A 20 6.55 5.14 -5.28
C GLU A 20 6.92 5.51 -3.85
N ILE A 21 6.44 4.73 -2.89
CA ILE A 21 6.72 4.98 -1.48
C ILE A 21 7.17 3.70 -0.78
N SER A 22 7.66 3.85 0.45
CA SER A 22 8.12 2.70 1.23
C SER A 22 6.98 2.12 2.06
N LEU A 23 7.26 1.00 2.72
CA LEU A 23 6.25 0.33 3.55
C LEU A 23 6.87 -0.14 4.86
N SER A 24 6.02 -0.60 5.78
CA SER A 24 6.48 -1.09 7.08
C SER A 24 5.64 -2.28 7.53
N LYS A 25 6.32 -3.38 7.85
CA LYS A 25 5.63 -4.59 8.30
C LYS A 25 4.74 -4.29 9.50
N GLY A 26 3.48 -4.72 9.41
CA GLY A 26 2.55 -4.48 10.50
C GLY A 26 1.86 -3.14 10.40
N GLU A 27 2.32 -2.31 9.45
CA GLU A 27 1.73 -0.99 9.25
C GLU A 27 0.47 -1.08 8.40
N LYS A 28 -0.59 -0.42 8.85
CA LYS A 28 -1.86 -0.42 8.13
C LYS A 28 -1.81 0.56 6.96
N ILE A 29 -1.84 0.02 5.74
CA ILE A 29 -1.81 0.84 4.54
C ILE A 29 -3.21 1.05 3.98
N LYS A 30 -3.50 2.28 3.57
CA LYS A 30 -4.80 2.63 3.02
C LYS A 30 -4.68 3.00 1.54
N VAL A 31 -5.19 2.12 0.67
CA VAL A 31 -5.16 2.36 -0.76
C VAL A 31 -6.09 3.50 -1.16
N LEU A 32 -5.54 4.50 -1.83
CA LEU A 32 -6.32 5.65 -2.27
C LEU A 32 -6.49 5.64 -3.79
N SER A 33 -5.59 4.97 -4.47
CA SER A 33 -5.64 4.88 -5.93
C SER A 33 -5.21 3.50 -6.41
N ILE A 34 -5.41 3.23 -7.69
CA ILE A 34 -5.04 1.94 -8.28
C ILE A 34 -4.63 2.10 -9.74
N GLY A 35 -4.25 0.99 -10.36
CA GLY A 35 -3.84 1.02 -11.75
C GLY A 35 -4.03 -0.31 -12.45
N GLU A 36 -2.99 -1.15 -12.41
CA GLU A 36 -3.05 -2.46 -13.04
C GLU A 36 -2.20 -3.47 -12.27
N GLY A 37 -2.42 -4.75 -12.55
CA GLY A 37 -1.66 -5.79 -11.88
C GLY A 37 -1.73 -5.67 -10.36
N GLY A 38 -0.65 -6.08 -9.70
CA GLY A 38 -0.61 -6.01 -8.25
C GLY A 38 0.00 -4.72 -7.75
N PHE A 39 -0.29 -3.61 -8.44
CA PHE A 39 0.23 -2.32 -8.06
C PHE A 39 -0.90 -1.31 -7.86
N TRP A 40 -0.76 -0.49 -6.82
CA TRP A 40 -1.77 0.52 -6.52
C TRP A 40 -1.21 1.61 -5.61
N GLU A 41 -1.96 2.68 -5.42
CA GLU A 41 -1.53 3.79 -4.58
C GLU A 41 -2.20 3.72 -3.20
N GLY A 42 -1.44 4.06 -2.17
CA GLY A 42 -1.97 4.03 -0.82
C GLY A 42 -1.23 4.96 0.12
N GLN A 43 -1.52 4.85 1.41
CA GLN A 43 -0.88 5.69 2.41
C GLN A 43 -0.40 4.86 3.60
N VAL A 44 0.82 5.13 4.05
CA VAL A 44 1.40 4.41 5.17
C VAL A 44 2.02 5.37 6.18
N LYS A 45 1.43 5.43 7.37
CA LYS A 45 1.92 6.30 8.43
C LYS A 45 2.39 7.63 7.85
N GLY A 46 1.70 8.11 6.83
CA GLY A 46 2.07 9.38 6.21
C GLY A 46 2.53 9.20 4.77
N ARG A 47 3.48 8.30 4.56
CA ARG A 47 4.00 8.05 3.22
C ARG A 47 2.89 7.63 2.27
N VAL A 48 2.49 8.54 1.39
CA VAL A 48 1.44 8.28 0.42
C VAL A 48 1.98 8.27 -1.00
N GLY A 49 1.83 7.13 -1.67
CA GLY A 49 2.32 7.02 -3.04
C GLY A 49 1.95 5.69 -3.68
N TRP A 50 2.77 5.24 -4.62
CA TRP A 50 2.54 3.98 -5.31
C TRP A 50 3.40 2.87 -4.71
N PHE A 51 2.89 1.64 -4.79
CA PHE A 51 3.61 0.49 -4.26
C PHE A 51 2.88 -0.81 -4.57
N PRO A 52 3.62 -1.92 -4.60
CA PRO A 52 3.06 -3.24 -4.88
C PRO A 52 2.16 -3.75 -3.75
N SER A 53 0.97 -4.21 -4.11
CA SER A 53 0.01 -4.71 -3.13
C SER A 53 0.46 -6.07 -2.58
N ASP A 54 1.50 -6.62 -3.20
CA ASP A 54 2.03 -7.91 -2.77
C ASP A 54 2.45 -7.88 -1.31
N CYS A 55 2.81 -6.69 -0.83
CA CYS A 55 3.23 -6.51 0.56
C CYS A 55 2.04 -6.20 1.45
N LEU A 56 0.85 -6.13 0.85
CA LEU A 56 -0.36 -5.84 1.59
C LEU A 56 -1.24 -7.08 1.73
N GLU A 57 -2.06 -7.11 2.77
CA GLU A 57 -2.95 -8.24 3.01
C GLU A 57 -4.17 -7.82 3.84
N GLU A 58 -5.33 -8.32 3.46
CA GLU A 58 -6.57 -7.99 4.16
C GLU A 58 -6.55 -8.54 5.58
N VAL A 59 -7.26 -7.86 6.48
CA VAL A 59 -7.32 -8.29 7.88
C VAL A 59 -8.74 -8.65 8.28
N ALA A 60 -9.23 -9.77 7.75
CA ALA A 60 -10.57 -10.23 8.06
C ALA A 60 -10.62 -10.93 9.41
N ASN A 61 -10.33 -10.18 10.47
CA ASN A 61 -10.34 -10.73 11.82
C ASN A 61 -11.57 -10.25 12.59
N MET A 1 -13.03 5.21 -7.56
CA MET A 1 -11.61 4.86 -7.53
C MET A 1 -11.30 3.92 -6.38
N VAL A 2 -11.51 4.40 -5.16
CA VAL A 2 -11.26 3.60 -3.97
C VAL A 2 -12.56 3.11 -3.34
N PRO A 3 -12.61 1.82 -2.99
CA PRO A 3 -13.80 1.21 -2.38
C PRO A 3 -14.02 1.70 -0.95
N GLY A 4 -12.94 1.80 -0.19
CA GLY A 4 -13.04 2.25 1.19
C GLY A 4 -12.73 1.15 2.19
N ARG A 5 -11.54 0.57 2.07
CA ARG A 5 -11.13 -0.50 2.96
C ARG A 5 -9.67 -0.32 3.38
N SER A 6 -9.36 -0.73 4.61
CA SER A 6 -8.00 -0.62 5.14
C SER A 6 -7.29 -1.96 5.10
N PHE A 7 -6.10 -1.98 4.50
CA PHE A 7 -5.31 -3.20 4.40
C PHE A 7 -4.08 -3.12 5.28
N MET A 8 -3.51 -4.29 5.59
CA MET A 8 -2.31 -4.35 6.44
C MET A 8 -1.10 -4.83 5.64
N ALA A 9 0.04 -4.21 5.90
CA ALA A 9 1.28 -4.58 5.21
C ALA A 9 1.99 -5.73 5.90
N VAL A 10 2.02 -6.88 5.26
CA VAL A 10 2.67 -8.06 5.83
C VAL A 10 4.19 -7.97 5.68
N LYS A 11 4.65 -6.98 4.93
CA LYS A 11 6.07 -6.78 4.71
C LYS A 11 6.36 -5.35 4.28
N SER A 12 7.57 -4.87 4.57
CA SER A 12 7.97 -3.51 4.23
C SER A 12 8.41 -3.45 2.77
N TYR A 13 8.55 -2.23 2.25
CA TYR A 13 8.96 -2.02 0.86
C TYR A 13 9.83 -0.77 0.74
N GLN A 14 10.79 -0.82 -0.18
CA GLN A 14 11.68 0.30 -0.41
C GLN A 14 11.41 0.97 -1.75
N ALA A 15 10.84 2.17 -1.70
CA ALA A 15 10.52 2.91 -2.93
C ALA A 15 11.73 2.98 -3.85
N GLN A 16 11.49 2.79 -5.14
CA GLN A 16 12.57 2.83 -6.14
C GLN A 16 12.30 3.91 -7.18
N ALA A 17 11.02 4.11 -7.49
CA ALA A 17 10.63 5.11 -8.48
C ALA A 17 10.47 6.48 -7.84
N GLU A 18 9.85 7.41 -8.57
CA GLU A 18 9.64 8.76 -8.07
C GLU A 18 8.31 8.85 -7.32
N GLY A 19 7.29 8.22 -7.87
CA GLY A 19 5.97 8.24 -7.25
C GLY A 19 5.74 7.07 -6.33
N GLU A 20 6.79 6.29 -6.08
CA GLU A 20 6.70 5.12 -5.22
C GLU A 20 7.08 5.48 -3.78
N ILE A 21 6.47 4.78 -2.82
CA ILE A 21 6.74 5.03 -1.41
C ILE A 21 7.19 3.74 -0.71
N SER A 22 7.65 3.89 0.52
CA SER A 22 8.11 2.74 1.30
C SER A 22 6.98 2.15 2.12
N LEU A 23 7.26 1.04 2.79
CA LEU A 23 6.26 0.37 3.62
C LEU A 23 6.87 -0.11 4.93
N SER A 24 6.01 -0.59 5.84
CA SER A 24 6.47 -1.07 7.13
C SER A 24 5.64 -2.27 7.58
N LYS A 25 6.31 -3.37 7.87
CA LYS A 25 5.64 -4.59 8.32
C LYS A 25 4.77 -4.32 9.53
N GLY A 26 3.49 -4.70 9.43
CA GLY A 26 2.57 -4.47 10.53
C GLY A 26 1.90 -3.12 10.46
N GLU A 27 2.28 -2.32 9.47
CA GLU A 27 1.71 -0.98 9.30
C GLU A 27 0.42 -1.04 8.49
N LYS A 28 -0.60 -0.31 8.94
CA LYS A 28 -1.88 -0.29 8.26
C LYS A 28 -1.83 0.64 7.04
N ILE A 29 -1.89 0.06 5.86
CA ILE A 29 -1.86 0.83 4.63
C ILE A 29 -3.26 1.04 4.07
N LYS A 30 -3.55 2.27 3.64
CA LYS A 30 -4.85 2.61 3.09
C LYS A 30 -4.73 2.98 1.61
N VAL A 31 -5.23 2.10 0.74
CA VAL A 31 -5.19 2.33 -0.70
C VAL A 31 -6.18 3.42 -1.11
N LEU A 32 -5.64 4.52 -1.62
CA LEU A 32 -6.48 5.64 -2.06
C LEU A 32 -6.74 5.57 -3.56
N SER A 33 -5.84 4.90 -4.28
CA SER A 33 -5.97 4.76 -5.72
C SER A 33 -5.51 3.38 -6.18
N ILE A 34 -5.90 3.01 -7.39
CA ILE A 34 -5.52 1.71 -7.95
C ILE A 34 -5.12 1.84 -9.42
N GLY A 35 -4.41 0.84 -9.93
CA GLY A 35 -3.98 0.86 -11.32
C GLY A 35 -4.12 -0.49 -11.99
N GLU A 36 -3.03 -1.24 -12.03
CA GLU A 36 -3.04 -2.57 -12.65
C GLU A 36 -1.67 -3.23 -12.55
N GLY A 37 -1.65 -4.53 -12.29
CA GLY A 37 -0.40 -5.25 -12.16
C GLY A 37 0.08 -5.33 -10.73
N GLY A 38 -0.81 -5.70 -9.82
CA GLY A 38 -0.44 -5.81 -8.42
C GLY A 38 0.12 -4.52 -7.87
N PHE A 39 -0.19 -3.41 -8.52
CA PHE A 39 0.29 -2.11 -8.09
C PHE A 39 -0.87 -1.13 -7.89
N TRP A 40 -0.78 -0.33 -6.83
CA TRP A 40 -1.83 0.65 -6.53
C TRP A 40 -1.29 1.74 -5.62
N GLU A 41 -2.09 2.79 -5.44
CA GLU A 41 -1.70 3.92 -4.59
C GLU A 41 -2.30 3.77 -3.20
N GLY A 42 -1.50 4.08 -2.19
CA GLY A 42 -1.96 3.99 -0.80
C GLY A 42 -1.21 4.90 0.13
N GLN A 43 -1.53 4.83 1.42
CA GLN A 43 -0.88 5.67 2.42
C GLN A 43 -0.40 4.82 3.59
N VAL A 44 0.81 5.10 4.06
CA VAL A 44 1.39 4.37 5.19
C VAL A 44 2.01 5.33 6.20
N LYS A 45 1.44 5.37 7.40
CA LYS A 45 1.93 6.24 8.46
C LYS A 45 2.40 7.57 7.90
N GLY A 46 1.68 8.07 6.89
CA GLY A 46 2.03 9.33 6.28
C GLY A 46 2.50 9.18 4.85
N ARG A 47 3.45 8.27 4.63
CA ARG A 47 3.98 8.03 3.29
C ARG A 47 2.86 7.63 2.33
N VAL A 48 2.48 8.56 1.45
CA VAL A 48 1.42 8.30 0.48
C VAL A 48 1.98 8.29 -0.94
N GLY A 49 1.85 7.15 -1.61
CA GLY A 49 2.35 7.04 -2.98
C GLY A 49 1.95 5.73 -3.63
N TRP A 50 2.78 5.27 -4.56
CA TRP A 50 2.51 4.01 -5.26
C TRP A 50 3.37 2.88 -4.69
N PHE A 51 2.86 1.66 -4.78
CA PHE A 51 3.57 0.49 -4.27
C PHE A 51 2.82 -0.79 -4.60
N PRO A 52 3.56 -1.91 -4.64
CA PRO A 52 2.98 -3.23 -4.93
C PRO A 52 2.09 -3.73 -3.81
N SER A 53 0.90 -4.20 -4.16
CA SER A 53 -0.05 -4.71 -3.18
C SER A 53 0.42 -6.06 -2.62
N ASP A 54 1.47 -6.60 -3.22
CA ASP A 54 2.03 -7.88 -2.78
C ASP A 54 2.39 -7.83 -1.29
N CYS A 55 2.88 -6.67 -0.85
CA CYS A 55 3.27 -6.50 0.54
C CYS A 55 2.05 -6.21 1.41
N LEU A 56 0.90 -6.04 0.78
CA LEU A 56 -0.34 -5.75 1.49
C LEU A 56 -1.23 -6.99 1.57
N GLU A 57 -2.14 -7.00 2.53
CA GLU A 57 -3.05 -8.13 2.71
C GLU A 57 -4.32 -7.69 3.43
N GLU A 58 -5.45 -8.26 3.02
CA GLU A 58 -6.74 -7.93 3.63
C GLU A 58 -6.67 -8.03 5.15
N VAL A 59 -7.50 -7.25 5.84
CA VAL A 59 -7.52 -7.25 7.29
C VAL A 59 -8.72 -8.04 7.82
N ALA A 60 -8.57 -8.59 9.02
CA ALA A 60 -9.64 -9.37 9.63
C ALA A 60 -10.84 -8.50 9.95
N ASN A 61 -10.62 -7.46 10.76
CA ASN A 61 -11.70 -6.56 11.14
C ASN A 61 -11.56 -5.22 10.42
N MET A 1 -12.03 3.47 -11.39
CA MET A 1 -12.68 3.17 -10.12
C MET A 1 -11.66 3.11 -8.99
N VAL A 2 -12.14 3.25 -7.76
CA VAL A 2 -11.26 3.21 -6.58
C VAL A 2 -11.93 2.48 -5.43
N PRO A 3 -11.19 1.57 -4.79
CA PRO A 3 -11.69 0.79 -3.65
C PRO A 3 -11.89 1.65 -2.41
N GLY A 4 -12.18 1.00 -1.29
CA GLY A 4 -12.38 1.71 -0.04
C GLY A 4 -12.24 0.82 1.17
N ARG A 5 -11.22 -0.04 1.16
CA ARG A 5 -10.97 -0.95 2.27
C ARG A 5 -9.53 -0.86 2.74
N SER A 6 -9.35 -0.93 4.06
CA SER A 6 -8.01 -0.85 4.65
C SER A 6 -7.30 -2.19 4.57
N PHE A 7 -5.99 -2.14 4.32
CA PHE A 7 -5.20 -3.37 4.23
C PHE A 7 -3.94 -3.26 5.09
N MET A 8 -3.54 -4.38 5.68
CA MET A 8 -2.36 -4.42 6.53
C MET A 8 -1.14 -4.92 5.75
N ALA A 9 -0.01 -4.25 5.91
CA ALA A 9 1.22 -4.63 5.24
C ALA A 9 1.90 -5.80 5.93
N VAL A 10 2.12 -6.88 5.19
CA VAL A 10 2.75 -8.07 5.74
C VAL A 10 4.27 -7.98 5.63
N LYS A 11 4.75 -6.99 4.87
CA LYS A 11 6.18 -6.79 4.68
C LYS A 11 6.48 -5.36 4.27
N SER A 12 7.69 -4.88 4.60
CA SER A 12 8.09 -3.52 4.26
C SER A 12 8.51 -3.43 2.80
N TYR A 13 8.59 -2.21 2.30
CA TYR A 13 8.97 -1.97 0.91
C TYR A 13 9.81 -0.70 0.78
N GLN A 14 10.76 -0.72 -0.16
CA GLN A 14 11.63 0.43 -0.38
C GLN A 14 11.35 1.06 -1.74
N ALA A 15 10.80 2.28 -1.71
CA ALA A 15 10.49 3.01 -2.94
C ALA A 15 11.69 3.04 -3.88
N GLN A 16 11.44 2.81 -5.16
CA GLN A 16 12.49 2.81 -6.16
C GLN A 16 12.20 3.84 -7.26
N ALA A 17 10.93 4.00 -7.59
CA ALA A 17 10.52 4.95 -8.62
C ALA A 17 10.36 6.34 -8.05
N GLU A 18 9.84 7.26 -8.86
CA GLU A 18 9.64 8.65 -8.43
C GLU A 18 8.31 8.81 -7.71
N GLY A 19 7.32 8.00 -8.11
CA GLY A 19 6.02 8.08 -7.49
C GLY A 19 5.74 6.89 -6.57
N GLU A 20 6.80 6.26 -6.10
CA GLU A 20 6.68 5.10 -5.22
C GLU A 20 7.05 5.46 -3.79
N ILE A 21 6.42 4.79 -2.83
CA ILE A 21 6.69 5.04 -1.42
C ILE A 21 7.12 3.77 -0.71
N SER A 22 7.63 3.91 0.52
CA SER A 22 8.08 2.78 1.30
C SER A 22 6.92 2.18 2.10
N LEU A 23 7.21 1.09 2.81
CA LEU A 23 6.19 0.43 3.62
C LEU A 23 6.77 -0.02 4.96
N SER A 24 5.90 -0.50 5.85
CA SER A 24 6.32 -0.95 7.17
C SER A 24 5.53 -2.18 7.59
N LYS A 25 6.23 -3.28 7.85
CA LYS A 25 5.58 -4.51 8.27
C LYS A 25 4.70 -4.28 9.49
N GLY A 26 3.42 -4.63 9.35
CA GLY A 26 2.48 -4.45 10.45
C GLY A 26 1.77 -3.11 10.38
N GLU A 27 2.18 -2.26 9.45
CA GLU A 27 1.58 -0.94 9.30
C GLU A 27 0.28 -1.03 8.49
N LYS A 28 -0.75 -0.34 8.96
CA LYS A 28 -2.04 -0.34 8.28
C LYS A 28 -2.02 0.59 7.07
N ILE A 29 -1.90 0.01 5.89
CA ILE A 29 -1.87 0.77 4.65
C ILE A 29 -3.28 0.99 4.11
N LYS A 30 -3.57 2.22 3.69
CA LYS A 30 -4.88 2.55 3.15
C LYS A 30 -4.77 2.94 1.67
N VAL A 31 -5.25 2.06 0.80
CA VAL A 31 -5.21 2.30 -0.63
C VAL A 31 -6.15 3.44 -1.02
N LEU A 32 -5.59 4.48 -1.63
CA LEU A 32 -6.37 5.63 -2.05
C LEU A 32 -6.62 5.59 -3.56
N SER A 33 -5.75 4.90 -4.29
CA SER A 33 -5.88 4.79 -5.73
C SER A 33 -5.35 3.44 -6.22
N ILE A 34 -5.49 3.19 -7.52
CA ILE A 34 -5.02 1.94 -8.11
C ILE A 34 -4.53 2.17 -9.53
N GLY A 35 -4.13 1.08 -10.19
CA GLY A 35 -3.63 1.17 -11.55
C GLY A 35 -3.76 -0.13 -12.31
N GLU A 36 -2.66 -0.88 -12.37
CA GLU A 36 -2.66 -2.16 -13.08
C GLU A 36 -1.85 -3.21 -12.31
N GLY A 37 -2.07 -4.48 -12.64
CA GLY A 37 -1.35 -5.55 -11.97
C GLY A 37 -1.46 -5.46 -10.46
N GLY A 38 -0.39 -5.85 -9.77
CA GLY A 38 -0.39 -5.80 -8.32
C GLY A 38 0.17 -4.51 -7.78
N PHE A 39 -0.16 -3.40 -8.45
CA PHE A 39 0.32 -2.08 -8.03
C PHE A 39 -0.85 -1.13 -7.81
N TRP A 40 -0.76 -0.32 -6.77
CA TRP A 40 -1.82 0.64 -6.46
C TRP A 40 -1.30 1.73 -5.53
N GLU A 41 -2.09 2.78 -5.33
CA GLU A 41 -1.71 3.89 -4.48
C GLU A 41 -2.32 3.74 -3.09
N GLY A 42 -1.54 4.07 -2.07
CA GLY A 42 -2.02 3.96 -0.70
C GLY A 42 -1.28 4.89 0.24
N GLN A 43 -1.61 4.81 1.53
CA GLN A 43 -0.97 5.65 2.54
C GLN A 43 -0.46 4.80 3.70
N VAL A 44 0.77 5.08 4.13
CA VAL A 44 1.39 4.36 5.23
C VAL A 44 2.03 5.31 6.23
N LYS A 45 1.50 5.33 7.45
CA LYS A 45 2.03 6.20 8.50
C LYS A 45 2.46 7.54 7.93
N GLY A 46 1.70 8.03 6.95
CA GLY A 46 2.01 9.31 6.34
C GLY A 46 2.46 9.17 4.90
N ARG A 47 3.41 8.27 4.66
CA ARG A 47 3.94 8.03 3.32
C ARG A 47 2.82 7.64 2.37
N VAL A 48 2.45 8.56 1.48
CA VAL A 48 1.40 8.32 0.51
C VAL A 48 1.95 8.30 -0.91
N GLY A 49 1.78 7.17 -1.59
CA GLY A 49 2.27 7.05 -2.95
C GLY A 49 1.91 5.71 -3.58
N TRP A 50 2.71 5.29 -4.55
CA TRP A 50 2.46 4.02 -5.23
C TRP A 50 3.34 2.91 -4.67
N PHE A 51 2.85 1.68 -4.74
CA PHE A 51 3.59 0.53 -4.23
C PHE A 51 2.86 -0.78 -4.54
N PRO A 52 3.61 -1.88 -4.58
CA PRO A 52 3.07 -3.21 -4.87
C PRO A 52 2.18 -3.73 -3.74
N SER A 53 0.98 -4.19 -4.10
CA SER A 53 0.04 -4.71 -3.11
C SER A 53 0.52 -6.06 -2.57
N ASP A 54 1.56 -6.60 -3.18
CA ASP A 54 2.11 -7.88 -2.76
C ASP A 54 2.52 -7.84 -1.28
N CYS A 55 2.93 -6.67 -0.82
CA CYS A 55 3.35 -6.49 0.57
C CYS A 55 2.15 -6.16 1.46
N LEU A 56 0.96 -6.20 0.87
CA LEU A 56 -0.26 -5.91 1.60
C LEU A 56 -1.14 -7.15 1.72
N GLU A 57 -2.06 -7.13 2.70
CA GLU A 57 -2.96 -8.26 2.91
C GLU A 57 -4.22 -7.80 3.63
N GLU A 58 -5.35 -8.41 3.28
CA GLU A 58 -6.62 -8.07 3.89
C GLU A 58 -6.53 -8.11 5.41
N VAL A 59 -7.42 -7.38 6.08
CA VAL A 59 -7.43 -7.35 7.54
C VAL A 59 -8.86 -7.30 8.08
N ALA A 60 -9.08 -7.97 9.21
CA ALA A 60 -10.40 -8.00 9.83
C ALA A 60 -10.37 -8.79 11.13
N ASN A 61 -11.16 -8.35 12.10
CA ASN A 61 -11.22 -9.01 13.40
C ASN A 61 -12.04 -10.30 13.32
N MET A 1 -11.23 2.11 -9.66
CA MET A 1 -12.33 2.09 -8.69
C MET A 1 -11.83 1.67 -7.31
N VAL A 2 -11.48 2.66 -6.49
CA VAL A 2 -10.99 2.40 -5.14
C VAL A 2 -12.05 1.73 -4.29
N PRO A 3 -11.65 0.65 -3.59
CA PRO A 3 -12.56 -0.10 -2.72
C PRO A 3 -12.98 0.69 -1.48
N GLY A 4 -11.99 1.27 -0.80
CA GLY A 4 -12.28 2.05 0.39
C GLY A 4 -12.05 1.26 1.67
N ARG A 5 -11.35 0.14 1.55
CA ARG A 5 -11.06 -0.70 2.70
C ARG A 5 -9.58 -0.60 3.09
N SER A 6 -9.31 -0.79 4.38
CA SER A 6 -7.94 -0.72 4.89
C SER A 6 -7.26 -2.07 4.80
N PHE A 7 -5.97 -2.06 4.50
CA PHE A 7 -5.19 -3.30 4.39
C PHE A 7 -3.91 -3.22 5.21
N MET A 8 -3.52 -4.34 5.80
CA MET A 8 -2.32 -4.40 6.62
C MET A 8 -1.14 -4.94 5.81
N ALA A 9 0.00 -4.27 5.89
CA ALA A 9 1.20 -4.69 5.18
C ALA A 9 1.89 -5.84 5.90
N VAL A 10 2.09 -6.94 5.19
CA VAL A 10 2.75 -8.11 5.76
C VAL A 10 4.27 -8.02 5.61
N LYS A 11 4.72 -7.02 4.86
CA LYS A 11 6.15 -6.82 4.65
C LYS A 11 6.44 -5.38 4.23
N SER A 12 7.64 -4.91 4.54
CA SER A 12 8.03 -3.55 4.20
C SER A 12 8.47 -3.46 2.74
N TYR A 13 8.63 -2.24 2.25
CA TYR A 13 9.03 -2.02 0.87
C TYR A 13 9.88 -0.75 0.75
N GLN A 14 10.84 -0.77 -0.17
CA GLN A 14 11.71 0.38 -0.39
C GLN A 14 11.42 1.04 -1.73
N ALA A 15 10.83 2.23 -1.68
CA ALA A 15 10.50 2.97 -2.88
C ALA A 15 11.70 3.08 -3.81
N GLN A 16 11.47 2.86 -5.10
CA GLN A 16 12.55 2.94 -6.09
C GLN A 16 12.25 4.01 -7.14
N ALA A 17 10.96 4.20 -7.43
CA ALA A 17 10.55 5.19 -8.42
C ALA A 17 10.36 6.55 -7.77
N GLU A 18 9.72 7.47 -8.49
CA GLU A 18 9.49 8.82 -7.99
C GLU A 18 8.16 8.89 -7.23
N GLY A 19 7.14 8.23 -7.78
CA GLY A 19 5.84 8.22 -7.15
C GLY A 19 5.66 7.07 -6.18
N GLU A 20 6.65 6.19 -6.13
CA GLU A 20 6.60 5.03 -5.25
C GLU A 20 6.97 5.42 -3.83
N ILE A 21 6.41 4.70 -2.85
CA ILE A 21 6.68 4.97 -1.45
C ILE A 21 7.12 3.70 -0.73
N SER A 22 7.65 3.88 0.48
CA SER A 22 8.12 2.74 1.28
C SER A 22 6.97 2.13 2.08
N LEU A 23 7.25 1.04 2.77
CA LEU A 23 6.25 0.36 3.57
C LEU A 23 6.83 -0.09 4.92
N SER A 24 5.96 -0.56 5.80
CA SER A 24 6.38 -1.02 7.12
C SER A 24 5.58 -2.24 7.56
N LYS A 25 6.28 -3.34 7.82
CA LYS A 25 5.63 -4.58 8.25
C LYS A 25 4.73 -4.32 9.46
N GLY A 26 3.45 -4.68 9.33
CA GLY A 26 2.52 -4.49 10.42
C GLY A 26 1.82 -3.15 10.35
N GLU A 27 2.27 -2.29 9.44
CA GLU A 27 1.67 -0.96 9.28
C GLU A 27 0.38 -1.04 8.48
N LYS A 28 -0.64 -0.33 8.94
CA LYS A 28 -1.94 -0.32 8.27
C LYS A 28 -1.93 0.65 7.09
N ILE A 29 -1.85 0.09 5.88
CA ILE A 29 -1.83 0.89 4.67
C ILE A 29 -3.24 1.11 4.13
N LYS A 30 -3.53 2.33 3.69
CA LYS A 30 -4.83 2.66 3.15
C LYS A 30 -4.73 3.02 1.67
N VAL A 31 -5.24 2.12 0.82
CA VAL A 31 -5.21 2.35 -0.62
C VAL A 31 -6.16 3.48 -1.02
N LEU A 32 -5.61 4.49 -1.69
CA LEU A 32 -6.39 5.63 -2.14
C LEU A 32 -6.61 5.59 -3.64
N SER A 33 -5.69 4.94 -4.35
CA SER A 33 -5.79 4.82 -5.80
C SER A 33 -5.38 3.43 -6.26
N ILE A 34 -5.50 3.19 -7.57
CA ILE A 34 -5.14 1.90 -8.14
C ILE A 34 -4.61 2.06 -9.56
N GLY A 35 -3.95 1.01 -10.05
CA GLY A 35 -3.38 1.05 -11.39
C GLY A 35 -3.62 -0.24 -12.16
N GLU A 36 -2.64 -1.13 -12.11
CA GLU A 36 -2.75 -2.41 -12.82
C GLU A 36 -1.50 -3.25 -12.60
N GLY A 37 -1.69 -4.55 -12.37
CA GLY A 37 -0.58 -5.44 -12.14
C GLY A 37 -0.18 -5.52 -10.69
N GLY A 38 -1.12 -5.89 -9.84
CA GLY A 38 -0.85 -6.00 -8.42
C GLY A 38 -0.23 -4.73 -7.85
N PHE A 39 -0.53 -3.60 -8.48
CA PHE A 39 0.01 -2.32 -8.04
C PHE A 39 -1.11 -1.32 -7.80
N TRP A 40 -0.94 -0.48 -6.78
CA TRP A 40 -1.94 0.52 -6.44
C TRP A 40 -1.35 1.61 -5.54
N GLU A 41 -2.11 2.68 -5.34
CA GLU A 41 -1.65 3.77 -4.49
C GLU A 41 -2.29 3.71 -3.11
N GLY A 42 -1.53 4.06 -2.09
CA GLY A 42 -2.04 4.04 -0.73
C GLY A 42 -1.28 4.96 0.20
N GLN A 43 -1.57 4.88 1.49
CA GLN A 43 -0.90 5.71 2.49
C GLN A 43 -0.41 4.87 3.66
N VAL A 44 0.82 5.14 4.09
CA VAL A 44 1.41 4.41 5.21
C VAL A 44 2.05 5.37 6.21
N LYS A 45 1.49 5.42 7.41
CA LYS A 45 2.00 6.30 8.46
C LYS A 45 2.47 7.63 7.88
N GLY A 46 1.76 8.11 6.87
CA GLY A 46 2.12 9.36 6.25
C GLY A 46 2.55 9.20 4.80
N ARG A 47 3.51 8.29 4.57
CA ARG A 47 4.01 8.04 3.23
C ARG A 47 2.88 7.62 2.30
N VAL A 48 2.48 8.54 1.42
CA VAL A 48 1.41 8.26 0.46
C VAL A 48 1.93 8.25 -0.96
N GLY A 49 1.80 7.12 -1.63
CA GLY A 49 2.27 6.99 -3.00
C GLY A 49 1.88 5.67 -3.63
N TRP A 50 2.69 5.21 -4.58
CA TRP A 50 2.42 3.96 -5.27
C TRP A 50 3.27 2.83 -4.69
N PHE A 51 2.78 1.60 -4.79
CA PHE A 51 3.49 0.43 -4.27
C PHE A 51 2.74 -0.86 -4.61
N PRO A 52 3.48 -1.97 -4.64
CA PRO A 52 2.91 -3.28 -4.95
C PRO A 52 2.01 -3.80 -3.84
N SER A 53 0.82 -4.26 -4.21
CA SER A 53 -0.13 -4.79 -3.23
C SER A 53 0.36 -6.10 -2.64
N ASP A 54 1.41 -6.66 -3.23
CA ASP A 54 1.97 -7.91 -2.74
C ASP A 54 2.35 -7.81 -1.27
N CYS A 55 2.88 -6.66 -0.89
CA CYS A 55 3.29 -6.43 0.50
C CYS A 55 2.08 -6.11 1.38
N LEU A 56 0.93 -5.91 0.74
CA LEU A 56 -0.30 -5.59 1.46
C LEU A 56 -1.19 -6.82 1.58
N GLU A 57 -2.00 -6.85 2.64
CA GLU A 57 -2.90 -7.97 2.88
C GLU A 57 -4.09 -7.53 3.73
N GLU A 58 -5.30 -7.85 3.25
CA GLU A 58 -6.51 -7.49 3.97
C GLU A 58 -6.44 -7.94 5.43
N VAL A 59 -7.36 -7.44 6.25
CA VAL A 59 -7.40 -7.79 7.66
C VAL A 59 -8.76 -8.38 8.04
N ALA A 60 -8.78 -9.10 9.16
CA ALA A 60 -10.01 -9.72 9.64
C ALA A 60 -10.82 -8.74 10.48
N ASN A 61 -12.11 -9.03 10.65
CA ASN A 61 -13.00 -8.18 11.44
C ASN A 61 -13.48 -8.92 12.69
N MET A 1 -13.71 3.81 -8.73
CA MET A 1 -13.94 2.39 -8.46
C MET A 1 -12.87 1.84 -7.53
N VAL A 2 -12.64 2.53 -6.43
CA VAL A 2 -11.64 2.12 -5.45
C VAL A 2 -12.29 1.69 -4.14
N PRO A 3 -11.60 0.83 -3.38
CA PRO A 3 -12.09 0.33 -2.09
C PRO A 3 -12.12 1.42 -1.02
N GLY A 4 -12.80 1.13 0.08
CA GLY A 4 -12.89 2.09 1.16
C GLY A 4 -12.40 1.52 2.48
N ARG A 5 -11.67 0.42 2.41
CA ARG A 5 -11.14 -0.23 3.61
C ARG A 5 -9.62 -0.05 3.69
N SER A 6 -9.06 -0.42 4.84
CA SER A 6 -7.62 -0.30 5.04
C SER A 6 -6.96 -1.68 5.10
N PHE A 7 -5.92 -1.87 4.30
CA PHE A 7 -5.20 -3.14 4.26
C PHE A 7 -3.93 -3.07 5.10
N MET A 8 -3.58 -4.19 5.72
CA MET A 8 -2.38 -4.26 6.55
C MET A 8 -1.21 -4.85 5.77
N ALA A 9 -0.05 -4.21 5.90
CA ALA A 9 1.15 -4.68 5.21
C ALA A 9 1.75 -5.89 5.90
N VAL A 10 2.12 -6.90 5.10
CA VAL A 10 2.71 -8.11 5.64
C VAL A 10 4.23 -8.08 5.56
N LYS A 11 4.75 -7.12 4.80
CA LYS A 11 6.20 -6.97 4.64
C LYS A 11 6.56 -5.53 4.33
N SER A 12 7.86 -5.25 4.24
CA SER A 12 8.34 -3.91 3.95
C SER A 12 8.60 -3.73 2.46
N TYR A 13 8.83 -2.50 2.05
CA TYR A 13 9.09 -2.19 0.64
C TYR A 13 9.93 -0.92 0.51
N GLN A 14 10.86 -0.93 -0.44
CA GLN A 14 11.72 0.22 -0.68
C GLN A 14 11.36 0.92 -1.99
N ALA A 15 10.83 2.13 -1.88
CA ALA A 15 10.45 2.91 -3.05
C ALA A 15 11.59 2.98 -4.06
N GLN A 16 11.28 2.65 -5.30
CA GLN A 16 12.28 2.67 -6.37
C GLN A 16 11.96 3.74 -7.40
N ALA A 17 10.66 3.94 -7.64
CA ALA A 17 10.21 4.95 -8.60
C ALA A 17 10.20 6.34 -7.98
N GLU A 18 9.72 7.32 -8.74
CA GLU A 18 9.65 8.70 -8.26
C GLU A 18 8.40 8.92 -7.42
N GLY A 19 7.33 8.20 -7.75
CA GLY A 19 6.10 8.33 -7.00
C GLY A 19 5.86 7.16 -6.06
N GLU A 20 6.87 6.32 -5.89
CA GLU A 20 6.76 5.15 -5.02
C GLU A 20 7.11 5.51 -3.58
N ILE A 21 6.49 4.82 -2.63
CA ILE A 21 6.74 5.08 -1.22
C ILE A 21 7.23 3.81 -0.52
N SER A 22 7.70 3.97 0.71
CA SER A 22 8.20 2.84 1.49
C SER A 22 7.06 2.18 2.27
N LEU A 23 7.29 0.94 2.68
CA LEU A 23 6.28 0.19 3.43
C LEU A 23 6.80 -0.16 4.82
N SER A 24 5.92 -0.73 5.64
CA SER A 24 6.29 -1.11 7.00
C SER A 24 5.47 -2.31 7.47
N LYS A 25 6.17 -3.40 7.80
CA LYS A 25 5.52 -4.61 8.25
C LYS A 25 4.63 -4.33 9.46
N GLY A 26 3.35 -4.66 9.34
CA GLY A 26 2.42 -4.44 10.44
C GLY A 26 1.75 -3.08 10.36
N GLU A 27 2.19 -2.25 9.41
CA GLU A 27 1.64 -0.92 9.25
C GLU A 27 0.33 -0.97 8.47
N LYS A 28 -0.67 -0.24 8.94
CA LYS A 28 -1.97 -0.20 8.29
C LYS A 28 -1.95 0.74 7.09
N ILE A 29 -1.85 0.17 5.90
CA ILE A 29 -1.81 0.96 4.67
C ILE A 29 -3.23 1.22 4.16
N LYS A 30 -3.54 2.49 3.94
CA LYS A 30 -4.86 2.87 3.45
C LYS A 30 -4.81 3.18 1.95
N VAL A 31 -5.26 2.22 1.14
CA VAL A 31 -5.26 2.39 -0.31
C VAL A 31 -6.21 3.51 -0.73
N LEU A 32 -5.72 4.42 -1.55
CA LEU A 32 -6.51 5.54 -2.03
C LEU A 32 -6.69 5.49 -3.54
N SER A 33 -5.72 4.88 -4.21
CA SER A 33 -5.76 4.76 -5.67
C SER A 33 -5.33 3.36 -6.11
N ILE A 34 -5.66 3.02 -7.35
CA ILE A 34 -5.30 1.71 -7.90
C ILE A 34 -5.02 1.80 -9.39
N GLY A 35 -4.18 0.89 -9.88
CA GLY A 35 -3.85 0.87 -11.29
C GLY A 35 -4.02 -0.50 -11.92
N GLU A 36 -2.94 -1.27 -11.97
CA GLU A 36 -2.98 -2.60 -12.56
C GLU A 36 -1.61 -3.26 -12.49
N GLY A 37 -1.60 -4.57 -12.25
CA GLY A 37 -0.35 -5.31 -12.16
C GLY A 37 0.15 -5.41 -10.73
N GLY A 38 -0.73 -5.78 -9.82
CA GLY A 38 -0.34 -5.91 -8.42
C GLY A 38 0.23 -4.62 -7.86
N PHE A 39 -0.06 -3.52 -8.52
CA PHE A 39 0.44 -2.21 -8.08
C PHE A 39 -0.72 -1.22 -7.90
N TRP A 40 -0.63 -0.41 -6.85
CA TRP A 40 -1.67 0.57 -6.57
C TRP A 40 -1.14 1.66 -5.64
N GLU A 41 -1.93 2.72 -5.46
CA GLU A 41 -1.53 3.83 -4.61
C GLU A 41 -2.20 3.72 -3.24
N GLY A 42 -1.47 4.11 -2.19
CA GLY A 42 -2.01 4.04 -0.85
C GLY A 42 -1.29 4.97 0.11
N GLN A 43 -1.65 4.90 1.38
CA GLN A 43 -1.03 5.74 2.41
C GLN A 43 -0.56 4.90 3.60
N VAL A 44 0.66 5.17 4.05
CA VAL A 44 1.23 4.45 5.18
C VAL A 44 1.78 5.41 6.23
N LYS A 45 1.14 5.44 7.40
CA LYS A 45 1.57 6.32 8.48
C LYS A 45 2.05 7.65 7.94
N GLY A 46 1.40 8.14 6.89
CA GLY A 46 1.77 9.41 6.30
C GLY A 46 2.26 9.27 4.88
N ARG A 47 3.25 8.39 4.68
CA ARG A 47 3.83 8.16 3.36
C ARG A 47 2.75 7.71 2.38
N VAL A 48 2.35 8.63 1.49
CA VAL A 48 1.33 8.33 0.49
C VAL A 48 1.92 8.32 -0.91
N GLY A 49 1.82 7.19 -1.60
CA GLY A 49 2.35 7.08 -2.94
C GLY A 49 1.98 5.77 -3.60
N TRP A 50 2.85 5.29 -4.48
CA TRP A 50 2.61 4.03 -5.18
C TRP A 50 3.45 2.90 -4.60
N PHE A 51 2.96 1.68 -4.71
CA PHE A 51 3.67 0.52 -4.18
C PHE A 51 2.94 -0.77 -4.53
N PRO A 52 3.68 -1.89 -4.55
CA PRO A 52 3.12 -3.21 -4.87
C PRO A 52 2.19 -3.73 -3.78
N SER A 53 1.00 -4.16 -4.17
CA SER A 53 0.02 -4.68 -3.22
C SER A 53 0.48 -6.02 -2.65
N ASP A 54 1.52 -6.58 -3.23
CA ASP A 54 2.06 -7.85 -2.78
C ASP A 54 2.43 -7.80 -1.31
N CYS A 55 2.91 -6.63 -0.87
CA CYS A 55 3.31 -6.44 0.52
C CYS A 55 2.10 -6.06 1.38
N LEU A 56 0.93 -6.01 0.77
CA LEU A 56 -0.30 -5.65 1.48
C LEU A 56 -1.22 -6.86 1.59
N GLU A 57 -2.08 -6.84 2.61
CA GLU A 57 -3.02 -7.93 2.84
C GLU A 57 -4.27 -7.43 3.56
N GLU A 58 -5.40 -8.05 3.27
CA GLU A 58 -6.67 -7.67 3.89
C GLU A 58 -6.54 -7.63 5.41
N VAL A 59 -7.54 -7.06 6.07
CA VAL A 59 -7.54 -6.96 7.53
C VAL A 59 -8.77 -7.63 8.13
N ALA A 60 -8.58 -8.85 8.62
CA ALA A 60 -9.67 -9.61 9.23
C ALA A 60 -9.53 -9.65 10.74
N ASN A 61 -9.78 -8.52 11.40
CA ASN A 61 -9.69 -8.44 12.84
C ASN A 61 -10.89 -9.08 13.52
N MET A 1 -14.45 3.06 -7.78
CA MET A 1 -14.08 1.66 -7.67
C MET A 1 -13.17 1.44 -6.47
N VAL A 2 -12.39 2.46 -6.12
CA VAL A 2 -11.47 2.37 -5.00
C VAL A 2 -12.19 1.93 -3.73
N PRO A 3 -11.59 0.96 -3.02
CA PRO A 3 -12.15 0.42 -1.78
C PRO A 3 -12.10 1.42 -0.64
N GLY A 4 -12.82 1.13 0.44
CA GLY A 4 -12.84 2.02 1.59
C GLY A 4 -12.14 1.43 2.79
N ARG A 5 -12.05 0.11 2.84
CA ARG A 5 -11.40 -0.59 3.94
C ARG A 5 -9.89 -0.38 3.91
N SER A 6 -9.25 -0.59 5.05
CA SER A 6 -7.81 -0.42 5.15
C SER A 6 -7.10 -1.77 5.22
N PHE A 7 -6.05 -1.93 4.43
CA PHE A 7 -5.29 -3.17 4.41
C PHE A 7 -4.03 -3.05 5.26
N MET A 8 -3.44 -4.20 5.58
CA MET A 8 -2.22 -4.23 6.39
C MET A 8 -1.05 -4.81 5.60
N ALA A 9 0.14 -4.26 5.81
CA ALA A 9 1.33 -4.72 5.11
C ALA A 9 1.97 -5.89 5.86
N VAL A 10 2.22 -6.98 5.14
CA VAL A 10 2.83 -8.17 5.73
C VAL A 10 4.34 -8.14 5.58
N LYS A 11 4.83 -7.14 4.84
CA LYS A 11 6.27 -7.01 4.61
C LYS A 11 6.66 -5.53 4.52
N SER A 12 7.94 -5.28 4.28
CA SER A 12 8.44 -3.91 4.18
C SER A 12 8.89 -3.60 2.75
N TYR A 13 8.48 -2.44 2.24
CA TYR A 13 8.84 -2.03 0.89
C TYR A 13 9.70 -0.78 0.91
N GLN A 14 10.62 -0.68 -0.04
CA GLN A 14 11.51 0.47 -0.14
C GLN A 14 11.33 1.20 -1.46
N ALA A 15 10.81 2.42 -1.40
CA ALA A 15 10.58 3.22 -2.60
C ALA A 15 11.83 3.27 -3.46
N GLN A 16 11.66 2.99 -4.75
CA GLN A 16 12.77 3.00 -5.69
C GLN A 16 12.52 3.99 -6.83
N ALA A 17 11.25 4.12 -7.23
CA ALA A 17 10.88 5.03 -8.30
C ALA A 17 10.63 6.44 -7.77
N GLU A 18 10.08 7.30 -8.62
CA GLU A 18 9.80 8.67 -8.23
C GLU A 18 8.41 8.79 -7.60
N GLY A 19 7.50 7.90 -8.01
CA GLY A 19 6.15 7.92 -7.48
C GLY A 19 5.87 6.76 -6.55
N GLU A 20 6.94 6.13 -6.06
CA GLU A 20 6.81 5.00 -5.15
C GLU A 20 7.13 5.40 -3.72
N ILE A 21 6.47 4.76 -2.77
CA ILE A 21 6.69 5.05 -1.36
C ILE A 21 7.10 3.80 -0.59
N SER A 22 7.74 3.99 0.56
CA SER A 22 8.19 2.88 1.38
C SER A 22 7.04 2.32 2.22
N LEU A 23 7.29 1.21 2.90
CA LEU A 23 6.28 0.57 3.73
C LEU A 23 6.90 0.01 5.00
N SER A 24 6.05 -0.43 5.93
CA SER A 24 6.53 -1.00 7.19
C SER A 24 5.72 -2.24 7.57
N LYS A 25 6.41 -3.36 7.75
CA LYS A 25 5.75 -4.61 8.13
C LYS A 25 4.86 -4.42 9.35
N GLY A 26 3.59 -4.77 9.20
CA GLY A 26 2.66 -4.63 10.30
C GLY A 26 1.96 -3.28 10.32
N GLU A 27 2.35 -2.40 9.39
CA GLU A 27 1.77 -1.08 9.30
C GLU A 27 0.48 -1.11 8.48
N LYS A 28 -0.54 -0.39 8.97
CA LYS A 28 -1.83 -0.34 8.28
C LYS A 28 -1.78 0.65 7.13
N ILE A 29 -1.85 0.14 5.90
CA ILE A 29 -1.82 0.98 4.71
C ILE A 29 -3.23 1.24 4.19
N LYS A 30 -3.56 2.50 3.98
CA LYS A 30 -4.87 2.88 3.48
C LYS A 30 -4.81 3.21 1.99
N VAL A 31 -5.30 2.28 1.16
CA VAL A 31 -5.31 2.47 -0.28
C VAL A 31 -6.22 3.63 -0.68
N LEU A 32 -5.71 4.51 -1.53
CA LEU A 32 -6.48 5.66 -2.00
C LEU A 32 -6.70 5.59 -3.51
N SER A 33 -5.79 4.92 -4.20
CA SER A 33 -5.89 4.78 -5.65
C SER A 33 -5.45 3.39 -6.10
N ILE A 34 -5.82 3.02 -7.31
CA ILE A 34 -5.47 1.71 -7.86
C ILE A 34 -5.20 1.79 -9.36
N GLY A 35 -4.35 0.90 -9.85
CA GLY A 35 -4.03 0.89 -11.26
C GLY A 35 -4.21 -0.48 -11.90
N GLU A 36 -3.13 -1.26 -11.93
CA GLU A 36 -3.17 -2.59 -12.51
C GLU A 36 -1.81 -3.26 -12.41
N GLY A 37 -1.81 -4.59 -12.37
CA GLY A 37 -0.56 -5.34 -12.28
C GLY A 37 -0.08 -5.46 -10.85
N GLY A 38 -0.97 -5.84 -9.94
CA GLY A 38 -0.60 -5.99 -8.55
C GLY A 38 -0.02 -4.72 -7.97
N PHE A 39 -0.29 -3.59 -8.60
CA PHE A 39 0.22 -2.30 -8.15
C PHE A 39 -0.93 -1.31 -7.95
N TRP A 40 -0.80 -0.47 -6.92
CA TRP A 40 -1.81 0.52 -6.61
C TRP A 40 -1.27 1.61 -5.70
N GLU A 41 -2.04 2.68 -5.51
CA GLU A 41 -1.62 3.78 -4.65
C GLU A 41 -2.27 3.68 -3.28
N GLY A 42 -1.54 4.06 -2.25
CA GLY A 42 -2.05 4.01 -0.90
C GLY A 42 -1.33 4.95 0.04
N GLN A 43 -1.63 4.85 1.33
CA GLN A 43 -1.00 5.70 2.34
C GLN A 43 -0.52 4.86 3.52
N VAL A 44 0.71 5.14 3.98
CA VAL A 44 1.29 4.42 5.10
C VAL A 44 1.86 5.39 6.13
N LYS A 45 1.25 5.42 7.31
CA LYS A 45 1.70 6.30 8.38
C LYS A 45 2.15 7.64 7.83
N GLY A 46 1.47 8.11 6.79
CA GLY A 46 1.83 9.39 6.18
C GLY A 46 2.31 9.24 4.75
N ARG A 47 3.29 8.37 4.55
CA ARG A 47 3.84 8.13 3.23
C ARG A 47 2.76 7.69 2.25
N VAL A 48 2.36 8.59 1.37
CA VAL A 48 1.32 8.29 0.38
C VAL A 48 1.89 8.28 -1.03
N GLY A 49 1.77 7.14 -1.71
CA GLY A 49 2.28 7.02 -3.06
C GLY A 49 1.91 5.71 -3.71
N TRP A 50 2.76 5.23 -4.61
CA TRP A 50 2.50 3.96 -5.30
C TRP A 50 3.35 2.83 -4.71
N PHE A 51 2.85 1.62 -4.83
CA PHE A 51 3.55 0.45 -4.31
C PHE A 51 2.82 -0.84 -4.67
N PRO A 52 3.55 -1.96 -4.67
CA PRO A 52 2.99 -3.27 -4.99
C PRO A 52 2.05 -3.78 -3.91
N SER A 53 0.84 -4.16 -4.31
CA SER A 53 -0.16 -4.65 -3.37
C SER A 53 0.30 -5.97 -2.74
N ASP A 54 1.30 -6.60 -3.35
CA ASP A 54 1.83 -7.85 -2.85
C ASP A 54 2.15 -7.76 -1.37
N CYS A 55 2.75 -6.64 -0.97
CA CYS A 55 3.12 -6.42 0.42
C CYS A 55 1.87 -6.21 1.29
N LEU A 56 0.81 -5.72 0.67
CA LEU A 56 -0.44 -5.47 1.38
C LEU A 56 -1.30 -6.73 1.42
N GLU A 57 -2.12 -6.85 2.47
CA GLU A 57 -2.99 -8.00 2.63
C GLU A 57 -4.23 -7.64 3.44
N GLU A 58 -5.36 -8.27 3.10
CA GLU A 58 -6.61 -8.01 3.81
C GLU A 58 -6.43 -8.15 5.31
N VAL A 59 -7.16 -7.32 6.07
CA VAL A 59 -7.08 -7.35 7.52
C VAL A 59 -8.18 -8.23 8.12
N ALA A 60 -7.95 -8.71 9.33
CA ALA A 60 -8.92 -9.56 10.01
C ALA A 60 -10.12 -8.74 10.51
N ASN A 61 -11.06 -9.41 11.16
CA ASN A 61 -12.24 -8.74 11.68
C ASN A 61 -12.31 -8.86 13.21
N MET A 1 -11.03 4.48 -9.17
CA MET A 1 -11.84 4.77 -7.98
C MET A 1 -11.37 3.94 -6.79
N VAL A 2 -11.66 4.43 -5.59
CA VAL A 2 -11.28 3.72 -4.37
C VAL A 2 -12.50 3.32 -3.56
N PRO A 3 -12.51 2.05 -3.10
CA PRO A 3 -13.61 1.51 -2.31
C PRO A 3 -13.68 2.12 -0.91
N GLY A 4 -12.52 2.22 -0.26
CA GLY A 4 -12.47 2.78 1.08
C GLY A 4 -12.28 1.73 2.14
N ARG A 5 -11.37 0.79 1.89
CA ARG A 5 -11.10 -0.29 2.84
C ARG A 5 -9.65 -0.24 3.32
N SER A 6 -9.44 -0.52 4.60
CA SER A 6 -8.11 -0.50 5.19
C SER A 6 -7.40 -1.84 4.97
N PHE A 7 -6.10 -1.79 4.75
CA PHE A 7 -5.30 -2.99 4.52
C PHE A 7 -4.07 -3.00 5.42
N MET A 8 -3.46 -4.18 5.55
CA MET A 8 -2.26 -4.32 6.37
C MET A 8 -1.07 -4.76 5.53
N ALA A 9 0.13 -4.34 5.93
CA ALA A 9 1.35 -4.69 5.21
C ALA A 9 2.06 -5.86 5.87
N VAL A 10 2.16 -6.98 5.16
CA VAL A 10 2.82 -8.16 5.68
C VAL A 10 4.33 -8.06 5.54
N LYS A 11 4.78 -7.06 4.81
CA LYS A 11 6.20 -6.84 4.59
C LYS A 11 6.49 -5.40 4.19
N SER A 12 7.67 -4.91 4.53
CA SER A 12 8.06 -3.54 4.20
C SER A 12 8.49 -3.44 2.74
N TYR A 13 8.67 -2.20 2.27
CA TYR A 13 9.08 -1.96 0.90
C TYR A 13 9.92 -0.69 0.79
N GLN A 14 10.87 -0.69 -0.14
CA GLN A 14 11.73 0.47 -0.35
C GLN A 14 11.45 1.14 -1.68
N ALA A 15 10.88 2.35 -1.61
CA ALA A 15 10.55 3.10 -2.81
C ALA A 15 11.75 3.17 -3.76
N GLN A 16 11.52 2.85 -5.03
CA GLN A 16 12.57 2.89 -6.03
C GLN A 16 12.26 3.91 -7.12
N ALA A 17 10.96 4.13 -7.36
CA ALA A 17 10.53 5.06 -8.38
C ALA A 17 10.44 6.49 -7.82
N GLU A 18 9.86 7.39 -8.60
CA GLU A 18 9.71 8.78 -8.18
C GLU A 18 8.41 8.98 -7.41
N GLY A 19 7.39 8.20 -7.77
CA GLY A 19 6.11 8.31 -7.11
C GLY A 19 5.85 7.17 -6.14
N GLU A 20 6.82 6.27 -6.03
CA GLU A 20 6.69 5.12 -5.15
C GLU A 20 7.04 5.49 -3.71
N ILE A 21 6.45 4.77 -2.75
CA ILE A 21 6.71 5.03 -1.34
C ILE A 21 7.17 3.76 -0.63
N SER A 22 7.65 3.91 0.60
CA SER A 22 8.13 2.78 1.38
C SER A 22 6.98 2.16 2.18
N LEU A 23 7.28 1.05 2.85
CA LEU A 23 6.28 0.35 3.65
C LEU A 23 6.87 -0.12 4.97
N SER A 24 6.01 -0.62 5.85
CA SER A 24 6.43 -1.10 7.16
C SER A 24 5.62 -2.30 7.59
N LYS A 25 6.29 -3.41 7.87
CA LYS A 25 5.63 -4.64 8.29
C LYS A 25 4.75 -4.38 9.50
N GLY A 26 3.48 -4.78 9.40
CA GLY A 26 2.55 -4.59 10.50
C GLY A 26 1.85 -3.25 10.44
N GLU A 27 2.28 -2.40 9.50
CA GLU A 27 1.69 -1.08 9.35
C GLU A 27 0.41 -1.15 8.52
N LYS A 28 -0.60 -0.38 8.92
CA LYS A 28 -1.87 -0.36 8.22
C LYS A 28 -1.83 0.61 7.03
N ILE A 29 -1.88 0.06 5.83
CA ILE A 29 -1.85 0.89 4.62
C ILE A 29 -3.26 1.09 4.06
N LYS A 30 -3.56 2.32 3.65
CA LYS A 30 -4.86 2.64 3.09
C LYS A 30 -4.74 3.00 1.60
N VAL A 31 -5.24 2.11 0.75
CA VAL A 31 -5.19 2.34 -0.69
C VAL A 31 -6.12 3.47 -1.10
N LEU A 32 -5.57 4.49 -1.75
CA LEU A 32 -6.36 5.63 -2.20
C LEU A 32 -6.57 5.58 -3.71
N SER A 33 -5.69 4.88 -4.41
CA SER A 33 -5.77 4.75 -5.85
C SER A 33 -5.36 3.36 -6.31
N ILE A 34 -5.71 3.01 -7.54
CA ILE A 34 -5.39 1.70 -8.10
C ILE A 34 -5.02 1.81 -9.57
N GLY A 35 -4.33 0.80 -10.08
CA GLY A 35 -3.93 0.80 -11.48
C GLY A 35 -4.06 -0.57 -12.12
N GLU A 36 -2.93 -1.11 -12.58
CA GLU A 36 -2.91 -2.43 -13.21
C GLU A 36 -2.07 -3.41 -12.41
N GLY A 37 -2.20 -4.69 -12.72
CA GLY A 37 -1.44 -5.71 -12.02
C GLY A 37 -1.58 -5.61 -10.52
N GLY A 38 -0.54 -6.04 -9.80
CA GLY A 38 -0.57 -5.98 -8.35
C GLY A 38 0.02 -4.70 -7.81
N PHE A 39 -0.29 -3.58 -8.46
CA PHE A 39 0.21 -2.29 -8.03
C PHE A 39 -0.93 -1.30 -7.80
N TRP A 40 -0.78 -0.46 -6.78
CA TRP A 40 -1.81 0.52 -6.45
C TRP A 40 -1.24 1.61 -5.54
N GLU A 41 -2.02 2.67 -5.34
CA GLU A 41 -1.59 3.78 -4.50
C GLU A 41 -2.25 3.71 -3.12
N GLY A 42 -1.49 4.07 -2.09
CA GLY A 42 -2.03 4.04 -0.74
C GLY A 42 -1.28 4.96 0.20
N GLN A 43 -1.58 4.87 1.49
CA GLN A 43 -0.94 5.71 2.49
C GLN A 43 -0.45 4.88 3.67
N VAL A 44 0.77 5.15 4.12
CA VAL A 44 1.35 4.43 5.24
C VAL A 44 1.97 5.39 6.25
N LYS A 45 1.39 5.43 7.45
CA LYS A 45 1.88 6.31 8.50
C LYS A 45 2.35 7.64 7.93
N GLY A 46 1.65 8.12 6.91
CA GLY A 46 2.00 9.39 6.30
C GLY A 46 2.46 9.23 4.86
N ARG A 47 3.42 8.32 4.64
CA ARG A 47 3.94 8.07 3.31
C ARG A 47 2.82 7.65 2.35
N VAL A 48 2.42 8.57 1.47
CA VAL A 48 1.37 8.28 0.51
C VAL A 48 1.92 8.29 -0.91
N GLY A 49 1.79 7.15 -1.60
CA GLY A 49 2.28 7.05 -2.96
C GLY A 49 1.91 5.72 -3.60
N TRP A 50 2.74 5.27 -4.54
CA TRP A 50 2.51 4.01 -5.23
C TRP A 50 3.37 2.90 -4.64
N PHE A 51 2.88 1.66 -4.75
CA PHE A 51 3.62 0.51 -4.23
C PHE A 51 2.89 -0.78 -4.57
N PRO A 52 3.64 -1.90 -4.59
CA PRO A 52 3.08 -3.22 -4.90
C PRO A 52 2.19 -3.74 -3.79
N SER A 53 0.99 -4.19 -4.18
CA SER A 53 0.03 -4.72 -3.21
C SER A 53 0.51 -6.05 -2.64
N ASP A 54 1.54 -6.60 -3.26
CA ASP A 54 2.09 -7.88 -2.81
C ASP A 54 2.53 -7.81 -1.34
N CYS A 55 2.86 -6.61 -0.89
CA CYS A 55 3.30 -6.41 0.48
C CYS A 55 2.11 -6.09 1.38
N LEU A 56 0.94 -5.95 0.78
CA LEU A 56 -0.28 -5.65 1.54
C LEU A 56 -1.17 -6.89 1.64
N GLU A 57 -2.26 -6.76 2.40
CA GLU A 57 -3.19 -7.86 2.58
C GLU A 57 -4.53 -7.36 3.13
N GLU A 58 -5.61 -8.03 2.73
CA GLU A 58 -6.95 -7.65 3.18
C GLU A 58 -7.09 -7.83 4.69
N VAL A 59 -7.78 -6.89 5.32
CA VAL A 59 -8.00 -6.95 6.77
C VAL A 59 -9.29 -7.67 7.10
N ALA A 60 -9.61 -7.75 8.39
CA ALA A 60 -10.82 -8.41 8.84
C ALA A 60 -11.22 -7.94 10.24
N ASN A 61 -12.48 -8.16 10.60
CA ASN A 61 -12.98 -7.76 11.91
C ASN A 61 -13.51 -8.96 12.68
N MET A 1 -11.79 0.96 -8.66
CA MET A 1 -11.25 2.25 -9.07
C MET A 1 -10.68 3.01 -7.87
N VAL A 2 -11.37 2.92 -6.75
CA VAL A 2 -10.94 3.59 -5.52
C VAL A 2 -11.81 3.21 -4.34
N PRO A 3 -11.56 2.01 -3.80
CA PRO A 3 -12.32 1.49 -2.65
C PRO A 3 -12.02 2.25 -1.37
N GLY A 4 -12.62 1.81 -0.26
CA GLY A 4 -12.40 2.46 1.02
C GLY A 4 -12.12 1.47 2.13
N ARG A 5 -11.29 0.48 1.86
CA ARG A 5 -10.95 -0.54 2.84
C ARG A 5 -9.51 -0.39 3.31
N SER A 6 -9.26 -0.74 4.56
CA SER A 6 -7.92 -0.63 5.12
C SER A 6 -7.18 -1.96 5.01
N PHE A 7 -6.02 -1.92 4.36
CA PHE A 7 -5.20 -3.12 4.17
C PHE A 7 -3.93 -3.05 5.01
N MET A 8 -3.49 -4.22 5.49
CA MET A 8 -2.29 -4.29 6.31
C MET A 8 -1.09 -4.71 5.47
N ALA A 9 0.10 -4.28 5.88
CA ALA A 9 1.33 -4.62 5.17
C ALA A 9 2.02 -5.81 5.80
N VAL A 10 2.05 -6.93 5.09
CA VAL A 10 2.69 -8.15 5.59
C VAL A 10 4.21 -8.06 5.47
N LYS A 11 4.68 -7.06 4.73
CA LYS A 11 6.11 -6.86 4.54
C LYS A 11 6.42 -5.41 4.18
N SER A 12 7.62 -4.96 4.54
CA SER A 12 8.03 -3.59 4.25
C SER A 12 8.54 -3.46 2.82
N TYR A 13 8.73 -2.23 2.37
CA TYR A 13 9.21 -1.97 1.02
C TYR A 13 10.00 -0.67 0.97
N GLN A 14 11.00 -0.62 0.07
CA GLN A 14 11.82 0.57 -0.08
C GLN A 14 11.58 1.24 -1.42
N ALA A 15 10.95 2.41 -1.40
CA ALA A 15 10.65 3.15 -2.62
C ALA A 15 11.90 3.30 -3.48
N GLN A 16 11.73 3.12 -4.79
CA GLN A 16 12.84 3.24 -5.73
C GLN A 16 12.59 4.33 -6.75
N ALA A 17 11.32 4.54 -7.08
CA ALA A 17 10.93 5.56 -8.04
C ALA A 17 10.62 6.88 -7.35
N GLU A 18 10.00 7.81 -8.08
CA GLU A 18 9.65 9.10 -7.54
C GLU A 18 8.26 9.07 -6.89
N GLY A 19 7.32 8.40 -7.56
CA GLY A 19 5.98 8.31 -7.03
C GLY A 19 5.80 7.14 -6.09
N GLU A 20 6.80 6.25 -6.05
CA GLU A 20 6.74 5.08 -5.18
C GLU A 20 7.09 5.46 -3.74
N ILE A 21 6.55 4.70 -2.79
CA ILE A 21 6.80 4.95 -1.38
C ILE A 21 7.23 3.69 -0.67
N SER A 22 7.75 3.85 0.55
CA SER A 22 8.20 2.71 1.35
C SER A 22 7.06 2.10 2.13
N LEU A 23 7.33 1.00 2.83
CA LEU A 23 6.33 0.32 3.62
C LEU A 23 6.91 -0.17 4.95
N SER A 24 6.05 -0.66 5.83
CA SER A 24 6.48 -1.17 7.13
C SER A 24 5.63 -2.37 7.56
N LYS A 25 6.30 -3.49 7.80
CA LYS A 25 5.61 -4.70 8.24
C LYS A 25 4.73 -4.43 9.45
N GLY A 26 3.45 -4.79 9.34
CA GLY A 26 2.53 -4.58 10.44
C GLY A 26 1.86 -3.22 10.38
N GLU A 27 2.27 -2.40 9.41
CA GLU A 27 1.71 -1.06 9.26
C GLU A 27 0.42 -1.10 8.43
N LYS A 28 -0.58 -0.34 8.85
CA LYS A 28 -1.85 -0.29 8.14
C LYS A 28 -1.79 0.69 6.98
N ILE A 29 -1.75 0.15 5.77
CA ILE A 29 -1.70 0.98 4.56
C ILE A 29 -3.10 1.25 4.02
N LYS A 30 -3.46 2.53 3.93
CA LYS A 30 -4.77 2.92 3.43
C LYS A 30 -4.70 3.22 1.93
N VAL A 31 -5.15 2.25 1.13
CA VAL A 31 -5.14 2.41 -0.32
C VAL A 31 -6.10 3.51 -0.76
N LEU A 32 -5.63 4.38 -1.65
CA LEU A 32 -6.44 5.48 -2.15
C LEU A 32 -6.66 5.36 -3.65
N SER A 33 -5.65 4.84 -4.36
CA SER A 33 -5.73 4.66 -5.80
C SER A 33 -5.30 3.25 -6.21
N ILE A 34 -5.67 2.85 -7.41
CA ILE A 34 -5.31 1.54 -7.92
C ILE A 34 -5.05 1.58 -9.42
N GLY A 35 -4.42 0.52 -9.94
CA GLY A 35 -4.12 0.46 -11.35
C GLY A 35 -4.74 -0.75 -12.03
N GLU A 36 -3.95 -1.79 -12.25
CA GLU A 36 -4.43 -3.00 -12.89
C GLU A 36 -3.77 -4.24 -12.29
N GLY A 37 -2.46 -4.36 -12.51
CA GLY A 37 -1.73 -5.50 -11.98
C GLY A 37 -1.66 -5.50 -10.47
N GLY A 38 -0.53 -5.94 -9.92
CA GLY A 38 -0.37 -5.98 -8.48
C GLY A 38 0.21 -4.69 -7.93
N PHE A 39 -0.07 -3.57 -8.60
CA PHE A 39 0.44 -2.28 -8.17
C PHE A 39 -0.71 -1.29 -7.97
N TRP A 40 -0.61 -0.48 -6.91
CA TRP A 40 -1.64 0.50 -6.60
C TRP A 40 -1.09 1.59 -5.69
N GLU A 41 -1.88 2.66 -5.51
CA GLU A 41 -1.46 3.77 -4.67
C GLU A 41 -2.14 3.69 -3.30
N GLY A 42 -1.40 4.08 -2.25
CA GLY A 42 -1.94 4.03 -0.91
C GLY A 42 -1.22 4.97 0.03
N GLN A 43 -1.56 4.89 1.32
CA GLN A 43 -0.93 5.74 2.32
C GLN A 43 -0.45 4.92 3.51
N VAL A 44 0.78 5.17 3.95
CA VAL A 44 1.36 4.45 5.07
C VAL A 44 1.93 5.42 6.11
N LYS A 45 1.29 5.47 7.27
CA LYS A 45 1.74 6.36 8.35
C LYS A 45 2.24 7.68 7.79
N GLY A 46 1.59 8.16 6.73
CA GLY A 46 1.99 9.41 6.12
C GLY A 46 2.47 9.24 4.70
N ARG A 47 3.43 8.35 4.51
CA ARG A 47 3.98 8.10 3.17
C ARG A 47 2.88 7.66 2.21
N VAL A 48 2.50 8.56 1.31
CA VAL A 48 1.45 8.27 0.33
C VAL A 48 2.02 8.25 -1.08
N GLY A 49 1.92 7.10 -1.74
CA GLY A 49 2.42 6.96 -3.09
C GLY A 49 2.05 5.64 -3.73
N TRP A 50 2.91 5.16 -4.62
CA TRP A 50 2.66 3.89 -5.30
C TRP A 50 3.50 2.78 -4.70
N PHE A 51 3.01 1.54 -4.81
CA PHE A 51 3.72 0.39 -4.28
C PHE A 51 2.99 -0.90 -4.63
N PRO A 52 3.74 -2.03 -4.62
CA PRO A 52 3.17 -3.34 -4.94
C PRO A 52 2.24 -3.84 -3.85
N SER A 53 1.03 -4.23 -4.24
CA SER A 53 0.04 -4.73 -3.30
C SER A 53 0.47 -6.09 -2.73
N ASP A 54 1.49 -6.68 -3.32
CA ASP A 54 2.00 -7.97 -2.88
C ASP A 54 2.44 -7.91 -1.42
N CYS A 55 2.74 -6.70 -0.95
CA CYS A 55 3.19 -6.50 0.42
C CYS A 55 2.02 -6.12 1.32
N LEU A 56 0.84 -5.96 0.72
CA LEU A 56 -0.36 -5.61 1.46
C LEU A 56 -1.31 -6.79 1.57
N GLU A 57 -2.36 -6.62 2.37
CA GLU A 57 -3.35 -7.68 2.57
C GLU A 57 -4.64 -7.12 3.15
N GLU A 58 -5.70 -7.93 3.10
CA GLU A 58 -6.99 -7.51 3.62
C GLU A 58 -7.27 -8.17 4.96
N VAL A 59 -7.30 -7.36 6.02
CA VAL A 59 -7.57 -7.87 7.36
C VAL A 59 -9.06 -7.91 7.66
N ALA A 60 -9.42 -8.56 8.76
CA ALA A 60 -10.82 -8.67 9.16
C ALA A 60 -11.09 -7.91 10.45
N ASN A 61 -10.90 -6.60 10.40
CA ASN A 61 -11.13 -5.75 11.57
C ASN A 61 -12.09 -4.62 11.25
N MET A 1 -13.60 3.28 -7.78
CA MET A 1 -14.24 2.06 -7.28
C MET A 1 -13.42 1.45 -6.15
N VAL A 2 -12.64 2.28 -5.47
CA VAL A 2 -11.80 1.82 -4.37
C VAL A 2 -12.62 1.05 -3.34
N PRO A 3 -11.95 0.16 -2.58
CA PRO A 3 -12.60 -0.65 -1.55
C PRO A 3 -13.06 0.18 -0.36
N GLY A 4 -12.22 1.11 0.07
CA GLY A 4 -12.55 1.96 1.20
C GLY A 4 -11.99 1.43 2.51
N ARG A 5 -11.84 0.11 2.59
CA ARG A 5 -11.32 -0.51 3.80
C ARG A 5 -9.81 -0.28 3.93
N SER A 6 -9.27 -0.61 5.09
CA SER A 6 -7.85 -0.43 5.35
C SER A 6 -7.12 -1.77 5.35
N PHE A 7 -6.05 -1.86 4.57
CA PHE A 7 -5.26 -3.08 4.48
C PHE A 7 -4.02 -3.00 5.34
N MET A 8 -3.39 -4.14 5.59
CA MET A 8 -2.18 -4.20 6.40
C MET A 8 -1.02 -4.78 5.61
N ALA A 9 0.18 -4.26 5.86
CA ALA A 9 1.38 -4.74 5.16
C ALA A 9 2.01 -5.90 5.91
N VAL A 10 2.25 -7.00 5.19
CA VAL A 10 2.85 -8.18 5.79
C VAL A 10 4.37 -8.15 5.66
N LYS A 11 4.88 -7.17 4.92
CA LYS A 11 6.31 -7.02 4.72
C LYS A 11 6.70 -5.55 4.62
N SER A 12 7.99 -5.29 4.40
CA SER A 12 8.49 -3.93 4.30
C SER A 12 8.95 -3.63 2.87
N TYR A 13 8.57 -2.46 2.36
CA TYR A 13 8.95 -2.05 1.01
C TYR A 13 9.81 -0.79 1.04
N GLN A 14 10.72 -0.69 0.09
CA GLN A 14 11.61 0.47 0.00
C GLN A 14 11.42 1.20 -1.31
N ALA A 15 10.82 2.38 -1.25
CA ALA A 15 10.58 3.19 -2.44
C ALA A 15 11.85 3.33 -3.27
N GLN A 16 11.73 3.12 -4.58
CA GLN A 16 12.86 3.22 -5.48
C GLN A 16 12.62 4.28 -6.55
N ALA A 17 11.36 4.43 -6.95
CA ALA A 17 10.99 5.41 -7.96
C ALA A 17 10.67 6.77 -7.32
N GLU A 18 10.06 7.66 -8.11
CA GLU A 18 9.71 8.98 -7.62
C GLU A 18 8.32 8.98 -6.99
N GLY A 19 7.38 8.28 -7.63
CA GLY A 19 6.03 8.20 -7.12
C GLY A 19 5.84 7.07 -6.14
N GLU A 20 6.81 6.16 -6.09
CA GLU A 20 6.75 5.02 -5.19
C GLU A 20 7.07 5.43 -3.76
N ILE A 21 6.55 4.68 -2.80
CA ILE A 21 6.79 4.98 -1.39
C ILE A 21 7.19 3.71 -0.63
N SER A 22 7.80 3.90 0.54
CA SER A 22 8.24 2.78 1.37
C SER A 22 7.09 2.23 2.19
N LEU A 23 7.34 1.16 2.92
CA LEU A 23 6.33 0.53 3.76
C LEU A 23 6.94 -0.02 5.05
N SER A 24 6.09 -0.46 5.96
CA SER A 24 6.55 -1.01 7.24
C SER A 24 5.72 -2.23 7.62
N LYS A 25 6.41 -3.36 7.83
CA LYS A 25 5.74 -4.60 8.21
C LYS A 25 4.84 -4.38 9.42
N GLY A 26 3.57 -4.74 9.28
CA GLY A 26 2.62 -4.58 10.36
C GLY A 26 1.94 -3.23 10.34
N GLU A 27 2.35 -2.36 9.42
CA GLU A 27 1.78 -1.03 9.30
C GLU A 27 0.50 -1.07 8.47
N LYS A 28 -0.51 -0.33 8.92
CA LYS A 28 -1.79 -0.27 8.22
C LYS A 28 -1.73 0.70 7.05
N ILE A 29 -1.82 0.17 5.83
CA ILE A 29 -1.78 1.00 4.63
C ILE A 29 -3.18 1.23 4.08
N LYS A 30 -3.51 2.49 3.86
CA LYS A 30 -4.82 2.86 3.31
C LYS A 30 -4.74 3.16 1.82
N VAL A 31 -5.20 2.23 1.00
CA VAL A 31 -5.17 2.40 -0.45
C VAL A 31 -6.15 3.48 -0.89
N LEU A 32 -5.66 4.40 -1.71
CA LEU A 32 -6.50 5.49 -2.21
C LEU A 32 -6.66 5.41 -3.72
N SER A 33 -5.65 4.85 -4.39
CA SER A 33 -5.68 4.71 -5.83
C SER A 33 -5.27 3.30 -6.26
N ILE A 34 -5.63 2.93 -7.48
CA ILE A 34 -5.31 1.60 -8.00
C ILE A 34 -5.06 1.66 -9.50
N GLY A 35 -4.47 0.58 -10.04
CA GLY A 35 -4.18 0.52 -11.45
C GLY A 35 -4.85 -0.66 -12.13
N GLU A 36 -4.04 -1.61 -12.59
CA GLU A 36 -4.56 -2.80 -13.26
C GLU A 36 -3.89 -4.06 -12.73
N GLY A 37 -2.56 -4.05 -12.68
CA GLY A 37 -1.82 -5.19 -12.20
C GLY A 37 -1.81 -5.27 -10.69
N GLY A 38 -0.70 -5.77 -10.13
CA GLY A 38 -0.58 -5.89 -8.69
C GLY A 38 -0.03 -4.63 -8.05
N PHE A 39 -0.06 -3.53 -8.79
CA PHE A 39 0.43 -2.25 -8.28
C PHE A 39 -0.71 -1.27 -8.07
N TRP A 40 -0.61 -0.47 -7.02
CA TRP A 40 -1.64 0.52 -6.70
C TRP A 40 -1.09 1.60 -5.78
N GLU A 41 -1.87 2.67 -5.59
CA GLU A 41 -1.45 3.77 -4.73
C GLU A 41 -2.13 3.69 -3.37
N GLY A 42 -1.41 4.07 -2.32
CA GLY A 42 -1.97 4.03 -0.99
C GLY A 42 -1.26 4.98 -0.04
N GLN A 43 -1.57 4.86 1.25
CA GLN A 43 -0.95 5.72 2.26
C GLN A 43 -0.49 4.90 3.46
N VAL A 44 0.73 5.17 3.92
CA VAL A 44 1.30 4.46 5.05
C VAL A 44 1.85 5.43 6.09
N LYS A 45 1.21 5.49 7.24
CA LYS A 45 1.63 6.37 8.32
C LYS A 45 2.13 7.70 7.77
N GLY A 46 1.49 8.17 6.71
CA GLY A 46 1.87 9.43 6.10
C GLY A 46 2.37 9.25 4.67
N ARG A 47 3.35 8.38 4.50
CA ARG A 47 3.92 8.13 3.17
C ARG A 47 2.83 7.69 2.19
N VAL A 48 2.45 8.58 1.29
CA VAL A 48 1.43 8.27 0.30
C VAL A 48 2.03 8.23 -1.10
N GLY A 49 1.88 7.09 -1.77
CA GLY A 49 2.41 6.94 -3.12
C GLY A 49 2.03 5.61 -3.74
N TRP A 50 2.89 5.12 -4.63
CA TRP A 50 2.64 3.86 -5.30
C TRP A 50 3.47 2.73 -4.70
N PHE A 51 2.99 1.51 -4.82
CA PHE A 51 3.70 0.34 -4.28
C PHE A 51 2.97 -0.95 -4.63
N PRO A 52 3.72 -2.07 -4.60
CA PRO A 52 3.17 -3.38 -4.91
C PRO A 52 2.20 -3.88 -3.85
N SER A 53 0.97 -4.22 -4.27
CA SER A 53 -0.04 -4.71 -3.35
C SER A 53 0.39 -6.01 -2.70
N ASP A 54 1.39 -6.66 -3.30
CA ASP A 54 1.90 -7.92 -2.78
C ASP A 54 2.21 -7.82 -1.29
N CYS A 55 2.81 -6.70 -0.90
CA CYS A 55 3.17 -6.47 0.50
C CYS A 55 1.92 -6.24 1.35
N LEU A 56 0.86 -5.75 0.71
CA LEU A 56 -0.39 -5.48 1.41
C LEU A 56 -1.27 -6.74 1.44
N GLU A 57 -2.10 -6.84 2.48
CA GLU A 57 -3.00 -7.98 2.62
C GLU A 57 -4.22 -7.62 3.45
N GLU A 58 -5.35 -8.26 3.17
CA GLU A 58 -6.58 -8.01 3.89
C GLU A 58 -6.41 -8.27 5.39
N VAL A 59 -7.00 -7.41 6.21
CA VAL A 59 -6.91 -7.56 7.66
C VAL A 59 -7.72 -8.75 8.15
N ALA A 60 -7.04 -9.72 8.74
CA ALA A 60 -7.69 -10.91 9.27
C ALA A 60 -7.40 -11.09 10.76
N ASN A 61 -7.20 -9.99 11.46
CA ASN A 61 -6.91 -10.03 12.89
C ASN A 61 -8.16 -9.74 13.70
N MET A 1 -14.24 3.31 -8.53
CA MET A 1 -13.37 2.21 -8.94
C MET A 1 -12.63 1.62 -7.74
N VAL A 2 -12.02 2.50 -6.94
CA VAL A 2 -11.28 2.08 -5.76
C VAL A 2 -12.16 1.21 -4.85
N PRO A 3 -11.50 0.36 -4.03
CA PRO A 3 -12.20 -0.53 -3.10
C PRO A 3 -12.86 0.23 -1.95
N GLY A 4 -12.10 1.12 -1.33
CA GLY A 4 -12.63 1.90 -0.22
C GLY A 4 -12.52 1.18 1.10
N ARG A 5 -11.36 0.55 1.33
CA ARG A 5 -11.12 -0.19 2.57
C ARG A 5 -9.67 -0.07 3.00
N SER A 6 -9.35 -0.61 4.16
CA SER A 6 -7.99 -0.58 4.69
C SER A 6 -7.33 -1.95 4.59
N PHE A 7 -6.00 -1.96 4.63
CA PHE A 7 -5.24 -3.20 4.54
C PHE A 7 -4.02 -3.16 5.44
N MET A 8 -3.47 -4.33 5.75
CA MET A 8 -2.29 -4.42 6.61
C MET A 8 -1.10 -4.97 5.83
N ALA A 9 0.04 -4.32 5.97
CA ALA A 9 1.26 -4.74 5.29
C ALA A 9 1.92 -5.91 6.00
N VAL A 10 2.18 -6.98 5.25
CA VAL A 10 2.80 -8.17 5.81
C VAL A 10 4.31 -8.11 5.71
N LYS A 11 4.81 -7.15 4.92
CA LYS A 11 6.23 -6.97 4.74
C LYS A 11 6.57 -5.51 4.43
N SER A 12 7.86 -5.22 4.29
CA SER A 12 8.31 -3.86 4.00
C SER A 12 8.60 -3.69 2.51
N TYR A 13 8.80 -2.45 2.09
CA TYR A 13 9.08 -2.15 0.69
C TYR A 13 9.93 -0.89 0.57
N GLN A 14 10.87 -0.90 -0.37
CA GLN A 14 11.74 0.24 -0.60
C GLN A 14 11.40 0.94 -1.90
N ALA A 15 10.85 2.14 -1.80
CA ALA A 15 10.48 2.92 -2.98
C ALA A 15 11.64 3.01 -3.96
N GLN A 16 11.36 2.73 -5.23
CA GLN A 16 12.38 2.77 -6.27
C GLN A 16 12.05 3.84 -7.31
N ALA A 17 10.76 3.95 -7.64
CA ALA A 17 10.32 4.94 -8.62
C ALA A 17 10.33 6.35 -8.03
N GLU A 18 9.73 7.29 -8.76
CA GLU A 18 9.67 8.68 -8.31
C GLU A 18 8.42 8.92 -7.48
N GLY A 19 7.35 8.20 -7.81
CA GLY A 19 6.10 8.36 -7.08
C GLY A 19 5.84 7.22 -6.13
N GLU A 20 6.83 6.33 -5.97
CA GLU A 20 6.69 5.19 -5.08
C GLU A 20 7.05 5.56 -3.65
N ILE A 21 6.46 4.85 -2.70
CA ILE A 21 6.72 5.11 -1.28
C ILE A 21 7.23 3.85 -0.57
N SER A 22 7.61 4.01 0.68
CA SER A 22 8.13 2.89 1.47
C SER A 22 7.00 2.21 2.26
N LEU A 23 7.24 0.98 2.69
CA LEU A 23 6.25 0.23 3.44
C LEU A 23 6.77 -0.11 4.84
N SER A 24 5.90 -0.68 5.66
CA SER A 24 6.27 -1.06 7.02
C SER A 24 5.48 -2.28 7.48
N LYS A 25 6.20 -3.34 7.83
CA LYS A 25 5.56 -4.58 8.29
C LYS A 25 4.67 -4.31 9.49
N GLY A 26 3.39 -4.66 9.36
CA GLY A 26 2.45 -4.46 10.45
C GLY A 26 1.78 -3.11 10.38
N GLU A 27 2.18 -2.29 9.40
CA GLU A 27 1.60 -0.97 9.23
C GLU A 27 0.30 -1.03 8.42
N LYS A 28 -0.71 -0.32 8.89
CA LYS A 28 -2.01 -0.30 8.23
C LYS A 28 -1.98 0.65 7.03
N ILE A 29 -1.92 0.07 5.83
CA ILE A 29 -1.89 0.87 4.60
C ILE A 29 -3.29 1.05 4.03
N LYS A 30 -3.59 2.27 3.61
CA LYS A 30 -4.90 2.57 3.04
C LYS A 30 -4.77 2.96 1.57
N VAL A 31 -5.26 2.08 0.68
CA VAL A 31 -5.20 2.33 -0.75
C VAL A 31 -6.13 3.47 -1.14
N LEU A 32 -5.58 4.48 -1.79
CA LEU A 32 -6.37 5.64 -2.23
C LEU A 32 -6.54 5.63 -3.74
N SER A 33 -5.64 4.95 -4.43
CA SER A 33 -5.69 4.87 -5.89
C SER A 33 -5.24 3.49 -6.37
N ILE A 34 -5.45 3.22 -7.65
CA ILE A 34 -5.07 1.94 -8.24
C ILE A 34 -4.66 2.10 -9.70
N GLY A 35 -4.13 1.03 -10.29
CA GLY A 35 -3.70 1.09 -11.68
C GLY A 35 -3.88 -0.24 -12.38
N GLU A 36 -2.81 -1.05 -12.40
CA GLU A 36 -2.85 -2.34 -13.05
C GLU A 36 -1.99 -3.36 -12.30
N GLY A 37 -2.23 -4.64 -12.56
CA GLY A 37 -1.48 -5.68 -11.89
C GLY A 37 -1.55 -5.58 -10.38
N GLY A 38 -0.48 -5.98 -9.70
CA GLY A 38 -0.45 -5.92 -8.26
C GLY A 38 0.14 -4.63 -7.74
N PHE A 39 -0.18 -3.53 -8.41
CA PHE A 39 0.32 -2.22 -8.02
C PHE A 39 -0.83 -1.24 -7.80
N TRP A 40 -0.71 -0.41 -6.77
CA TRP A 40 -1.75 0.58 -6.46
C TRP A 40 -1.19 1.67 -5.55
N GLU A 41 -1.98 2.73 -5.36
CA GLU A 41 -1.57 3.84 -4.50
C GLU A 41 -2.24 3.75 -3.14
N GLY A 42 -1.50 4.10 -2.10
CA GLY A 42 -2.04 4.06 -0.75
C GLY A 42 -1.32 4.99 0.20
N GLN A 43 -1.62 4.88 1.49
CA GLN A 43 -0.99 5.73 2.50
C GLN A 43 -0.51 4.89 3.68
N VAL A 44 0.70 5.18 4.15
CA VAL A 44 1.26 4.46 5.28
C VAL A 44 1.86 5.43 6.31
N LYS A 45 1.27 5.46 7.48
CA LYS A 45 1.73 6.33 8.56
C LYS A 45 2.19 7.67 8.00
N GLY A 46 1.49 8.15 6.97
CA GLY A 46 1.84 9.43 6.36
C GLY A 46 2.32 9.27 4.93
N ARG A 47 3.29 8.39 4.73
CA ARG A 47 3.84 8.16 3.40
C ARG A 47 2.75 7.72 2.43
N VAL A 48 2.36 8.63 1.54
CA VAL A 48 1.31 8.34 0.56
C VAL A 48 1.88 8.35 -0.85
N GLY A 49 1.75 7.22 -1.55
CA GLY A 49 2.25 7.12 -2.90
C GLY A 49 1.91 5.79 -3.55
N TRP A 50 2.76 5.35 -4.48
CA TRP A 50 2.53 4.09 -5.17
C TRP A 50 3.39 2.97 -4.58
N PHE A 51 2.91 1.74 -4.69
CA PHE A 51 3.63 0.58 -4.16
C PHE A 51 2.91 -0.71 -4.50
N PRO A 52 3.67 -1.82 -4.53
CA PRO A 52 3.11 -3.14 -4.84
C PRO A 52 2.22 -3.67 -3.72
N SER A 53 1.03 -4.13 -4.10
CA SER A 53 0.08 -4.66 -3.12
C SER A 53 0.55 -6.00 -2.58
N ASP A 54 1.60 -6.54 -3.18
CA ASP A 54 2.16 -7.82 -2.74
C ASP A 54 2.56 -7.77 -1.28
N CYS A 55 2.96 -6.59 -0.81
CA CYS A 55 3.35 -6.41 0.58
C CYS A 55 2.15 -6.13 1.47
N LEU A 56 0.98 -5.99 0.84
CA LEU A 56 -0.24 -5.73 1.58
C LEU A 56 -1.11 -6.98 1.67
N GLU A 57 -1.95 -7.04 2.70
CA GLU A 57 -2.84 -8.18 2.90
C GLU A 57 -4.05 -7.78 3.73
N GLU A 58 -5.22 -8.30 3.34
CA GLU A 58 -6.46 -8.01 4.04
C GLU A 58 -6.43 -8.58 5.46
N VAL A 59 -7.17 -7.93 6.36
CA VAL A 59 -7.23 -8.38 7.76
C VAL A 59 -8.65 -8.81 8.13
N ALA A 60 -8.75 -9.60 9.19
CA ALA A 60 -10.05 -10.08 9.65
C ALA A 60 -10.96 -8.91 10.03
N ASN A 61 -10.39 -7.91 10.69
CA ASN A 61 -11.15 -6.74 11.12
C ASN A 61 -10.65 -5.49 10.39
N MET A 1 -10.98 2.12 -10.03
CA MET A 1 -11.90 2.44 -8.95
C MET A 1 -11.16 3.04 -7.76
N VAL A 2 -11.90 3.30 -6.68
CA VAL A 2 -11.31 3.87 -5.48
C VAL A 2 -12.11 3.50 -4.24
N PRO A 3 -11.94 2.27 -3.76
CA PRO A 3 -12.64 1.75 -2.58
C PRO A 3 -12.16 2.43 -1.30
N GLY A 4 -12.74 2.01 -0.17
CA GLY A 4 -12.37 2.59 1.11
C GLY A 4 -12.02 1.53 2.14
N ARG A 5 -11.36 0.47 1.70
CA ARG A 5 -10.97 -0.63 2.59
C ARG A 5 -9.55 -0.43 3.10
N SER A 6 -9.28 -0.93 4.29
CA SER A 6 -7.96 -0.81 4.90
C SER A 6 -7.20 -2.14 4.83
N PHE A 7 -5.99 -2.09 4.30
CA PHE A 7 -5.16 -3.29 4.18
C PHE A 7 -3.90 -3.17 5.03
N MET A 8 -3.52 -4.27 5.66
CA MET A 8 -2.33 -4.29 6.52
C MET A 8 -1.13 -4.85 5.75
N ALA A 9 0.03 -4.23 5.93
CA ALA A 9 1.24 -4.67 5.26
C ALA A 9 1.86 -5.87 5.98
N VAL A 10 2.20 -6.90 5.21
CA VAL A 10 2.80 -8.10 5.77
C VAL A 10 4.33 -8.04 5.69
N LYS A 11 4.84 -7.10 4.92
CA LYS A 11 6.28 -6.93 4.76
C LYS A 11 6.63 -5.49 4.44
N SER A 12 7.92 -5.21 4.33
CA SER A 12 8.40 -3.87 4.03
C SER A 12 8.64 -3.70 2.53
N TYR A 13 8.87 -2.45 2.11
CA TYR A 13 9.12 -2.16 0.71
C TYR A 13 9.95 -0.89 0.55
N GLN A 14 10.89 -0.90 -0.39
CA GLN A 14 11.74 0.24 -0.63
C GLN A 14 11.37 0.93 -1.95
N ALA A 15 10.82 2.13 -1.83
CA ALA A 15 10.41 2.89 -3.02
C ALA A 15 11.56 3.00 -4.02
N GLN A 16 11.27 2.67 -5.27
CA GLN A 16 12.27 2.72 -6.33
C GLN A 16 11.92 3.78 -7.37
N ALA A 17 10.64 3.88 -7.68
CA ALA A 17 10.16 4.86 -8.65
C ALA A 17 10.18 6.28 -8.08
N GLU A 18 9.58 7.21 -8.80
CA GLU A 18 9.53 8.61 -8.36
C GLU A 18 8.29 8.86 -7.50
N GLY A 19 7.22 8.13 -7.78
CA GLY A 19 5.99 8.30 -7.03
C GLY A 19 5.75 7.15 -6.07
N GLU A 20 6.72 6.25 -5.96
CA GLU A 20 6.61 5.12 -5.05
C GLU A 20 6.98 5.50 -3.63
N ILE A 21 6.41 4.79 -2.67
CA ILE A 21 6.68 5.06 -1.25
C ILE A 21 7.18 3.81 -0.54
N SER A 22 7.65 3.99 0.69
CA SER A 22 8.16 2.87 1.49
C SER A 22 7.04 2.20 2.26
N LEU A 23 7.28 0.97 2.69
CA LEU A 23 6.28 0.22 3.46
C LEU A 23 6.80 -0.10 4.85
N SER A 24 5.93 -0.68 5.68
CA SER A 24 6.29 -1.04 7.04
C SER A 24 5.50 -2.25 7.51
N LYS A 25 6.22 -3.32 7.86
CA LYS A 25 5.59 -4.54 8.33
C LYS A 25 4.68 -4.27 9.53
N GLY A 26 3.41 -4.63 9.41
CA GLY A 26 2.48 -4.41 10.50
C GLY A 26 1.78 -3.06 10.40
N GLU A 27 2.21 -2.24 9.44
CA GLU A 27 1.62 -0.93 9.26
C GLU A 27 0.32 -1.00 8.46
N LYS A 28 -0.70 -0.32 8.94
CA LYS A 28 -2.00 -0.32 8.27
C LYS A 28 -2.00 0.64 7.08
N ILE A 29 -1.89 0.09 5.88
CA ILE A 29 -1.87 0.90 4.66
C ILE A 29 -3.28 1.10 4.12
N LYS A 30 -3.56 2.32 3.68
CA LYS A 30 -4.88 2.64 3.13
C LYS A 30 -4.78 2.99 1.65
N VAL A 31 -5.24 2.08 0.80
CA VAL A 31 -5.21 2.30 -0.65
C VAL A 31 -6.17 3.41 -1.06
N LEU A 32 -5.63 4.43 -1.72
CA LEU A 32 -6.44 5.56 -2.17
C LEU A 32 -6.60 5.54 -3.69
N SER A 33 -5.65 4.91 -4.37
CA SER A 33 -5.69 4.82 -5.82
C SER A 33 -5.20 3.45 -6.30
N ILE A 34 -5.27 3.22 -7.60
CA ILE A 34 -4.84 1.95 -8.18
C ILE A 34 -4.31 2.15 -9.61
N GLY A 35 -3.93 1.05 -10.24
CA GLY A 35 -3.41 1.12 -11.59
C GLY A 35 -3.58 -0.19 -12.35
N GLU A 36 -2.49 -0.94 -12.47
CA GLU A 36 -2.51 -2.21 -13.18
C GLU A 36 -1.77 -3.28 -12.38
N GLY A 37 -2.05 -4.55 -12.71
CA GLY A 37 -1.40 -5.65 -12.01
C GLY A 37 -1.55 -5.55 -10.51
N GLY A 38 -0.53 -5.99 -9.79
CA GLY A 38 -0.56 -5.95 -8.33
C GLY A 38 0.02 -4.67 -7.78
N PHE A 39 -0.29 -3.55 -8.42
CA PHE A 39 0.22 -2.25 -7.99
C PHE A 39 -0.92 -1.27 -7.76
N TRP A 40 -0.80 -0.46 -6.72
CA TRP A 40 -1.81 0.53 -6.40
C TRP A 40 -1.26 1.62 -5.49
N GLU A 41 -2.04 2.68 -5.28
CA GLU A 41 -1.61 3.79 -4.44
C GLU A 41 -2.28 3.72 -3.07
N GLY A 42 -1.54 4.09 -2.03
CA GLY A 42 -2.07 4.07 -0.68
C GLY A 42 -1.33 5.00 0.26
N GLN A 43 -1.65 4.91 1.55
CA GLN A 43 -1.00 5.76 2.54
C GLN A 43 -0.52 4.92 3.73
N VAL A 44 0.70 5.20 4.18
CA VAL A 44 1.28 4.47 5.30
C VAL A 44 1.88 5.43 6.32
N LYS A 45 1.27 5.48 7.51
CA LYS A 45 1.74 6.36 8.57
C LYS A 45 2.21 7.69 8.01
N GLY A 46 1.53 8.17 6.98
CA GLY A 46 1.89 9.44 6.37
C GLY A 46 2.36 9.27 4.94
N ARG A 47 3.32 8.39 4.73
CA ARG A 47 3.87 8.14 3.40
C ARG A 47 2.76 7.71 2.44
N VAL A 48 2.36 8.62 1.55
CA VAL A 48 1.32 8.32 0.58
C VAL A 48 1.87 8.31 -0.84
N GLY A 49 1.75 7.17 -1.51
CA GLY A 49 2.25 7.06 -2.87
C GLY A 49 1.88 5.74 -3.51
N TRP A 50 2.72 5.28 -4.44
CA TRP A 50 2.48 4.01 -5.13
C TRP A 50 3.34 2.90 -4.53
N PHE A 51 2.87 1.67 -4.65
CA PHE A 51 3.58 0.51 -4.13
C PHE A 51 2.86 -0.79 -4.49
N PRO A 52 3.62 -1.90 -4.51
CA PRO A 52 3.08 -3.22 -4.83
C PRO A 52 2.16 -3.75 -3.74
N SER A 53 0.98 -4.21 -4.13
CA SER A 53 0.01 -4.74 -3.18
C SER A 53 0.51 -6.06 -2.58
N ASP A 54 1.57 -6.60 -3.17
CA ASP A 54 2.14 -7.86 -2.68
C ASP A 54 2.50 -7.75 -1.20
N CYS A 55 3.04 -6.60 -0.81
CA CYS A 55 3.42 -6.38 0.58
C CYS A 55 2.20 -6.05 1.44
N LEU A 56 1.05 -5.93 0.80
CA LEU A 56 -0.19 -5.61 1.50
C LEU A 56 -1.09 -6.84 1.59
N GLU A 57 -1.99 -6.83 2.56
CA GLU A 57 -2.92 -7.94 2.76
C GLU A 57 -4.18 -7.48 3.47
N GLU A 58 -5.30 -8.11 3.14
CA GLU A 58 -6.59 -7.75 3.74
C GLU A 58 -6.49 -7.75 5.26
N VAL A 59 -7.45 -7.10 5.91
CA VAL A 59 -7.47 -7.01 7.36
C VAL A 59 -8.71 -7.71 7.93
N ALA A 60 -8.50 -8.88 8.53
CA ALA A 60 -9.60 -9.63 9.12
C ALA A 60 -9.83 -9.24 10.58
N ASN A 61 -10.21 -7.99 10.80
CA ASN A 61 -10.45 -7.49 12.15
C ASN A 61 -9.25 -7.73 13.04
#